data_3R06
#
_entry.id   3R06
#
_cell.length_a   106.171
_cell.length_b   72.386
_cell.length_c   127.487
_cell.angle_alpha   90.00
_cell.angle_beta   109.52
_cell.angle_gamma   90.00
#
_symmetry.space_group_name_H-M   'P 1 21 1'
#
loop_
_entity.id
_entity.type
_entity.pdbx_description
1 polymer 'anti-mouse CD3epsilon antibody 2C11 Fab light chain'
2 polymer 'anti-mouse CD3epsilon antibody 2C11 Fab heavy chain'
3 water water
#
loop_
_entity_poly.entity_id
_entity_poly.type
_entity_poly.pdbx_seq_one_letter_code
_entity_poly.pdbx_strand_id
1 'polypeptide(L)'
;DIQMTQSPSSLPASLGDRVTINCQASQDISNYLNWYQQKPGKAPKLLIYYTNKLADGVPSRFSGSGSGRDSSFTISSLES
EDIGSYYCQQYYNYPWTFGPGTKLEIKRADAKPTVSIFPPSSEQLGTGSATLVCFVNNFYPKDINVKWKVDGSEKRDGVL
QSVTDQDSKDSTYSLSSTLSLTKADYERHNLYTCEVTHKTSTAAIVKTLNRNE
;
A,C,E,L
2 'polypeptide(L)'
;EVQLVESGGGLVQPGKSLKLSCEASGFTFSGYGMHWVRQAPGRGLESVAYITSSSINIKYADAVKGRFTVSRDNAKNLLF
LQMNILKSEDTAMYYCARFDWDKNYWGQGTMVTVSSAKTTAPSVYPLAPACDSTTSTTNTVTLGCLVKGYFPEPVTVIWN
SGALTSGVHTFPSVLHSGLYSLSSSVTVPSSTWPSQTVTCNVAHPASSTTVDLKIE
;
B,D,F,H
#
# COMPACT_ATOMS: atom_id res chain seq x y z
N ASP A 1 -49.91 -38.28 8.40
CA ASP A 1 -49.39 -37.48 9.52
C ASP A 1 -50.11 -36.12 9.58
N ILE A 2 -51.06 -35.94 10.55
CA ILE A 2 -51.77 -34.66 10.69
C ILE A 2 -50.84 -33.69 11.41
N GLN A 3 -50.52 -32.53 10.80
CA GLN A 3 -49.62 -31.57 11.45
C GLN A 3 -50.39 -30.57 12.30
N MET A 4 -50.00 -30.51 13.59
CA MET A 4 -50.61 -29.64 14.57
C MET A 4 -49.82 -28.34 14.70
N THR A 5 -50.52 -27.22 14.56
CA THR A 5 -49.98 -25.86 14.65
C THR A 5 -50.43 -25.21 15.98
N GLN A 6 -49.52 -24.46 16.63
CA GLN A 6 -49.81 -23.76 17.87
C GLN A 6 -49.42 -22.30 17.86
N SER A 7 -50.41 -21.41 18.11
CA SER A 7 -50.14 -19.98 18.19
C SER A 7 -50.69 -19.35 19.49
N PRO A 8 -49.93 -18.47 20.17
CA PRO A 8 -48.55 -18.04 19.87
C PRO A 8 -47.51 -19.06 20.36
N SER A 9 -46.23 -18.81 20.06
CA SER A 9 -45.16 -19.69 20.55
C SER A 9 -44.91 -19.40 22.07
N SER A 10 -44.94 -18.09 22.43
CA SER A 10 -44.77 -17.57 23.80
C SER A 10 -45.89 -16.56 24.06
N LEU A 11 -46.45 -16.62 25.31
CA LEU A 11 -47.49 -15.72 25.76
C LEU A 11 -47.20 -15.03 27.12
N PRO A 12 -46.75 -13.76 27.08
CA PRO A 12 -46.54 -13.02 28.34
C PRO A 12 -47.88 -12.55 28.90
N ALA A 13 -48.09 -12.75 30.20
CA ALA A 13 -49.34 -12.41 30.84
C ALA A 13 -49.14 -12.06 32.32
N SER A 14 -50.17 -11.51 32.94
CA SER A 14 -50.14 -11.13 34.34
C SER A 14 -51.07 -12.04 35.13
N LEU A 15 -50.84 -12.17 36.44
CA LEU A 15 -51.68 -13.01 37.30
C LEU A 15 -53.06 -12.42 37.37
N GLY A 16 -54.07 -13.29 37.24
CA GLY A 16 -55.47 -12.91 37.24
C GLY A 16 -56.02 -12.65 35.85
N ASP A 17 -55.16 -12.62 34.83
CA ASP A 17 -55.56 -12.38 33.45
C ASP A 17 -56.25 -13.59 32.79
N ARG A 18 -57.15 -13.29 31.84
CA ARG A 18 -57.80 -14.31 31.00
C ARG A 18 -56.82 -14.54 29.85
N VAL A 19 -56.43 -15.81 29.65
CA VAL A 19 -55.44 -16.23 28.66
C VAL A 19 -56.00 -17.26 27.68
N THR A 20 -55.79 -17.04 26.36
CA THR A 20 -56.24 -17.92 25.27
C THR A 20 -55.12 -18.34 24.30
N ILE A 21 -54.89 -19.65 24.19
CA ILE A 21 -53.91 -20.28 23.27
C ILE A 21 -54.73 -20.85 22.12
N ASN A 22 -54.19 -20.82 20.89
CA ASN A 22 -54.86 -21.35 19.70
C ASN A 22 -54.13 -22.56 19.11
N CYS A 23 -54.92 -23.52 18.60
CA CYS A 23 -54.47 -24.78 18.03
C CYS A 23 -55.08 -24.92 16.64
N GLN A 24 -54.27 -25.34 15.65
CA GLN A 24 -54.77 -25.60 14.31
C GLN A 24 -54.26 -26.93 13.76
N ALA A 25 -55.20 -27.77 13.31
CA ALA A 25 -54.93 -29.09 12.72
C ALA A 25 -54.81 -28.94 11.20
N SER A 26 -53.97 -29.78 10.55
CA SER A 26 -53.77 -29.72 9.10
C SER A 26 -55.00 -30.16 8.30
N GLN A 27 -55.88 -30.95 8.95
CA GLN A 27 -57.14 -31.49 8.39
C GLN A 27 -58.11 -31.77 9.54
N ASP A 28 -59.42 -32.03 9.23
CA ASP A 28 -60.49 -32.31 10.20
C ASP A 28 -60.13 -33.47 11.15
N ILE A 29 -60.26 -33.22 12.47
CA ILE A 29 -59.93 -34.19 13.51
C ILE A 29 -61.15 -34.65 14.34
N SER A 30 -62.39 -34.29 13.90
CA SER A 30 -63.68 -34.66 14.52
C SER A 30 -63.74 -34.42 16.04
N ASN A 31 -63.24 -33.26 16.48
CA ASN A 31 -63.18 -32.83 17.88
C ASN A 31 -62.23 -33.64 18.76
N TYR A 32 -61.47 -34.59 18.17
CA TYR A 32 -60.52 -35.40 18.91
C TYR A 32 -59.25 -34.60 19.21
N LEU A 33 -59.38 -33.68 20.18
CA LEU A 33 -58.31 -32.81 20.61
C LEU A 33 -58.16 -32.75 22.13
N ASN A 34 -56.92 -32.93 22.57
CA ASN A 34 -56.54 -32.91 23.97
C ASN A 34 -55.62 -31.71 24.23
N TRP A 35 -55.71 -31.19 25.45
CA TRP A 35 -54.84 -30.14 25.91
C TRP A 35 -54.14 -30.65 27.11
N TYR A 36 -52.85 -30.39 27.15
CA TYR A 36 -51.98 -30.78 28.22
C TYR A 36 -51.19 -29.63 28.71
N GLN A 37 -50.78 -29.73 29.96
CA GLN A 37 -49.91 -28.78 30.59
C GLN A 37 -48.64 -29.55 30.93
N GLN A 38 -47.49 -28.88 30.78
CA GLN A 38 -46.23 -29.49 31.17
C GLN A 38 -45.29 -28.55 31.93
N LYS A 39 -44.84 -29.00 33.10
CA LYS A 39 -43.92 -28.29 33.98
C LYS A 39 -42.55 -29.03 33.98
N PRO A 40 -41.43 -28.29 34.17
CA PRO A 40 -40.09 -28.93 34.14
C PRO A 40 -39.90 -30.17 35.01
N GLY A 41 -39.32 -31.20 34.43
CA GLY A 41 -39.03 -32.46 35.09
C GLY A 41 -40.21 -33.39 35.27
N LYS A 42 -41.41 -32.95 34.85
CA LYS A 42 -42.63 -33.73 35.02
C LYS A 42 -43.29 -34.15 33.70
N ALA A 43 -44.07 -35.23 33.76
CA ALA A 43 -44.83 -35.78 32.63
C ALA A 43 -45.95 -34.81 32.24
N PRO A 44 -46.46 -34.84 31.00
CA PRO A 44 -47.58 -33.95 30.66
C PRO A 44 -48.82 -34.30 31.49
N LYS A 45 -49.65 -33.28 31.78
CA LYS A 45 -50.89 -33.50 32.52
C LYS A 45 -52.04 -33.10 31.65
N LEU A 46 -53.03 -34.00 31.47
CA LEU A 46 -54.21 -33.73 30.65
C LEU A 46 -55.15 -32.79 31.36
N LEU A 47 -55.54 -31.71 30.67
CA LEU A 47 -56.45 -30.71 31.22
C LEU A 47 -57.79 -30.74 30.52
N ILE A 48 -57.76 -30.80 29.17
CA ILE A 48 -58.95 -30.83 28.31
C ILE A 48 -58.89 -32.03 27.40
N TYR A 49 -60.03 -32.70 27.19
CA TYR A 49 -60.19 -33.82 26.25
C TYR A 49 -61.42 -33.57 25.39
N TYR A 50 -61.44 -34.16 24.17
CA TYR A 50 -62.53 -34.02 23.20
C TYR A 50 -62.93 -32.57 22.97
N THR A 51 -61.91 -31.73 22.71
CA THR A 51 -61.99 -30.30 22.43
C THR A 51 -62.38 -29.41 23.62
N ASN A 52 -63.47 -29.75 24.34
CA ASN A 52 -64.00 -28.91 25.42
C ASN A 52 -64.40 -29.59 26.74
N LYS A 53 -63.94 -30.81 26.97
CA LYS A 53 -64.32 -31.45 28.22
C LYS A 53 -63.20 -31.43 29.26
N LEU A 54 -63.53 -30.94 30.47
CA LEU A 54 -62.61 -30.78 31.62
C LEU A 54 -62.30 -32.12 32.30
N ALA A 55 -61.00 -32.55 32.29
CA ALA A 55 -60.58 -33.81 32.90
C ALA A 55 -60.89 -33.81 34.39
N ASP A 56 -61.06 -35.01 35.00
CA ASP A 56 -61.39 -35.15 36.42
C ASP A 56 -60.33 -34.54 37.35
N GLY A 57 -60.78 -33.70 38.29
CA GLY A 57 -59.91 -33.02 39.25
C GLY A 57 -59.18 -31.78 38.77
N VAL A 58 -59.41 -31.38 37.52
CA VAL A 58 -58.79 -30.20 36.92
C VAL A 58 -59.53 -28.93 37.38
N PRO A 59 -58.82 -27.87 37.83
CA PRO A 59 -59.51 -26.65 38.28
C PRO A 59 -60.44 -26.00 37.25
N SER A 60 -61.54 -25.42 37.76
CA SER A 60 -62.60 -24.74 37.05
C SER A 60 -62.18 -23.63 36.09
N ARG A 61 -61.01 -23.00 36.32
CA ARG A 61 -60.47 -21.90 35.50
C ARG A 61 -60.08 -22.31 34.08
N PHE A 62 -60.02 -23.62 33.81
CA PHE A 62 -59.64 -24.15 32.51
C PHE A 62 -60.85 -24.49 31.64
N SER A 63 -60.71 -24.20 30.32
CA SER A 63 -61.75 -24.48 29.30
C SER A 63 -61.12 -24.57 27.90
N GLY A 64 -61.91 -25.09 26.95
CA GLY A 64 -61.56 -25.25 25.55
C GLY A 64 -62.75 -25.10 24.63
N SER A 65 -62.53 -24.83 23.33
CA SER A 65 -63.55 -24.73 22.26
C SER A 65 -62.90 -24.90 20.88
N GLY A 66 -63.64 -25.45 19.92
CA GLY A 66 -63.09 -25.72 18.59
C GLY A 66 -64.06 -26.19 17.52
N SER A 67 -63.87 -25.64 16.31
CA SER A 67 -64.69 -25.89 15.12
C SER A 67 -63.88 -26.51 13.96
N GLY A 68 -63.82 -27.84 13.95
CA GLY A 68 -63.10 -28.60 12.94
C GLY A 68 -61.60 -28.55 13.10
N ARG A 69 -60.93 -27.73 12.27
CA ARG A 69 -59.47 -27.58 12.29
C ARG A 69 -58.98 -26.53 13.32
N ASP A 70 -59.84 -25.54 13.65
CA ASP A 70 -59.51 -24.47 14.61
C ASP A 70 -59.95 -24.82 16.04
N SER A 71 -59.04 -24.63 17.01
CA SER A 71 -59.32 -24.91 18.43
C SER A 71 -58.60 -23.92 19.38
N SER A 72 -59.17 -23.72 20.58
CA SER A 72 -58.60 -22.80 21.56
C SER A 72 -58.63 -23.34 23.00
N PHE A 73 -57.73 -22.85 23.84
CA PHE A 73 -57.60 -23.24 25.24
C PHE A 73 -57.59 -21.97 26.10
N THR A 74 -58.39 -21.94 27.17
CA THR A 74 -58.50 -20.76 28.02
C THR A 74 -58.28 -21.00 29.51
N ILE A 75 -57.58 -20.06 30.17
CA ILE A 75 -57.37 -19.97 31.62
C ILE A 75 -58.06 -18.63 31.98
N SER A 76 -59.19 -18.69 32.68
CA SER A 76 -60.02 -17.52 32.98
C SER A 76 -59.39 -16.48 33.92
N SER A 77 -58.47 -16.92 34.78
CA SER A 77 -57.76 -16.09 35.75
C SER A 77 -56.46 -16.82 36.09
N LEU A 78 -55.36 -16.42 35.44
CA LEU A 78 -54.04 -17.01 35.56
C LEU A 78 -53.46 -17.03 36.98
N GLU A 79 -52.99 -18.23 37.38
CA GLU A 79 -52.33 -18.51 38.65
C GLU A 79 -50.84 -18.74 38.34
N SER A 80 -49.93 -18.44 39.28
CA SER A 80 -48.47 -18.66 39.10
C SER A 80 -48.11 -20.09 38.76
N GLU A 81 -48.87 -21.07 39.32
CA GLU A 81 -48.69 -22.49 39.04
C GLU A 81 -49.07 -22.86 37.58
N ASP A 82 -49.69 -21.92 36.83
CA ASP A 82 -50.09 -22.16 35.43
C ASP A 82 -48.96 -21.84 34.46
N ILE A 83 -47.86 -21.25 34.96
CA ILE A 83 -46.69 -20.89 34.17
C ILE A 83 -45.96 -22.19 33.83
N GLY A 84 -45.96 -22.48 32.53
CA GLY A 84 -45.37 -23.67 31.95
C GLY A 84 -45.74 -23.75 30.50
N SER A 85 -45.66 -24.97 29.93
CA SER A 85 -45.95 -25.23 28.53
C SER A 85 -47.28 -25.93 28.34
N TYR A 86 -47.91 -25.63 27.20
CA TYR A 86 -49.21 -26.17 26.81
C TYR A 86 -49.16 -26.74 25.43
N TYR A 87 -49.63 -27.97 25.31
CA TYR A 87 -49.63 -28.74 24.07
C TYR A 87 -51.00 -29.17 23.68
N CYS A 88 -51.30 -29.09 22.38
CA CYS A 88 -52.54 -29.63 21.86
C CYS A 88 -52.19 -30.87 21.06
N GLN A 89 -53.02 -31.91 21.17
CA GLN A 89 -52.78 -33.20 20.55
C GLN A 89 -54.04 -33.77 19.96
N GLN A 90 -53.94 -34.27 18.70
CA GLN A 90 -55.03 -34.95 18.02
C GLN A 90 -54.93 -36.45 18.23
N TYR A 91 -56.07 -37.08 18.52
CA TYR A 91 -56.17 -38.53 18.71
C TYR A 91 -57.21 -39.14 17.79
N TYR A 92 -57.35 -38.52 16.61
CA TYR A 92 -58.26 -38.91 15.55
C TYR A 92 -57.60 -39.98 14.65
N ASN A 93 -56.28 -39.83 14.40
CA ASN A 93 -55.49 -40.72 13.55
C ASN A 93 -54.11 -41.00 14.15
N TYR A 94 -53.69 -42.29 14.16
CA TYR A 94 -52.36 -42.68 14.64
C TYR A 94 -51.35 -42.65 13.49
N PRO A 95 -50.14 -42.08 13.66
CA PRO A 95 -49.56 -41.47 14.90
C PRO A 95 -50.24 -40.21 15.42
N TRP A 96 -50.52 -40.20 16.74
CA TRP A 96 -51.12 -39.07 17.43
C TRP A 96 -50.07 -37.99 17.51
N THR A 97 -50.42 -36.81 16.99
CA THR A 97 -49.48 -35.72 16.88
C THR A 97 -49.75 -34.62 17.85
N PHE A 98 -48.66 -34.12 18.43
CA PHE A 98 -48.61 -33.04 19.40
C PHE A 98 -48.18 -31.77 18.69
N GLY A 99 -48.68 -30.63 19.15
CA GLY A 99 -48.31 -29.32 18.63
C GLY A 99 -46.95 -28.90 19.16
N PRO A 100 -46.34 -27.80 18.66
CA PRO A 100 -45.01 -27.40 19.16
C PRO A 100 -44.97 -26.96 20.64
N GLY A 101 -46.07 -26.40 21.11
CA GLY A 101 -46.21 -25.92 22.47
C GLY A 101 -46.30 -24.41 22.53
N THR A 102 -46.93 -23.93 23.58
CA THR A 102 -47.05 -22.51 23.87
C THR A 102 -46.54 -22.34 25.29
N LYS A 103 -45.57 -21.46 25.49
CA LYS A 103 -45.05 -21.26 26.83
C LYS A 103 -45.71 -20.01 27.36
N LEU A 104 -46.29 -20.09 28.56
CA LEU A 104 -46.85 -18.93 29.18
C LEU A 104 -45.75 -18.33 29.98
N GLU A 105 -45.58 -17.02 29.89
CA GLU A 105 -44.58 -16.34 30.69
C GLU A 105 -45.20 -15.15 31.43
N ILE A 106 -44.51 -14.63 32.47
CA ILE A 106 -45.01 -13.47 33.18
C ILE A 106 -44.57 -12.20 32.43
N LYS A 107 -45.57 -11.35 32.05
CA LYS A 107 -45.36 -10.04 31.42
C LYS A 107 -44.59 -9.19 32.46
N ARG A 108 -43.67 -8.35 32.02
CA ARG A 108 -42.80 -7.58 32.92
C ARG A 108 -42.30 -6.32 32.17
N ALA A 109 -41.65 -5.39 32.87
CA ALA A 109 -41.05 -4.20 32.26
C ALA A 109 -39.77 -4.60 31.49
N ASP A 110 -39.39 -3.83 30.48
CA ASP A 110 -38.15 -4.14 29.74
C ASP A 110 -36.92 -3.98 30.66
N ALA A 111 -35.90 -4.83 30.46
CA ALA A 111 -34.71 -4.78 31.32
C ALA A 111 -33.50 -5.07 30.50
N LYS A 112 -32.52 -4.18 30.58
CA LYS A 112 -31.23 -4.28 29.88
C LYS A 112 -30.38 -5.39 30.52
N PRO A 113 -29.71 -6.22 29.70
CA PRO A 113 -28.84 -7.26 30.30
C PRO A 113 -27.58 -6.70 30.95
N THR A 114 -27.02 -7.47 31.88
CA THR A 114 -25.75 -7.16 32.52
C THR A 114 -24.78 -8.18 31.95
N VAL A 115 -23.83 -7.71 31.13
CA VAL A 115 -22.87 -8.56 30.44
C VAL A 115 -21.53 -8.60 31.16
N SER A 116 -20.99 -9.82 31.42
CA SER A 116 -19.68 -10.01 32.09
C SER A 116 -18.92 -11.08 31.36
N ILE A 117 -17.67 -10.77 30.94
CA ILE A 117 -16.78 -11.64 30.20
C ILE A 117 -15.67 -12.18 31.11
N PHE A 118 -15.27 -13.45 30.94
CA PHE A 118 -14.28 -14.11 31.80
C PHE A 118 -13.22 -14.85 31.05
N PRO A 119 -11.95 -14.66 31.36
CA PRO A 119 -10.92 -15.44 30.65
C PRO A 119 -10.88 -16.91 31.09
N PRO A 120 -10.15 -17.81 30.37
CA PRO A 120 -9.95 -19.15 30.93
C PRO A 120 -9.14 -19.02 32.22
N SER A 121 -9.43 -19.86 33.21
CA SER A 121 -8.69 -19.83 34.46
C SER A 121 -7.25 -20.41 34.21
N SER A 122 -6.27 -20.00 35.03
CA SER A 122 -4.89 -20.47 34.91
C SER A 122 -4.80 -21.97 35.18
N GLU A 123 -5.73 -22.46 35.99
CA GLU A 123 -5.88 -23.86 36.38
C GLU A 123 -6.29 -24.67 35.16
N GLN A 124 -7.22 -24.14 34.32
CA GLN A 124 -7.66 -24.81 33.11
C GLN A 124 -6.55 -24.78 32.05
N LEU A 125 -5.85 -23.64 31.91
CA LEU A 125 -4.77 -23.47 30.95
C LEU A 125 -3.64 -24.44 31.21
N GLY A 126 -3.46 -24.83 32.47
CA GLY A 126 -2.46 -25.80 32.88
C GLY A 126 -2.75 -27.20 32.35
N THR A 127 -4.04 -27.46 32.05
CA THR A 127 -4.54 -28.73 31.50
C THR A 127 -4.50 -28.77 29.94
N GLY A 128 -4.11 -27.64 29.32
CA GLY A 128 -4.01 -27.48 27.87
C GLY A 128 -5.28 -27.05 27.14
N SER A 129 -6.35 -26.73 27.90
CA SER A 129 -7.64 -26.30 27.38
C SER A 129 -7.90 -24.84 27.76
N ALA A 130 -8.84 -24.16 27.07
CA ALA A 130 -9.17 -22.76 27.33
C ALA A 130 -10.65 -22.49 27.08
N THR A 131 -11.45 -22.23 28.12
CA THR A 131 -12.87 -21.90 27.95
C THR A 131 -13.14 -20.49 28.40
N LEU A 132 -13.71 -19.68 27.52
CA LEU A 132 -14.10 -18.32 27.86
C LEU A 132 -15.58 -18.35 28.14
N VAL A 133 -16.00 -17.67 29.22
CA VAL A 133 -17.41 -17.60 29.59
C VAL A 133 -17.89 -16.15 29.54
N CYS A 134 -19.13 -15.96 29.14
CA CYS A 134 -19.83 -14.69 29.13
C CYS A 134 -21.23 -14.86 29.76
N PHE A 135 -21.50 -14.12 30.84
CA PHE A 135 -22.82 -14.09 31.49
C PHE A 135 -23.58 -12.83 31.03
N VAL A 136 -24.79 -13.04 30.54
CA VAL A 136 -25.71 -11.99 30.05
C VAL A 136 -26.96 -12.17 30.93
N ASN A 137 -27.00 -11.46 32.06
CA ASN A 137 -28.01 -11.62 33.08
C ASN A 137 -29.12 -10.57 33.25
N ASN A 138 -30.29 -11.05 33.71
CA ASN A 138 -31.47 -10.28 34.09
C ASN A 138 -31.98 -9.34 33.02
N PHE A 139 -32.31 -9.93 31.89
CA PHE A 139 -32.86 -9.18 30.81
C PHE A 139 -34.30 -9.59 30.58
N TYR A 140 -35.04 -8.68 29.97
CA TYR A 140 -36.42 -8.85 29.53
C TYR A 140 -36.71 -7.87 28.38
N PRO A 141 -37.33 -8.32 27.25
CA PRO A 141 -37.83 -9.67 26.92
C PRO A 141 -36.80 -10.78 26.65
N LYS A 142 -37.27 -12.03 26.52
CA LYS A 142 -36.51 -13.26 26.29
C LYS A 142 -35.59 -13.25 25.04
N ASP A 143 -36.02 -12.58 23.99
CA ASP A 143 -35.30 -12.53 22.72
C ASP A 143 -34.03 -11.68 22.83
N ILE A 144 -32.89 -12.34 22.61
CA ILE A 144 -31.57 -11.75 22.67
C ILE A 144 -30.61 -12.42 21.66
N ASN A 145 -29.54 -11.72 21.24
CA ASN A 145 -28.52 -12.31 20.38
C ASN A 145 -27.17 -12.13 21.06
N VAL A 146 -26.48 -13.26 21.34
CA VAL A 146 -25.20 -13.24 22.02
C VAL A 146 -24.14 -13.89 21.15
N LYS A 147 -23.12 -13.12 20.72
CA LYS A 147 -22.05 -13.68 19.91
C LYS A 147 -20.61 -13.44 20.40
N TRP A 148 -19.72 -14.35 19.99
CA TRP A 148 -18.28 -14.29 20.25
C TRP A 148 -17.59 -13.81 18.98
N LYS A 149 -16.71 -12.80 19.13
CA LYS A 149 -15.84 -12.33 18.07
C LYS A 149 -14.41 -12.59 18.55
N VAL A 150 -13.58 -13.07 17.66
CA VAL A 150 -12.17 -13.33 17.97
C VAL A 150 -11.40 -12.53 16.95
N ASP A 151 -10.64 -11.52 17.43
CA ASP A 151 -9.89 -10.56 16.58
C ASP A 151 -10.80 -9.94 15.50
N GLY A 152 -12.06 -9.69 15.84
CA GLY A 152 -13.05 -9.10 14.93
C GLY A 152 -13.89 -10.07 14.12
N SER A 153 -13.48 -11.34 14.09
CA SER A 153 -14.19 -12.37 13.33
C SER A 153 -15.18 -13.14 14.18
N GLU A 154 -16.44 -13.23 13.73
CA GLU A 154 -17.50 -13.98 14.42
C GLU A 154 -17.10 -15.46 14.55
N LYS A 155 -17.08 -15.95 15.80
CA LYS A 155 -16.69 -17.33 16.10
C LYS A 155 -17.92 -18.13 16.57
N ARG A 156 -18.23 -19.21 15.87
CA ARG A 156 -19.32 -20.11 16.16
C ARG A 156 -18.87 -21.51 16.60
N ASP A 157 -17.72 -22.00 16.10
CA ASP A 157 -17.14 -23.29 16.48
C ASP A 157 -16.75 -23.28 17.94
N GLY A 158 -17.27 -24.24 18.68
CA GLY A 158 -16.96 -24.36 20.11
C GLY A 158 -17.76 -23.47 21.02
N VAL A 159 -18.81 -22.80 20.50
CA VAL A 159 -19.71 -21.94 21.25
C VAL A 159 -20.96 -22.73 21.66
N LEU A 160 -21.32 -22.65 22.96
CA LEU A 160 -22.49 -23.26 23.53
C LEU A 160 -23.19 -22.19 24.34
N GLN A 161 -24.50 -22.22 24.38
CA GLN A 161 -25.33 -21.26 25.09
C GLN A 161 -26.48 -21.98 25.76
N SER A 162 -26.97 -21.42 26.85
CA SER A 162 -28.17 -21.89 27.56
C SER A 162 -28.82 -20.71 28.27
N VAL A 163 -30.14 -20.73 28.32
CA VAL A 163 -30.94 -19.66 28.91
C VAL A 163 -31.70 -20.27 30.07
N THR A 164 -31.73 -19.58 31.20
CA THR A 164 -32.50 -20.01 32.37
C THR A 164 -34.00 -19.79 32.09
N ASP A 165 -34.83 -20.41 32.92
CA ASP A 165 -36.27 -20.24 32.88
C ASP A 165 -36.53 -18.86 33.50
N GLN A 166 -37.72 -18.30 33.28
CA GLN A 166 -38.09 -17.00 33.84
C GLN A 166 -37.95 -16.99 35.38
N ASP A 167 -37.15 -16.05 35.92
CA ASP A 167 -36.86 -15.89 37.35
C ASP A 167 -38.13 -15.72 38.19
N SER A 168 -38.21 -16.42 39.33
CA SER A 168 -39.35 -16.40 40.25
C SER A 168 -39.53 -15.02 40.91
N LYS A 169 -38.41 -14.44 41.38
CA LYS A 169 -38.30 -13.14 42.05
C LYS A 169 -38.52 -11.94 41.11
N ASP A 170 -37.74 -11.80 40.03
CA ASP A 170 -37.86 -10.64 39.17
C ASP A 170 -38.48 -10.82 37.77
N SER A 171 -38.75 -12.06 37.34
CA SER A 171 -39.36 -12.41 36.03
C SER A 171 -38.50 -12.10 34.80
N THR A 172 -37.19 -12.01 35.00
CA THR A 172 -36.25 -11.80 33.91
C THR A 172 -35.67 -13.16 33.49
N TYR A 173 -34.90 -13.11 32.39
CA TYR A 173 -34.20 -14.21 31.76
C TYR A 173 -32.73 -13.91 31.86
N SER A 174 -31.92 -14.98 31.96
CA SER A 174 -30.47 -14.94 32.05
C SER A 174 -29.83 -15.93 31.11
N LEU A 175 -28.70 -15.56 30.50
CA LEU A 175 -28.00 -16.40 29.51
C LEU A 175 -26.45 -16.54 29.80
N SER A 176 -25.95 -17.76 29.65
CA SER A 176 -24.53 -18.08 29.75
C SER A 176 -24.10 -18.59 28.36
N SER A 177 -23.00 -18.04 27.84
CA SER A 177 -22.41 -18.41 26.54
C SER A 177 -20.98 -18.81 26.79
N THR A 178 -20.61 -19.92 26.21
CA THR A 178 -19.27 -20.45 26.45
C THR A 178 -18.49 -20.68 25.14
N LEU A 179 -17.23 -20.16 25.06
CA LEU A 179 -16.35 -20.37 23.92
C LEU A 179 -15.16 -21.30 24.32
N SER A 180 -15.18 -22.55 23.87
CA SER A 180 -14.16 -23.54 24.20
C SER A 180 -13.13 -23.68 23.10
N LEU A 181 -11.87 -23.52 23.48
CA LEU A 181 -10.70 -23.52 22.58
C LEU A 181 -9.61 -24.37 23.20
N THR A 182 -8.61 -24.74 22.40
CA THR A 182 -7.43 -25.42 22.93
C THR A 182 -6.54 -24.26 23.43
N LYS A 183 -5.56 -24.53 24.29
CA LYS A 183 -4.67 -23.48 24.77
C LYS A 183 -3.87 -22.91 23.58
N ALA A 184 -3.47 -23.78 22.66
CA ALA A 184 -2.75 -23.42 21.44
C ALA A 184 -3.57 -22.45 20.57
N ASP A 185 -4.87 -22.72 20.37
CA ASP A 185 -5.74 -21.87 19.56
C ASP A 185 -6.08 -20.53 20.26
N TYR A 186 -6.13 -20.53 21.61
CA TYR A 186 -6.40 -19.36 22.42
C TYR A 186 -5.21 -18.41 22.34
N GLU A 187 -3.99 -18.95 22.39
CA GLU A 187 -2.74 -18.21 22.32
C GLU A 187 -2.48 -17.63 20.92
N ARG A 188 -3.16 -18.17 19.89
CA ARG A 188 -3.07 -17.74 18.48
C ARG A 188 -3.79 -16.39 18.22
N HIS A 189 -4.58 -15.90 19.20
CA HIS A 189 -5.36 -14.65 19.12
C HIS A 189 -5.28 -13.83 20.39
N ASN A 190 -5.68 -12.55 20.32
CA ASN A 190 -5.60 -11.64 21.44
C ASN A 190 -6.92 -11.06 21.88
N LEU A 191 -7.72 -10.54 20.95
CA LEU A 191 -8.98 -9.88 21.29
C LEU A 191 -10.21 -10.81 21.26
N TYR A 192 -10.88 -10.96 22.41
CA TYR A 192 -12.04 -11.84 22.56
C TYR A 192 -13.18 -10.99 23.00
N THR A 193 -14.24 -10.94 22.20
CA THR A 193 -15.41 -10.12 22.48
C THR A 193 -16.68 -10.93 22.64
N CYS A 194 -17.50 -10.55 23.63
CA CYS A 194 -18.85 -11.06 23.82
C CYS A 194 -19.76 -9.87 23.39
N GLU A 195 -20.43 -10.01 22.22
CA GLU A 195 -21.27 -8.98 21.63
C GLU A 195 -22.76 -9.33 21.81
N VAL A 196 -23.48 -8.48 22.54
CA VAL A 196 -24.88 -8.69 22.88
C VAL A 196 -25.83 -7.67 22.26
N THR A 197 -26.85 -8.17 21.52
CA THR A 197 -27.87 -7.35 20.90
C THR A 197 -29.24 -7.71 21.52
N HIS A 198 -29.92 -6.69 22.05
CA HIS A 198 -31.20 -6.81 22.72
C HIS A 198 -32.10 -5.64 22.29
N LYS A 199 -33.41 -5.86 22.25
CA LYS A 199 -34.32 -4.80 21.79
C LYS A 199 -34.35 -3.54 22.62
N THR A 200 -33.80 -3.59 23.88
CA THR A 200 -33.67 -2.45 24.83
C THR A 200 -32.62 -1.43 24.41
N SER A 201 -31.86 -1.68 23.33
CA SER A 201 -30.79 -0.80 22.84
C SER A 201 -30.52 -1.08 21.38
N THR A 202 -30.38 0.00 20.58
CA THR A 202 -30.07 -0.11 19.14
C THR A 202 -28.62 -0.52 18.98
N ALA A 203 -27.76 -0.07 19.92
CA ALA A 203 -26.35 -0.40 19.96
C ALA A 203 -26.11 -1.66 20.77
N ALA A 204 -25.11 -2.43 20.32
CA ALA A 204 -24.71 -3.67 20.95
C ALA A 204 -23.96 -3.41 22.25
N ILE A 205 -24.14 -4.31 23.20
CA ILE A 205 -23.39 -4.28 24.44
C ILE A 205 -22.17 -5.14 24.10
N VAL A 206 -21.01 -4.56 24.27
CA VAL A 206 -19.77 -5.22 23.92
C VAL A 206 -18.80 -5.26 25.12
N LYS A 207 -18.46 -6.50 25.57
CA LYS A 207 -17.49 -6.73 26.64
C LYS A 207 -16.32 -7.46 26.00
N THR A 208 -15.14 -6.88 26.10
CA THR A 208 -13.94 -7.42 25.47
C THR A 208 -12.91 -7.88 26.50
N LEU A 209 -12.03 -8.76 26.07
CA LEU A 209 -10.97 -9.30 26.88
C LEU A 209 -9.70 -9.29 26.00
N ASN A 210 -8.56 -8.81 26.53
CA ASN A 210 -7.29 -8.86 25.78
C ASN A 210 -6.44 -9.92 26.47
N ARG A 211 -6.16 -11.04 25.77
CA ARG A 211 -5.37 -12.18 26.26
C ARG A 211 -4.07 -11.76 26.99
N ASN A 212 -3.47 -10.62 26.61
CA ASN A 212 -2.23 -10.14 27.22
C ASN A 212 -2.37 -9.48 28.57
N GLU A 213 -3.45 -8.71 28.81
CA GLU A 213 -3.69 -8.01 30.08
C GLU A 213 -4.10 -8.96 31.22
N GLU B 1 -53.91 -45.56 43.16
CA GLU B 1 -54.81 -46.46 42.43
C GLU B 1 -54.13 -46.98 41.15
N VAL B 2 -54.37 -46.33 39.98
CA VAL B 2 -53.73 -46.70 38.71
C VAL B 2 -52.27 -46.25 38.81
N GLN B 3 -51.34 -47.20 38.64
CA GLN B 3 -49.90 -46.93 38.67
C GLN B 3 -49.20 -47.52 37.45
N LEU B 4 -48.24 -46.76 36.89
CA LEU B 4 -47.40 -47.17 35.77
C LEU B 4 -45.95 -46.87 36.17
N VAL B 5 -45.10 -47.92 36.24
CA VAL B 5 -43.70 -47.77 36.64
C VAL B 5 -42.73 -48.28 35.59
N GLU B 6 -42.10 -47.36 34.86
CA GLU B 6 -41.08 -47.66 33.85
C GLU B 6 -39.75 -47.98 34.53
N SER B 7 -38.95 -48.82 33.87
CA SER B 7 -37.62 -49.22 34.29
C SER B 7 -36.84 -49.65 33.07
N GLY B 8 -35.52 -49.71 33.19
CA GLY B 8 -34.66 -50.16 32.11
C GLY B 8 -33.82 -49.07 31.48
N GLY B 9 -34.19 -47.81 31.74
CA GLY B 9 -33.49 -46.64 31.22
C GLY B 9 -32.05 -46.54 31.66
N GLY B 10 -31.41 -45.53 31.15
CA GLY B 10 -30.03 -45.24 31.48
C GLY B 10 -29.18 -44.88 30.30
N LEU B 11 -27.89 -44.95 30.54
CA LEU B 11 -26.87 -44.60 29.59
C LEU B 11 -26.61 -45.78 28.67
N VAL B 12 -26.45 -45.44 27.39
CA VAL B 12 -26.19 -46.38 26.32
C VAL B 12 -25.22 -45.84 25.33
N GLN B 13 -24.40 -46.74 24.82
CA GLN B 13 -23.45 -46.44 23.77
C GLN B 13 -24.23 -46.49 22.41
N PRO B 14 -23.89 -45.62 21.43
CA PRO B 14 -24.60 -45.64 20.12
C PRO B 14 -24.47 -46.98 19.39
N GLY B 15 -25.56 -47.46 18.82
CA GLY B 15 -25.60 -48.73 18.10
C GLY B 15 -26.00 -49.93 18.93
N LYS B 16 -25.91 -49.81 20.27
CA LYS B 16 -26.26 -50.87 21.20
C LYS B 16 -27.76 -50.85 21.51
N SER B 17 -28.24 -51.88 22.21
CA SER B 17 -29.66 -52.01 22.52
C SER B 17 -29.99 -51.84 23.99
N LEU B 18 -31.30 -51.64 24.27
CA LEU B 18 -31.85 -51.43 25.61
C LEU B 18 -33.30 -51.90 25.64
N LYS B 19 -33.72 -52.51 26.77
CA LYS B 19 -35.10 -52.97 26.97
C LYS B 19 -35.82 -52.21 28.09
N LEU B 20 -36.84 -51.46 27.70
CA LEU B 20 -37.67 -50.73 28.65
C LEU B 20 -38.82 -51.60 29.07
N SER B 21 -39.09 -51.65 30.38
CA SER B 21 -40.21 -52.39 30.94
C SER B 21 -41.10 -51.42 31.67
N CYS B 22 -42.40 -51.64 31.59
CA CYS B 22 -43.36 -50.81 32.29
C CYS B 22 -44.29 -51.75 33.04
N GLU B 23 -44.36 -51.60 34.37
CA GLU B 23 -45.22 -52.44 35.19
C GLU B 23 -46.48 -51.68 35.58
N ALA B 24 -47.64 -52.27 35.25
CA ALA B 24 -48.96 -51.72 35.51
C ALA B 24 -49.63 -52.29 36.77
N SER B 25 -50.45 -51.48 37.44
CA SER B 25 -51.20 -51.85 38.64
C SER B 25 -52.44 -50.95 38.84
N GLY B 26 -53.43 -51.49 39.53
CA GLY B 26 -54.67 -50.77 39.88
C GLY B 26 -55.72 -50.71 38.81
N PHE B 27 -55.60 -51.56 37.75
CA PHE B 27 -56.53 -51.69 36.61
C PHE B 27 -56.33 -53.00 35.85
N THR B 28 -57.34 -53.39 35.07
CA THR B 28 -57.32 -54.60 34.25
C THR B 28 -56.48 -54.32 32.99
N PHE B 29 -55.12 -54.46 33.12
CA PHE B 29 -54.14 -54.21 32.07
C PHE B 29 -54.48 -54.89 30.73
N SER B 30 -54.90 -56.16 30.79
CA SER B 30 -55.29 -56.97 29.62
C SER B 30 -56.45 -56.41 28.78
N GLY B 31 -57.18 -55.42 29.29
CA GLY B 31 -58.30 -54.81 28.61
C GLY B 31 -58.05 -53.43 28.06
N TYR B 32 -56.75 -53.04 27.97
CA TYR B 32 -56.34 -51.73 27.48
C TYR B 32 -55.21 -51.75 26.44
N GLY B 33 -55.36 -50.83 25.49
CA GLY B 33 -54.36 -50.52 24.49
C GLY B 33 -53.37 -49.60 25.18
N MET B 34 -52.08 -49.90 25.03
CA MET B 34 -50.97 -49.20 25.69
C MET B 34 -50.08 -48.46 24.73
N HIS B 35 -49.50 -47.38 25.22
CA HIS B 35 -48.64 -46.48 24.45
C HIS B 35 -47.27 -46.26 25.07
N TRP B 36 -46.30 -45.95 24.21
CA TRP B 36 -44.96 -45.50 24.56
C TRP B 36 -44.88 -44.16 23.88
N VAL B 37 -44.52 -43.15 24.67
CA VAL B 37 -44.38 -41.76 24.22
C VAL B 37 -43.02 -41.29 24.74
N ARG B 38 -42.31 -40.49 23.96
CA ARG B 38 -41.03 -39.96 24.38
C ARG B 38 -40.97 -38.44 24.29
N GLN B 39 -40.11 -37.84 25.12
CA GLN B 39 -39.86 -36.41 25.11
C GLN B 39 -38.34 -36.17 25.10
N ALA B 40 -37.80 -35.64 23.97
CA ALA B 40 -36.36 -35.33 23.88
C ALA B 40 -36.02 -34.04 24.67
N PRO B 41 -34.77 -33.87 25.18
CA PRO B 41 -34.48 -32.65 25.98
C PRO B 41 -34.69 -31.38 25.18
N GLY B 42 -35.48 -30.48 25.76
CA GLY B 42 -35.85 -29.19 25.18
C GLY B 42 -36.80 -29.26 24.01
N ARG B 43 -37.04 -30.49 23.51
CA ARG B 43 -37.92 -30.82 22.37
C ARG B 43 -39.31 -31.08 22.92
N GLY B 44 -40.25 -31.30 22.01
CA GLY B 44 -41.60 -31.66 22.36
C GLY B 44 -41.74 -33.15 22.55
N LEU B 45 -42.99 -33.59 22.59
CA LEU B 45 -43.46 -34.95 22.79
C LEU B 45 -43.75 -35.62 21.45
N GLU B 46 -43.39 -36.91 21.37
CA GLU B 46 -43.57 -37.77 20.20
C GLU B 46 -44.11 -39.11 20.62
N SER B 47 -45.10 -39.63 19.88
CA SER B 47 -45.65 -40.96 20.13
C SER B 47 -44.68 -41.95 19.48
N VAL B 48 -44.20 -42.94 20.26
CA VAL B 48 -43.23 -43.94 19.83
C VAL B 48 -43.94 -45.15 19.24
N ALA B 49 -44.78 -45.82 20.06
CA ALA B 49 -45.50 -47.03 19.66
C ALA B 49 -46.86 -47.22 20.36
N TYR B 50 -47.75 -47.97 19.70
CA TYR B 50 -49.05 -48.38 20.21
C TYR B 50 -49.22 -49.90 20.00
N ILE B 51 -49.76 -50.58 21.01
CA ILE B 51 -50.08 -52.02 21.00
C ILE B 51 -51.47 -52.17 21.56
N THR B 52 -52.29 -53.00 20.93
CA THR B 52 -53.64 -53.30 21.38
C THR B 52 -53.56 -54.25 22.59
N SER B 53 -54.69 -54.43 23.29
CA SER B 53 -54.87 -55.31 24.45
C SER B 53 -54.44 -56.77 24.18
N SER B 54 -54.82 -57.29 23.02
CA SER B 54 -54.56 -58.66 22.57
C SER B 54 -53.24 -58.82 21.77
N SER B 55 -52.52 -57.69 21.52
CA SER B 55 -51.27 -57.60 20.72
C SER B 55 -51.51 -57.79 19.21
N ILE B 56 -52.79 -57.85 18.79
CA ILE B 56 -53.19 -58.02 17.39
C ILE B 56 -52.65 -56.90 16.49
N ASN B 57 -52.91 -55.64 16.85
CA ASN B 57 -52.43 -54.51 16.06
C ASN B 57 -51.35 -53.74 16.79
N ILE B 58 -50.24 -53.51 16.12
CA ILE B 58 -49.09 -52.77 16.64
C ILE B 58 -48.78 -51.64 15.64
N LYS B 59 -48.52 -50.44 16.17
CA LYS B 59 -48.20 -49.27 15.36
C LYS B 59 -46.94 -48.59 15.87
N TYR B 60 -46.11 -48.05 14.95
CA TYR B 60 -44.85 -47.36 15.30
C TYR B 60 -44.74 -45.99 14.64
N ALA B 61 -43.86 -45.16 15.18
CA ALA B 61 -43.51 -43.87 14.60
C ALA B 61 -42.51 -44.22 13.48
N ASP B 62 -42.47 -43.43 12.41
CA ASP B 62 -41.57 -43.72 11.29
C ASP B 62 -40.09 -43.61 11.67
N ALA B 63 -39.79 -42.81 12.72
CA ALA B 63 -38.44 -42.60 13.25
C ALA B 63 -37.88 -43.87 13.91
N VAL B 64 -38.79 -44.75 14.41
CA VAL B 64 -38.42 -45.97 15.12
C VAL B 64 -38.70 -47.28 14.39
N LYS B 65 -39.48 -47.23 13.28
CA LYS B 65 -39.84 -48.38 12.45
C LYS B 65 -38.63 -49.24 12.07
N GLY B 66 -38.75 -50.56 12.31
CA GLY B 66 -37.73 -51.55 12.02
C GLY B 66 -36.50 -51.54 12.92
N ARG B 67 -36.58 -50.84 14.06
CA ARG B 67 -35.52 -50.71 15.07
C ARG B 67 -36.06 -51.01 16.46
N PHE B 68 -37.30 -50.57 16.73
CA PHE B 68 -37.97 -50.74 18.02
C PHE B 68 -39.07 -51.81 17.94
N THR B 69 -39.31 -52.50 19.07
CA THR B 69 -40.30 -53.57 19.17
C THR B 69 -41.12 -53.53 20.48
N VAL B 70 -42.44 -53.25 20.36
CA VAL B 70 -43.40 -53.25 21.47
C VAL B 70 -43.87 -54.67 21.66
N SER B 71 -44.03 -55.06 22.92
CA SER B 71 -44.50 -56.36 23.34
C SER B 71 -45.18 -56.18 24.71
N ARG B 72 -45.99 -57.16 25.12
CA ARG B 72 -46.65 -57.13 26.41
C ARG B 72 -46.85 -58.52 27.01
N ASP B 73 -46.78 -58.61 28.35
CA ASP B 73 -47.05 -59.84 29.08
C ASP B 73 -48.24 -59.51 29.95
N ASN B 74 -49.44 -59.90 29.47
CA ASN B 74 -50.69 -59.60 30.16
C ASN B 74 -50.85 -60.36 31.46
N ALA B 75 -50.22 -61.56 31.54
CA ALA B 75 -50.21 -62.40 32.72
C ALA B 75 -49.37 -61.77 33.84
N LYS B 76 -48.32 -61.01 33.46
CA LYS B 76 -47.42 -60.36 34.42
C LYS B 76 -47.61 -58.83 34.50
N ASN B 77 -48.65 -58.28 33.81
CA ASN B 77 -49.02 -56.86 33.75
C ASN B 77 -47.82 -55.97 33.33
N LEU B 78 -47.12 -56.39 32.26
CA LEU B 78 -45.94 -55.72 31.76
C LEU B 78 -46.01 -55.30 30.30
N LEU B 79 -45.55 -54.10 30.04
CA LEU B 79 -45.40 -53.49 28.72
C LEU B 79 -43.88 -53.41 28.47
N PHE B 80 -43.45 -53.74 27.24
CA PHE B 80 -42.02 -53.66 26.93
C PHE B 80 -41.76 -52.87 25.69
N LEU B 81 -40.57 -52.28 25.62
CA LEU B 81 -40.08 -51.58 24.44
C LEU B 81 -38.64 -51.99 24.21
N GLN B 82 -38.45 -52.86 23.21
CA GLN B 82 -37.10 -53.29 22.83
C GLN B 82 -36.54 -52.28 21.81
N MET B 83 -35.58 -51.45 22.25
CA MET B 83 -34.94 -50.43 21.41
C MET B 83 -33.57 -50.89 20.89
N ASN B 84 -33.44 -51.17 19.57
CA ASN B 84 -32.18 -51.61 18.93
C ASN B 84 -31.53 -50.50 18.08
N ILE B 85 -30.22 -50.70 17.73
CA ILE B 85 -29.39 -49.80 16.90
C ILE B 85 -29.65 -48.36 17.30
N LEU B 86 -29.27 -48.02 18.54
CA LEU B 86 -29.54 -46.72 19.11
C LEU B 86 -28.75 -45.55 18.60
N LYS B 87 -29.45 -44.47 18.28
CA LYS B 87 -28.88 -43.21 17.78
C LYS B 87 -29.01 -42.19 18.90
N SER B 88 -28.20 -41.12 18.87
CA SER B 88 -28.27 -40.04 19.85
C SER B 88 -29.63 -39.33 19.76
N GLU B 89 -30.32 -39.45 18.60
CA GLU B 89 -31.65 -38.90 18.31
C GLU B 89 -32.73 -39.59 19.16
N ASP B 90 -32.40 -40.75 19.76
CA ASP B 90 -33.31 -41.49 20.64
C ASP B 90 -33.16 -41.10 22.11
N THR B 91 -32.25 -40.13 22.41
CA THR B 91 -32.07 -39.62 23.77
C THR B 91 -33.32 -38.83 24.09
N ALA B 92 -34.03 -39.31 25.12
CA ALA B 92 -35.30 -38.76 25.54
C ALA B 92 -35.74 -39.37 26.84
N MET B 93 -36.79 -38.77 27.40
CA MET B 93 -37.48 -39.29 28.56
C MET B 93 -38.57 -40.18 27.90
N TYR B 94 -38.67 -41.45 28.32
CA TYR B 94 -39.63 -42.40 27.76
C TYR B 94 -40.74 -42.67 28.74
N TYR B 95 -41.99 -42.59 28.28
CA TYR B 95 -43.17 -42.83 29.10
C TYR B 95 -44.07 -43.92 28.57
N CYS B 96 -44.59 -44.77 29.45
CA CYS B 96 -45.63 -45.71 29.05
C CYS B 96 -46.94 -45.02 29.48
N ALA B 97 -47.97 -45.12 28.64
CA ALA B 97 -49.21 -44.44 28.92
C ALA B 97 -50.43 -45.19 28.47
N ARG B 98 -51.52 -44.99 29.20
CA ARG B 98 -52.85 -45.51 28.90
C ARG B 98 -53.72 -44.28 28.61
N PHE B 99 -54.33 -44.29 27.42
CA PHE B 99 -55.18 -43.20 26.96
C PHE B 99 -56.62 -43.67 26.92
N ASP B 100 -57.46 -43.05 27.76
CA ASP B 100 -58.90 -43.30 27.81
C ASP B 100 -59.56 -42.21 27.01
N TRP B 101 -60.90 -42.31 26.85
CA TRP B 101 -61.67 -41.31 26.14
C TRP B 101 -61.64 -39.97 26.92
N ASP B 102 -61.54 -40.04 28.26
CA ASP B 102 -61.59 -38.90 29.16
C ASP B 102 -60.44 -38.77 30.17
N LYS B 103 -59.54 -39.77 30.24
CA LYS B 103 -58.44 -39.82 31.21
C LYS B 103 -57.14 -40.25 30.54
N ASN B 104 -56.03 -39.92 31.18
CA ASN B 104 -54.70 -40.31 30.75
C ASN B 104 -53.89 -40.67 31.99
N TYR B 105 -53.09 -41.73 31.86
CA TYR B 105 -52.23 -42.18 32.94
C TYR B 105 -50.86 -42.36 32.34
N TRP B 106 -49.89 -41.73 32.95
CA TRP B 106 -48.53 -41.77 32.49
C TRP B 106 -47.68 -42.31 33.61
N GLY B 107 -46.56 -42.90 33.23
CA GLY B 107 -45.61 -43.35 34.24
C GLY B 107 -44.73 -42.19 34.67
N GLN B 108 -43.71 -42.48 35.47
CA GLN B 108 -42.74 -41.48 35.96
C GLN B 108 -41.77 -41.06 34.83
N GLY B 109 -41.51 -41.99 33.92
CA GLY B 109 -40.58 -41.86 32.81
C GLY B 109 -39.20 -42.35 33.18
N THR B 110 -38.46 -42.88 32.18
CA THR B 110 -37.06 -43.29 32.35
C THR B 110 -36.27 -42.59 31.28
N MET B 111 -35.20 -41.92 31.71
CA MET B 111 -34.32 -41.26 30.77
C MET B 111 -33.48 -42.32 30.10
N VAL B 112 -33.39 -42.22 28.76
CA VAL B 112 -32.53 -43.04 27.92
C VAL B 112 -31.56 -42.04 27.34
N THR B 113 -30.28 -42.18 27.67
CA THR B 113 -29.20 -41.30 27.22
C THR B 113 -28.31 -42.08 26.26
N VAL B 114 -28.28 -41.67 24.99
CA VAL B 114 -27.44 -42.33 23.99
C VAL B 114 -26.20 -41.45 23.87
N SER B 115 -25.07 -41.99 24.40
CA SER B 115 -23.76 -41.34 24.52
C SER B 115 -22.61 -42.35 24.44
N SER B 116 -21.52 -41.96 23.74
CA SER B 116 -20.29 -42.75 23.61
C SER B 116 -19.34 -42.39 24.76
N ALA B 117 -19.82 -41.56 25.69
CA ALA B 117 -19.08 -41.16 26.87
C ALA B 117 -19.40 -42.10 28.05
N LYS B 118 -18.49 -42.12 29.00
CA LYS B 118 -18.44 -42.93 30.20
C LYS B 118 -18.36 -41.97 31.39
N THR B 119 -18.69 -42.45 32.61
CA THR B 119 -18.68 -41.63 33.84
C THR B 119 -17.42 -40.79 34.05
N THR B 120 -17.60 -39.45 33.98
CA THR B 120 -16.50 -38.51 34.12
C THR B 120 -16.78 -37.49 35.21
N ALA B 121 -15.81 -37.28 36.11
CA ALA B 121 -15.93 -36.28 37.17
C ALA B 121 -15.67 -34.88 36.58
N PRO B 122 -16.47 -33.86 36.94
CA PRO B 122 -16.25 -32.54 36.33
C PRO B 122 -15.03 -31.81 36.88
N SER B 123 -14.53 -30.87 36.08
CA SER B 123 -13.48 -29.97 36.45
C SER B 123 -14.18 -28.66 36.82
N VAL B 124 -13.90 -28.16 38.01
CA VAL B 124 -14.52 -26.94 38.53
C VAL B 124 -13.52 -25.80 38.46
N TYR B 125 -13.85 -24.77 37.67
CA TYR B 125 -13.00 -23.61 37.45
C TYR B 125 -13.64 -22.33 37.94
N PRO B 126 -12.83 -21.44 38.57
CA PRO B 126 -13.37 -20.16 39.05
C PRO B 126 -13.57 -19.13 37.95
N LEU B 127 -14.58 -18.29 38.09
CA LEU B 127 -14.84 -17.19 37.17
C LEU B 127 -14.75 -15.90 37.97
N ALA B 128 -13.63 -15.21 37.81
CA ALA B 128 -13.36 -13.93 38.49
C ALA B 128 -12.95 -12.95 37.40
N PRO B 129 -13.35 -11.66 37.50
CA PRO B 129 -12.98 -10.70 36.45
C PRO B 129 -11.47 -10.45 36.34
N ALA B 130 -10.99 -10.16 35.11
CA ALA B 130 -9.60 -9.86 34.79
C ALA B 130 -9.25 -8.38 34.98
N THR B 137 -20.44 2.76 36.83
CA THR B 137 -20.53 1.43 37.46
C THR B 137 -21.94 1.07 37.97
N THR B 138 -22.18 -0.25 38.17
CA THR B 138 -23.43 -0.86 38.65
C THR B 138 -23.42 -1.09 40.19
N ASN B 139 -22.21 -0.98 40.80
CA ASN B 139 -21.93 -1.20 42.22
C ASN B 139 -22.10 -2.69 42.62
N THR B 140 -22.05 -3.56 41.58
CA THR B 140 -22.10 -5.01 41.72
C THR B 140 -20.94 -5.66 40.98
N VAL B 141 -20.59 -6.89 41.39
CA VAL B 141 -19.58 -7.72 40.75
C VAL B 141 -20.15 -9.11 40.55
N THR B 142 -19.94 -9.70 39.34
CA THR B 142 -20.40 -11.04 39.01
C THR B 142 -19.22 -12.00 38.99
N LEU B 143 -19.41 -13.14 39.65
CA LEU B 143 -18.42 -14.20 39.69
C LEU B 143 -19.10 -15.46 39.19
N GLY B 144 -18.41 -16.58 39.29
CA GLY B 144 -19.03 -17.83 38.92
C GLY B 144 -18.15 -19.04 38.98
N CYS B 145 -18.69 -20.14 38.46
CA CYS B 145 -18.06 -21.43 38.35
C CYS B 145 -18.38 -22.04 37.03
N LEU B 146 -17.37 -22.69 36.45
CA LEU B 146 -17.49 -23.42 35.23
C LEU B 146 -17.30 -24.89 35.65
N VAL B 147 -18.33 -25.72 35.41
CA VAL B 147 -18.34 -27.14 35.75
C VAL B 147 -18.26 -27.86 34.43
N LYS B 148 -17.03 -28.19 34.06
CA LYS B 148 -16.66 -28.71 32.76
C LYS B 148 -16.45 -30.23 32.63
N GLY B 149 -16.99 -30.76 31.53
CA GLY B 149 -16.82 -32.12 31.08
C GLY B 149 -17.10 -33.24 32.05
N TYR B 150 -18.38 -33.33 32.45
CA TYR B 150 -18.88 -34.37 33.33
C TYR B 150 -19.90 -35.22 32.60
N PHE B 151 -20.05 -36.42 33.10
CA PHE B 151 -21.00 -37.37 32.57
C PHE B 151 -21.22 -38.46 33.62
N PRO B 152 -22.47 -38.90 33.88
CA PRO B 152 -23.75 -38.44 33.32
C PRO B 152 -24.32 -37.23 34.04
N GLU B 153 -25.58 -36.86 33.74
CA GLU B 153 -26.30 -35.79 34.50
C GLU B 153 -26.82 -36.49 35.77
N PRO B 154 -27.05 -35.78 36.91
CA PRO B 154 -26.89 -34.35 37.16
C PRO B 154 -25.65 -33.96 37.95
N VAL B 155 -25.49 -32.64 38.12
CA VAL B 155 -24.57 -32.00 39.05
C VAL B 155 -25.45 -31.09 39.89
N THR B 156 -25.05 -30.86 41.13
CA THR B 156 -25.74 -29.90 41.98
C THR B 156 -24.71 -28.78 42.25
N VAL B 157 -25.14 -27.54 42.06
CA VAL B 157 -24.31 -26.37 42.33
C VAL B 157 -24.98 -25.52 43.42
N ILE B 158 -24.17 -25.03 44.34
CA ILE B 158 -24.61 -24.11 45.38
C ILE B 158 -23.50 -23.07 45.69
N TRP B 159 -23.87 -22.03 46.44
CA TRP B 159 -22.96 -20.97 46.82
C TRP B 159 -23.02 -20.85 48.29
N ASN B 160 -21.83 -20.86 48.93
CA ASN B 160 -21.60 -20.77 50.35
C ASN B 160 -22.48 -21.73 51.14
N SER B 161 -22.46 -23.02 50.70
CA SER B 161 -23.20 -24.15 51.30
C SER B 161 -24.74 -24.00 51.26
N GLY B 162 -25.22 -23.17 50.35
CA GLY B 162 -26.64 -22.93 50.14
C GLY B 162 -27.19 -21.71 50.84
N ALA B 163 -26.34 -20.99 51.56
CA ALA B 163 -26.74 -19.77 52.27
C ALA B 163 -26.98 -18.63 51.29
N LEU B 164 -26.18 -18.61 50.22
CA LEU B 164 -26.24 -17.59 49.21
C LEU B 164 -27.08 -18.04 48.04
N THR B 165 -28.34 -17.56 47.97
CA THR B 165 -29.23 -17.89 46.84
C THR B 165 -29.59 -16.61 46.10
N SER B 166 -29.53 -15.45 46.80
CA SER B 166 -29.80 -14.18 46.16
C SER B 166 -28.70 -13.85 45.13
N GLY B 167 -29.12 -13.46 43.92
CA GLY B 167 -28.23 -13.10 42.83
C GLY B 167 -27.54 -14.28 42.16
N VAL B 168 -28.00 -15.51 42.44
CA VAL B 168 -27.47 -16.74 41.86
C VAL B 168 -28.29 -17.11 40.65
N HIS B 169 -27.63 -17.61 39.59
CA HIS B 169 -28.23 -18.12 38.36
C HIS B 169 -27.44 -19.35 38.02
N THR B 170 -28.09 -20.53 38.04
CA THR B 170 -27.44 -21.78 37.63
C THR B 170 -28.06 -22.12 36.31
N PHE B 171 -27.21 -22.24 35.28
CA PHE B 171 -27.63 -22.41 33.90
C PHE B 171 -27.87 -23.85 33.52
N PRO B 172 -28.80 -24.09 32.56
CA PRO B 172 -29.01 -25.47 32.07
C PRO B 172 -27.72 -25.98 31.45
N SER B 173 -27.42 -27.26 31.63
CA SER B 173 -26.20 -27.83 31.07
C SER B 173 -26.25 -27.91 29.52
N VAL B 174 -25.08 -28.02 28.89
CA VAL B 174 -24.99 -28.13 27.44
C VAL B 174 -24.15 -29.36 27.13
N LEU B 175 -24.60 -30.17 26.17
CA LEU B 175 -23.91 -31.38 25.81
C LEU B 175 -23.03 -31.13 24.60
N HIS B 176 -21.76 -31.52 24.71
CA HIS B 176 -20.80 -31.40 23.63
C HIS B 176 -19.74 -32.51 23.70
N SER B 177 -19.53 -33.23 22.58
CA SER B 177 -18.56 -34.34 22.48
C SER B 177 -18.85 -35.43 23.53
N GLY B 178 -20.14 -35.66 23.79
CA GLY B 178 -20.60 -36.65 24.75
C GLY B 178 -20.59 -36.24 26.19
N LEU B 179 -19.88 -35.12 26.54
CA LEU B 179 -19.78 -34.62 27.93
C LEU B 179 -20.62 -33.36 28.18
N TYR B 180 -21.12 -33.20 29.42
CA TYR B 180 -21.87 -32.02 29.87
C TYR B 180 -20.96 -30.94 30.47
N SER B 181 -21.41 -29.71 30.30
CA SER B 181 -20.78 -28.53 30.87
C SER B 181 -21.90 -27.65 31.36
N LEU B 182 -21.65 -26.94 32.45
CA LEU B 182 -22.60 -26.07 33.07
C LEU B 182 -21.85 -24.97 33.79
N SER B 183 -22.50 -23.81 33.92
CA SER B 183 -21.94 -22.69 34.65
C SER B 183 -22.99 -22.12 35.60
N SER B 184 -22.53 -21.39 36.61
CA SER B 184 -23.36 -20.73 37.58
C SER B 184 -22.77 -19.36 37.83
N SER B 185 -23.62 -18.33 37.82
CA SER B 185 -23.19 -16.95 38.11
C SER B 185 -23.76 -16.51 39.45
N VAL B 186 -23.00 -15.71 40.17
CA VAL B 186 -23.40 -15.10 41.45
C VAL B 186 -23.06 -13.58 41.42
N THR B 187 -24.10 -12.73 41.56
CA THR B 187 -23.93 -11.28 41.59
C THR B 187 -24.11 -10.78 43.02
N VAL B 188 -23.11 -10.06 43.50
CA VAL B 188 -23.07 -9.53 44.87
C VAL B 188 -22.73 -8.02 44.81
N PRO B 189 -23.08 -7.19 45.83
CA PRO B 189 -22.62 -5.78 45.82
C PRO B 189 -21.09 -5.78 45.79
N SER B 190 -20.46 -4.93 44.99
CA SER B 190 -19.00 -4.89 44.86
C SER B 190 -18.20 -4.61 46.13
N SER B 191 -18.78 -3.92 47.13
CA SER B 191 -18.09 -3.64 48.41
C SER B 191 -17.95 -4.90 49.24
N THR B 192 -18.78 -5.92 48.91
CA THR B 192 -18.87 -7.18 49.61
C THR B 192 -17.87 -8.25 49.13
N TRP B 193 -17.11 -7.94 48.08
CA TRP B 193 -16.18 -8.90 47.51
C TRP B 193 -14.88 -8.22 47.17
N PRO B 194 -13.73 -8.77 47.60
CA PRO B 194 -13.54 -10.06 48.31
C PRO B 194 -13.64 -10.02 49.85
N SER B 195 -14.08 -8.89 50.47
CA SER B 195 -14.20 -8.82 51.96
C SER B 195 -15.08 -9.93 52.58
N GLN B 196 -16.04 -10.47 51.79
CA GLN B 196 -16.94 -11.56 52.17
C GLN B 196 -16.80 -12.66 51.15
N THR B 197 -16.23 -13.77 51.56
CA THR B 197 -15.97 -14.95 50.74
C THR B 197 -17.16 -15.49 49.95
N VAL B 198 -16.86 -15.89 48.71
CA VAL B 198 -17.80 -16.49 47.76
C VAL B 198 -17.19 -17.84 47.37
N THR B 199 -17.87 -18.95 47.67
CA THR B 199 -17.39 -20.31 47.39
C THR B 199 -18.48 -21.12 46.73
N CYS B 200 -18.19 -21.68 45.54
CA CYS B 200 -19.18 -22.51 44.90
C CYS B 200 -18.93 -23.96 45.28
N ASN B 201 -20.02 -24.69 45.53
CA ASN B 201 -19.99 -26.07 45.98
C ASN B 201 -20.61 -26.93 44.92
N VAL B 202 -19.83 -27.83 44.33
CA VAL B 202 -20.28 -28.68 43.23
C VAL B 202 -20.26 -30.15 43.64
N ALA B 203 -21.31 -30.86 43.28
CA ALA B 203 -21.44 -32.28 43.58
C ALA B 203 -21.85 -33.06 42.35
N HIS B 204 -21.07 -34.10 42.00
CA HIS B 204 -21.40 -35.01 40.93
C HIS B 204 -21.52 -36.38 41.58
N PRO B 205 -22.75 -36.77 41.97
CA PRO B 205 -22.92 -38.03 42.71
C PRO B 205 -22.42 -39.27 41.98
N ALA B 206 -22.67 -39.35 40.66
CA ALA B 206 -22.26 -40.45 39.80
C ALA B 206 -20.75 -40.79 39.92
N SER B 207 -19.88 -39.76 40.05
CA SER B 207 -18.44 -39.95 40.21
C SER B 207 -18.00 -39.80 41.66
N SER B 208 -18.98 -39.56 42.58
CA SER B 208 -18.77 -39.33 44.02
C SER B 208 -17.85 -38.10 44.26
N THR B 209 -18.10 -37.03 43.48
CA THR B 209 -17.36 -35.78 43.49
C THR B 209 -18.09 -34.73 44.32
N THR B 210 -17.35 -34.11 45.23
CA THR B 210 -17.76 -33.00 46.08
C THR B 210 -16.58 -32.06 46.07
N VAL B 211 -16.74 -30.94 45.38
CA VAL B 211 -15.70 -29.94 45.20
C VAL B 211 -16.21 -28.58 45.68
N ASP B 212 -15.35 -27.87 46.40
CA ASP B 212 -15.57 -26.52 46.86
C ASP B 212 -14.51 -25.66 46.22
N LEU B 213 -14.91 -24.50 45.66
CA LEU B 213 -13.95 -23.62 45.03
C LEU B 213 -14.17 -22.18 45.38
N LYS B 214 -13.22 -21.59 46.14
CA LYS B 214 -13.27 -20.19 46.57
C LYS B 214 -12.89 -19.24 45.42
N ILE B 215 -13.73 -18.22 45.17
CA ILE B 215 -13.45 -17.25 44.10
C ILE B 215 -12.45 -16.17 44.51
N GLU B 216 -11.23 -16.31 43.97
CA GLU B 216 -10.02 -15.51 44.11
C GLU B 216 -9.12 -16.14 45.15
N ASP C 1 2.06 8.61 23.09
CA ASP C 1 2.69 8.56 21.77
C ASP C 1 4.03 7.78 21.78
N ILE C 2 4.00 6.52 21.32
CA ILE C 2 5.18 5.63 21.27
C ILE C 2 6.04 5.97 20.05
N GLN C 3 7.32 6.29 20.26
CA GLN C 3 8.20 6.63 19.12
C GLN C 3 8.90 5.43 18.56
N MET C 4 8.71 5.20 17.25
CA MET C 4 9.28 4.10 16.51
C MET C 4 10.56 4.50 15.81
N THR C 5 11.60 3.69 16.01
CA THR C 5 12.94 3.88 15.47
C THR C 5 13.21 2.78 14.46
N GLN C 6 13.86 3.12 13.35
CA GLN C 6 14.26 2.17 12.35
C GLN C 6 15.71 2.35 11.99
N SER C 7 16.44 1.23 11.87
CA SER C 7 17.84 1.22 11.44
C SER C 7 18.14 0.03 10.48
N PRO C 8 18.93 0.22 9.39
CA PRO C 8 19.55 1.48 8.92
C PRO C 8 18.55 2.38 8.18
N SER C 9 18.97 3.58 7.78
CA SER C 9 18.09 4.48 7.02
C SER C 9 18.02 3.99 5.55
N SER C 10 19.17 3.53 5.02
CA SER C 10 19.34 2.99 3.66
C SER C 10 20.17 1.70 3.76
N LEU C 11 19.85 0.74 2.88
CA LEU C 11 20.54 -0.55 2.83
C LEU C 11 20.79 -1.03 1.40
N PRO C 12 22.04 -0.94 0.89
CA PRO C 12 22.32 -1.49 -0.46
C PRO C 12 22.44 -2.99 -0.41
N ALA C 13 21.93 -3.67 -1.45
CA ALA C 13 22.00 -5.11 -1.56
C ALA C 13 22.02 -5.63 -3.01
N SER C 14 22.56 -6.85 -3.17
CA SER C 14 22.66 -7.56 -4.43
C SER C 14 21.56 -8.60 -4.42
N LEU C 15 21.13 -9.03 -5.63
CA LEU C 15 20.09 -10.04 -5.73
C LEU C 15 20.58 -11.35 -5.16
N GLY C 16 19.71 -12.00 -4.39
CA GLY C 16 20.04 -13.26 -3.72
C GLY C 16 20.59 -13.08 -2.32
N ASP C 17 20.90 -11.83 -1.92
CA ASP C 17 21.43 -11.51 -0.60
C ASP C 17 20.38 -11.61 0.52
N ARG C 18 20.84 -11.97 1.73
CA ARG C 18 20.02 -11.99 2.94
C ARG C 18 20.04 -10.56 3.47
N VAL C 19 18.86 -9.97 3.70
CA VAL C 19 18.71 -8.59 4.15
C VAL C 19 17.89 -8.50 5.46
N THR C 20 18.44 -7.77 6.49
CA THR C 20 17.79 -7.58 7.79
C THR C 20 17.68 -6.11 8.20
N ILE C 21 16.45 -5.64 8.40
CA ILE C 21 16.12 -4.29 8.87
C ILE C 21 15.74 -4.41 10.35
N ASN C 22 16.10 -3.40 11.15
CA ASN C 22 15.78 -3.38 12.58
C ASN C 22 14.82 -2.27 12.94
N CYS C 23 13.98 -2.53 13.92
CA CYS C 23 12.96 -1.62 14.43
C CYS C 23 13.10 -1.57 15.97
N GLN C 24 12.81 -0.41 16.55
CA GLN C 24 12.84 -0.23 17.99
C GLN C 24 11.73 0.71 18.44
N ALA C 25 10.96 0.24 19.43
CA ALA C 25 9.85 0.98 20.04
C ALA C 25 10.35 1.72 21.27
N SER C 26 9.77 2.90 21.59
CA SER C 26 10.17 3.69 22.77
C SER C 26 9.80 3.01 24.10
N GLN C 27 8.83 2.09 24.07
CA GLN C 27 8.31 1.30 25.19
C GLN C 27 7.72 -0.02 24.68
N ASP C 28 7.52 -1.03 25.53
CA ASP C 28 6.95 -2.31 25.09
C ASP C 28 5.61 -2.15 24.32
N ILE C 29 5.46 -2.92 23.24
CA ILE C 29 4.29 -2.89 22.35
C ILE C 29 3.56 -4.23 22.25
N SER C 30 3.93 -5.20 23.14
CA SER C 30 3.34 -6.53 23.28
C SER C 30 3.18 -7.35 21.99
N ASN C 31 4.14 -7.20 21.05
CA ASN C 31 4.19 -7.85 19.72
C ASN C 31 3.26 -7.25 18.66
N TYR C 32 2.52 -6.17 18.98
CA TYR C 32 1.63 -5.48 18.04
C TYR C 32 2.46 -4.61 17.08
N LEU C 33 3.20 -5.27 16.18
CA LEU C 33 4.05 -4.61 15.19
C LEU C 33 3.81 -5.16 13.79
N ASN C 34 3.62 -4.25 12.85
CA ASN C 34 3.41 -4.51 11.45
C ASN C 34 4.62 -4.06 10.65
N TRP C 35 4.84 -4.71 9.50
CA TRP C 35 5.88 -4.37 8.56
C TRP C 35 5.26 -4.20 7.20
N TYR C 36 5.50 -3.02 6.61
CA TYR C 36 4.99 -2.64 5.32
C TYR C 36 6.12 -2.44 4.34
N GLN C 37 5.79 -2.65 3.07
CA GLN C 37 6.64 -2.35 1.95
C GLN C 37 5.96 -1.20 1.20
N GLN C 38 6.77 -0.26 0.70
CA GLN C 38 6.23 0.83 -0.12
C GLN C 38 7.05 1.12 -1.37
N LYS C 39 6.36 1.11 -2.53
CA LYS C 39 6.95 1.39 -3.83
C LYS C 39 6.51 2.80 -4.27
N PRO C 40 7.37 3.54 -5.02
CA PRO C 40 7.02 4.94 -5.37
C PRO C 40 5.67 5.17 -6.00
N GLY C 41 4.96 6.18 -5.51
CA GLY C 41 3.65 6.56 -6.01
C GLY C 41 2.49 5.69 -5.55
N LYS C 42 2.80 4.63 -4.77
CA LYS C 42 1.80 3.68 -4.28
C LYS C 42 1.61 3.68 -2.76
N ALA C 43 0.45 3.20 -2.28
CA ALA C 43 0.12 3.10 -0.85
C ALA C 43 0.98 1.99 -0.19
N PRO C 44 1.22 2.02 1.13
CA PRO C 44 1.99 0.93 1.76
C PRO C 44 1.27 -0.42 1.65
N LYS C 45 2.05 -1.52 1.61
CA LYS C 45 1.53 -2.89 1.52
C LYS C 45 2.01 -3.67 2.70
N LEU C 46 1.09 -4.30 3.41
CA LEU C 46 1.40 -5.11 4.58
C LEU C 46 2.04 -6.44 4.22
N LEU C 47 3.18 -6.74 4.84
CA LEU C 47 3.91 -8.00 4.64
C LEU C 47 3.88 -8.86 5.90
N ILE C 48 4.18 -8.23 7.06
CA ILE C 48 4.21 -8.90 8.36
C ILE C 48 3.25 -8.19 9.31
N TYR C 49 2.52 -8.97 10.12
CA TYR C 49 1.61 -8.47 11.18
C TYR C 49 1.90 -9.26 12.45
N TYR C 50 1.57 -8.71 13.64
CA TYR C 50 1.85 -9.34 14.93
C TYR C 50 3.30 -9.87 15.07
N THR C 51 4.26 -8.96 14.76
CA THR C 51 5.70 -9.19 14.81
C THR C 51 6.25 -10.22 13.82
N ASN C 52 5.63 -11.41 13.73
CA ASN C 52 6.13 -12.52 12.89
C ASN C 52 5.11 -13.28 12.03
N LYS C 53 3.90 -12.73 11.81
CA LYS C 53 2.90 -13.44 10.99
C LYS C 53 2.84 -12.89 9.58
N LEU C 54 3.02 -13.77 8.58
CA LEU C 54 3.01 -13.41 7.17
C LEU C 54 1.61 -13.18 6.70
N ALA C 55 1.36 -11.99 6.08
CA ALA C 55 0.05 -11.65 5.51
C ALA C 55 -0.26 -12.64 4.36
N ASP C 56 -1.55 -12.78 3.97
CA ASP C 56 -1.98 -13.72 2.94
C ASP C 56 -1.31 -13.47 1.59
N GLY C 57 -0.73 -14.53 1.04
CA GLY C 57 -0.08 -14.52 -0.28
C GLY C 57 1.33 -13.98 -0.32
N VAL C 58 1.89 -13.60 0.86
CA VAL C 58 3.23 -13.04 0.96
C VAL C 58 4.29 -14.16 0.81
N PRO C 59 5.29 -13.96 -0.07
CA PRO C 59 6.31 -15.00 -0.32
C PRO C 59 7.10 -15.43 0.90
N SER C 60 7.50 -16.72 0.91
CA SER C 60 8.23 -17.40 1.98
C SER C 60 9.57 -16.77 2.38
N ARG C 61 10.18 -15.97 1.50
CA ARG C 61 11.47 -15.31 1.76
C ARG C 61 11.38 -14.20 2.83
N PHE C 62 10.15 -13.81 3.23
CA PHE C 62 9.91 -12.79 4.23
C PHE C 62 9.67 -13.35 5.61
N SER C 63 10.21 -12.69 6.63
CA SER C 63 10.07 -13.09 8.03
C SER C 63 10.29 -11.89 8.94
N GLY C 64 9.86 -12.05 10.19
CA GLY C 64 9.98 -11.09 11.27
C GLY C 64 10.17 -11.80 12.61
N SER C 65 10.79 -11.10 13.59
CA SER C 65 11.02 -11.54 14.99
C SER C 65 11.24 -10.32 15.89
N GLY C 66 10.86 -10.42 17.16
CA GLY C 66 10.98 -9.30 18.09
C GLY C 66 10.70 -9.60 19.54
N SER C 67 11.57 -9.05 20.42
CA SER C 67 11.55 -9.21 21.88
C SER C 67 11.32 -7.86 22.61
N GLY C 68 10.05 -7.54 22.81
CA GLY C 68 9.63 -6.32 23.49
C GLY C 68 9.79 -5.08 22.63
N ARG C 69 10.86 -4.31 22.93
CA ARG C 69 11.26 -3.08 22.24
C ARG C 69 11.86 -3.40 20.86
N ASP C 70 12.79 -4.38 20.82
CA ASP C 70 13.59 -4.74 19.65
C ASP C 70 12.88 -5.67 18.67
N SER C 71 12.89 -5.32 17.38
CA SER C 71 12.26 -6.12 16.32
C SER C 71 13.06 -6.11 15.02
N SER C 72 12.93 -7.17 14.21
CA SER C 72 13.65 -7.29 12.95
C SER C 72 12.82 -7.84 11.80
N PHE C 73 13.17 -7.45 10.58
CA PHE C 73 12.49 -7.87 9.36
C PHE C 73 13.56 -8.46 8.40
N THR C 74 13.29 -9.66 7.86
CA THR C 74 14.26 -10.33 6.99
C THR C 74 13.72 -10.75 5.64
N ILE C 75 14.55 -10.60 4.59
CA ILE C 75 14.35 -11.08 3.21
C ILE C 75 15.54 -12.07 3.03
N SER C 76 15.27 -13.37 2.98
CA SER C 76 16.31 -14.41 2.95
C SER C 76 17.17 -14.46 1.69
N SER C 77 16.59 -14.01 0.57
CA SER C 77 17.22 -13.99 -0.76
C SER C 77 16.47 -12.93 -1.57
N LEU C 78 17.08 -11.74 -1.65
CA LEU C 78 16.52 -10.56 -2.32
C LEU C 78 16.19 -10.75 -3.79
N GLU C 79 14.95 -10.33 -4.17
CA GLU C 79 14.43 -10.29 -5.54
C GLU C 79 14.33 -8.81 -5.96
N SER C 80 14.45 -8.51 -7.27
CA SER C 80 14.37 -7.12 -7.77
C SER C 80 13.06 -6.40 -7.38
N GLU C 81 11.96 -7.15 -7.31
CA GLU C 81 10.64 -6.64 -6.91
C GLU C 81 10.58 -6.22 -5.42
N ASP C 82 11.63 -6.55 -4.63
CA ASP C 82 11.73 -6.21 -3.20
C ASP C 82 12.37 -4.83 -2.98
N ILE C 83 12.91 -4.23 -4.04
CA ILE C 83 13.55 -2.92 -3.98
C ILE C 83 12.45 -1.88 -3.78
N GLY C 84 12.54 -1.21 -2.64
CA GLY C 84 11.61 -0.19 -2.18
C GLY C 84 11.91 0.18 -0.75
N SER C 85 10.91 0.77 -0.08
CA SER C 85 11.01 1.22 1.32
C SER C 85 10.21 0.31 2.25
N TYR C 86 10.67 0.20 3.49
CA TYR C 86 10.07 -0.65 4.49
C TYR C 86 9.84 0.13 5.77
N TYR C 87 8.62 -0.01 6.33
CA TYR C 87 8.17 0.68 7.52
C TYR C 87 7.68 -0.25 8.55
N CYS C 88 8.02 0.05 9.80
CA CYS C 88 7.44 -0.67 10.93
C CYS C 88 6.36 0.21 11.53
N GLN C 89 5.37 -0.41 12.19
CA GLN C 89 4.28 0.32 12.79
C GLN C 89 3.72 -0.44 13.99
N GLN C 90 3.55 0.26 15.15
CA GLN C 90 2.91 -0.30 16.34
C GLN C 90 1.41 -0.02 16.31
N TYR C 91 0.61 -1.03 16.66
CA TYR C 91 -0.84 -0.92 16.77
C TYR C 91 -1.31 -1.37 18.16
N TYR C 92 -0.42 -1.14 19.15
CA TYR C 92 -0.62 -1.44 20.56
C TYR C 92 -1.41 -0.30 21.25
N ASN C 93 -1.10 0.96 20.86
CA ASN C 93 -1.71 2.16 21.42
C ASN C 93 -2.00 3.20 20.33
N TYR C 94 -3.21 3.80 20.37
CA TYR C 94 -3.58 4.86 19.43
C TYR C 94 -3.21 6.23 20.01
N PRO C 95 -2.57 7.15 19.22
CA PRO C 95 -2.22 7.04 17.79
C PRO C 95 -1.17 6.01 17.40
N TRP C 96 -1.49 5.23 16.36
CA TRP C 96 -0.59 4.21 15.81
C TRP C 96 0.55 4.93 15.10
N THR C 97 1.77 4.59 15.48
CA THR C 97 2.94 5.26 14.98
C THR C 97 3.79 4.40 14.10
N PHE C 98 4.41 5.03 13.12
CA PHE C 98 5.27 4.38 12.13
C PHE C 98 6.75 4.79 12.33
N GLY C 99 7.65 3.93 11.91
CA GLY C 99 9.06 4.28 11.89
C GLY C 99 9.42 5.13 10.67
N PRO C 100 10.62 5.78 10.66
CA PRO C 100 11.03 6.61 9.51
C PRO C 100 11.13 5.91 8.16
N GLY C 101 11.43 4.61 8.20
CA GLY C 101 11.58 3.79 7.02
C GLY C 101 13.01 3.42 6.70
N THR C 102 13.18 2.34 5.96
CA THR C 102 14.47 1.83 5.50
C THR C 102 14.37 1.66 4.00
N LYS C 103 15.21 2.38 3.26
CA LYS C 103 15.22 2.33 1.80
C LYS C 103 16.13 1.19 1.36
N LEU C 104 15.53 0.20 0.71
CA LEU C 104 16.22 -0.96 0.18
C LEU C 104 16.66 -0.61 -1.26
N GLU C 105 17.99 -0.66 -1.52
CA GLU C 105 18.57 -0.31 -2.82
C GLU C 105 19.45 -1.39 -3.44
N ILE C 106 19.67 -1.27 -4.75
CA ILE C 106 20.47 -2.22 -5.50
C ILE C 106 21.97 -1.89 -5.45
N LYS C 107 22.76 -2.87 -5.02
CA LYS C 107 24.19 -2.76 -4.97
C LYS C 107 24.72 -3.03 -6.37
N ARG C 108 25.77 -2.32 -6.74
CA ARG C 108 26.50 -2.49 -8.00
C ARG C 108 27.90 -2.04 -7.75
N ALA C 109 28.72 -2.12 -8.78
CA ALA C 109 30.14 -1.77 -8.71
C ALA C 109 30.31 -0.29 -8.46
N ASP C 110 31.48 0.12 -7.96
CA ASP C 110 31.76 1.54 -7.74
C ASP C 110 31.84 2.26 -9.08
N ALA C 111 31.39 3.52 -9.13
CA ALA C 111 31.41 4.29 -10.38
C ALA C 111 31.79 5.72 -10.08
N LYS C 112 32.82 6.22 -10.82
CA LYS C 112 33.33 7.58 -10.70
C LYS C 112 32.32 8.59 -11.25
N PRO C 113 32.08 9.72 -10.56
CA PRO C 113 31.19 10.73 -11.12
C PRO C 113 31.79 11.46 -12.32
N THR C 114 30.91 12.00 -13.16
CA THR C 114 31.29 12.84 -14.29
C THR C 114 30.85 14.24 -13.86
N VAL C 115 31.85 15.09 -13.57
CA VAL C 115 31.59 16.44 -13.08
C VAL C 115 31.64 17.46 -14.24
N SER C 116 30.59 18.35 -14.35
CA SER C 116 30.48 19.40 -15.37
C SER C 116 29.98 20.63 -14.71
N ILE C 117 30.69 21.75 -14.89
CA ILE C 117 30.38 23.08 -14.36
C ILE C 117 29.88 24.00 -15.47
N PHE C 118 28.90 24.87 -15.16
CA PHE C 118 28.29 25.75 -16.16
C PHE C 118 28.17 27.17 -15.74
N PRO C 119 28.48 28.14 -16.59
CA PRO C 119 28.33 29.54 -16.16
C PRO C 119 26.88 30.03 -16.19
N PRO C 120 26.53 31.20 -15.59
CA PRO C 120 25.18 31.74 -15.79
C PRO C 120 24.99 32.06 -17.27
N SER C 121 23.79 31.88 -17.78
CA SER C 121 23.50 32.19 -19.19
C SER C 121 23.44 33.72 -19.36
N SER C 122 23.69 34.21 -20.58
CA SER C 122 23.65 35.64 -20.88
C SER C 122 22.24 36.21 -20.73
N GLU C 123 21.24 35.34 -20.92
CA GLU C 123 19.82 35.64 -20.77
C GLU C 123 19.50 35.93 -19.30
N GLN C 124 20.09 35.14 -18.37
CA GLN C 124 19.90 35.35 -16.94
C GLN C 124 20.64 36.60 -16.47
N LEU C 125 21.86 36.82 -16.96
CA LEU C 125 22.69 37.97 -16.61
C LEU C 125 22.01 39.28 -17.00
N GLY C 126 21.21 39.24 -18.06
CA GLY C 126 20.44 40.39 -18.52
C GLY C 126 19.36 40.81 -17.54
N THR C 127 18.94 39.87 -16.66
CA THR C 127 17.92 40.08 -15.63
C THR C 127 18.54 40.57 -14.29
N GLY C 128 19.88 40.60 -14.24
CA GLY C 128 20.64 41.05 -13.07
C GLY C 128 20.98 39.98 -12.04
N SER C 129 20.69 38.72 -12.36
CA SER C 129 20.95 37.55 -11.51
C SER C 129 21.96 36.64 -12.17
N ALA C 130 22.53 35.68 -11.41
CA ALA C 130 23.54 34.76 -11.93
C ALA C 130 23.53 33.46 -11.19
N THR C 131 23.17 32.36 -11.87
CA THR C 131 23.16 31.03 -11.28
C THR C 131 24.16 30.11 -11.96
N LEU C 132 25.08 29.54 -11.18
CA LEU C 132 26.05 28.58 -11.69
C LEU C 132 25.52 27.20 -11.34
N VAL C 133 25.63 26.28 -12.29
CA VAL C 133 25.17 24.91 -12.11
C VAL C 133 26.35 23.93 -12.25
N CYS C 134 26.34 22.88 -11.46
CA CYS C 134 27.31 21.79 -11.50
C CYS C 134 26.56 20.45 -11.48
N PHE C 135 26.76 19.63 -12.51
CA PHE C 135 26.24 18.29 -12.58
C PHE C 135 27.36 17.28 -12.20
N VAL C 136 27.04 16.40 -11.26
CA VAL C 136 27.91 15.32 -10.78
C VAL C 136 27.13 14.04 -11.04
N ASN C 137 27.31 13.46 -12.24
CA ASN C 137 26.52 12.34 -12.74
C ASN C 137 27.09 10.91 -12.80
N ASN C 138 26.19 9.95 -12.61
CA ASN C 138 26.41 8.51 -12.69
C ASN C 138 27.46 7.99 -11.74
N PHE C 139 27.23 8.19 -10.49
CA PHE C 139 28.18 7.71 -9.51
C PHE C 139 27.54 6.63 -8.62
N TYR C 140 28.44 5.91 -7.95
CA TYR C 140 28.10 4.87 -7.01
C TYR C 140 29.31 4.57 -6.16
N PRO C 141 29.19 4.49 -4.80
CA PRO C 141 27.98 4.64 -3.97
C PRO C 141 27.38 6.04 -3.81
N LYS C 142 26.19 6.11 -3.19
CA LYS C 142 25.37 7.31 -2.94
C LYS C 142 26.13 8.41 -2.15
N ASP C 143 27.03 8.00 -1.25
CA ASP C 143 27.80 8.93 -0.42
C ASP C 143 28.83 9.73 -1.24
N ILE C 144 28.60 11.05 -1.30
CA ILE C 144 29.40 12.01 -2.04
C ILE C 144 29.39 13.38 -1.33
N ASN C 145 30.44 14.18 -1.52
CA ASN C 145 30.44 15.54 -1.02
C ASN C 145 30.69 16.49 -2.20
N VAL C 146 29.79 17.47 -2.42
CA VAL C 146 29.87 18.39 -3.53
C VAL C 146 29.85 19.80 -3.03
N LYS C 147 30.95 20.55 -3.26
CA LYS C 147 31.01 21.95 -2.80
C LYS C 147 31.42 23.00 -3.82
N TRP C 148 31.00 24.26 -3.55
CA TRP C 148 31.33 25.45 -4.34
C TRP C 148 32.40 26.25 -3.63
N LYS C 149 33.46 26.57 -4.36
CA LYS C 149 34.53 27.45 -3.89
C LYS C 149 34.49 28.67 -4.80
N VAL C 150 34.64 29.85 -4.22
CA VAL C 150 34.67 31.10 -4.98
C VAL C 150 36.01 31.74 -4.60
N ASP C 151 36.93 31.87 -5.59
CA ASP C 151 38.29 32.38 -5.39
C ASP C 151 39.01 31.60 -4.25
N GLY C 152 38.75 30.30 -4.15
CA GLY C 152 39.32 29.40 -3.15
C GLY C 152 38.53 29.25 -1.85
N SER C 153 37.58 30.15 -1.59
CA SER C 153 36.79 30.13 -0.36
C SER C 153 35.48 29.37 -0.52
N GLU C 154 35.22 28.40 0.38
CA GLU C 154 34.00 27.59 0.38
C GLU C 154 32.77 28.51 0.52
N LYS C 155 31.85 28.39 -0.46
CA LYS C 155 30.62 29.16 -0.51
C LYS C 155 29.41 28.26 -0.25
N ARG C 156 28.62 28.60 0.79
CA ARG C 156 27.42 27.87 1.20
C ARG C 156 26.11 28.64 0.99
N ASP C 157 26.14 29.99 1.15
CA ASP C 157 25.02 30.88 0.90
C ASP C 157 24.60 30.81 -0.56
N GLY C 158 23.33 30.55 -0.80
CA GLY C 158 22.79 30.48 -2.16
C GLY C 158 23.01 29.16 -2.87
N VAL C 159 23.47 28.13 -2.17
CA VAL C 159 23.74 26.79 -2.73
C VAL C 159 22.54 25.89 -2.44
N LEU C 160 22.07 25.18 -3.46
CA LEU C 160 20.97 24.18 -3.41
C LEU C 160 21.47 22.93 -4.08
N GLN C 161 21.10 21.77 -3.58
CA GLN C 161 21.50 20.46 -4.11
C GLN C 161 20.35 19.50 -4.10
N SER C 162 20.36 18.54 -5.03
CA SER C 162 19.37 17.44 -5.09
C SER C 162 19.99 16.24 -5.78
N VAL C 163 19.63 15.04 -5.28
CA VAL C 163 20.15 13.77 -5.79
C VAL C 163 18.99 12.99 -6.41
N THR C 164 19.21 12.39 -7.57
CA THR C 164 18.18 11.54 -8.21
C THR C 164 18.12 10.20 -7.46
N ASP C 165 17.08 9.42 -7.79
CA ASP C 165 16.90 8.09 -7.25
C ASP C 165 17.86 7.18 -7.97
N GLN C 166 17.96 5.92 -7.56
CA GLN C 166 18.82 4.97 -8.25
C GLN C 166 18.32 4.79 -9.74
N ASP C 167 19.21 5.05 -10.73
CA ASP C 167 18.90 4.93 -12.16
C ASP C 167 18.40 3.54 -12.51
N SER C 168 17.33 3.48 -13.33
CA SER C 168 16.65 2.24 -13.74
C SER C 168 17.56 1.33 -14.56
N LYS C 169 18.26 1.95 -15.53
CA LYS C 169 19.22 1.30 -16.40
C LYS C 169 20.51 0.91 -15.63
N ASP C 170 21.34 1.88 -15.23
CA ASP C 170 22.65 1.59 -14.64
C ASP C 170 22.80 1.58 -13.13
N SER C 171 21.72 1.73 -12.35
CA SER C 171 21.72 1.68 -10.88
C SER C 171 22.69 2.67 -10.15
N THR C 172 23.10 3.72 -10.86
CA THR C 172 23.96 4.79 -10.34
C THR C 172 23.09 5.98 -9.91
N TYR C 173 23.72 6.95 -9.21
CA TYR C 173 23.09 8.18 -8.73
C TYR C 173 23.74 9.37 -9.39
N SER C 174 22.97 10.45 -9.54
CA SER C 174 23.45 11.73 -10.08
C SER C 174 22.97 12.84 -9.23
N LEU C 175 23.79 13.88 -9.10
CA LEU C 175 23.56 15.06 -8.31
C LEU C 175 23.72 16.37 -9.14
N SER C 176 22.81 17.33 -8.87
CA SER C 176 22.86 18.71 -9.38
C SER C 176 23.03 19.65 -8.18
N SER C 177 23.99 20.57 -8.25
CA SER C 177 24.27 21.59 -7.23
C SER C 177 24.20 22.96 -7.93
N THR C 178 23.52 23.90 -7.31
CA THR C 178 23.34 25.21 -7.91
C THR C 178 23.81 26.30 -6.97
N LEU C 179 24.61 27.29 -7.50
CA LEU C 179 25.10 28.45 -6.77
C LEU C 179 24.45 29.75 -7.36
N SER C 180 23.51 30.34 -6.63
CA SER C 180 22.83 31.57 -7.05
C SER C 180 23.45 32.80 -6.41
N LEU C 181 23.82 33.79 -7.24
CA LEU C 181 24.43 35.07 -6.82
C LEU C 181 23.71 36.23 -7.52
N THR C 182 24.10 37.47 -7.21
CA THR C 182 23.60 38.63 -7.94
C THR C 182 24.61 38.80 -9.09
N LYS C 183 24.27 39.55 -10.14
CA LYS C 183 25.23 39.76 -11.24
C LYS C 183 26.44 40.53 -10.69
N ALA C 184 26.19 41.48 -9.79
CA ALA C 184 27.22 42.28 -9.13
C ALA C 184 28.21 41.41 -8.34
N ASP C 185 27.69 40.44 -7.53
CA ASP C 185 28.50 39.50 -6.75
C ASP C 185 29.31 38.56 -7.66
N TYR C 186 28.70 38.11 -8.79
CA TYR C 186 29.33 37.22 -9.76
C TYR C 186 30.52 37.90 -10.45
N GLU C 187 30.34 39.17 -10.83
CA GLU C 187 31.34 39.98 -11.52
C GLU C 187 32.52 40.38 -10.61
N ARG C 188 32.33 40.36 -9.28
CA ARG C 188 33.37 40.71 -8.32
C ARG C 188 34.45 39.61 -8.21
N HIS C 189 34.14 38.38 -8.69
CA HIS C 189 35.04 37.24 -8.58
C HIS C 189 35.29 36.61 -9.92
N ASN C 190 36.40 35.87 -10.03
CA ASN C 190 36.80 35.22 -11.27
C ASN C 190 36.86 33.69 -11.22
N LEU C 191 37.27 33.09 -10.09
CA LEU C 191 37.40 31.64 -10.06
C LEU C 191 36.24 30.93 -9.30
N TYR C 192 35.48 30.09 -10.00
CA TYR C 192 34.35 29.36 -9.44
C TYR C 192 34.65 27.91 -9.60
N THR C 193 34.71 27.18 -8.51
CA THR C 193 35.03 25.77 -8.51
C THR C 193 33.91 24.91 -7.95
N CYS C 194 33.67 23.77 -8.60
CA CYS C 194 32.78 22.71 -8.11
C CYS C 194 33.76 21.56 -7.68
N GLU C 195 33.88 21.34 -6.37
CA GLU C 195 34.80 20.36 -5.80
C GLU C 195 34.03 19.14 -5.29
N VAL C 196 34.36 17.98 -5.84
CA VAL C 196 33.69 16.71 -5.55
C VAL C 196 34.61 15.67 -4.85
N THR C 197 34.16 15.16 -3.72
CA THR C 197 34.85 14.14 -2.89
C THR C 197 34.00 12.88 -2.93
N HIS C 198 34.59 11.78 -3.42
CA HIS C 198 33.94 10.47 -3.58
C HIS C 198 34.99 9.38 -3.32
N LYS C 199 34.54 8.23 -2.82
CA LYS C 199 35.34 7.07 -2.45
C LYS C 199 36.21 6.53 -3.59
N THR C 200 35.74 6.72 -4.84
CA THR C 200 36.39 6.27 -6.07
C THR C 200 37.68 7.03 -6.44
N SER C 201 38.03 8.07 -5.68
CA SER C 201 39.24 8.85 -5.93
C SER C 201 39.76 9.42 -4.60
N THR C 202 41.07 9.27 -4.37
CA THR C 202 41.75 9.77 -3.19
C THR C 202 41.82 11.28 -3.26
N ALA C 203 41.96 11.81 -4.47
CA ALA C 203 41.98 13.25 -4.71
C ALA C 203 40.56 13.73 -5.09
N ALA C 204 40.24 14.98 -4.78
CA ALA C 204 38.96 15.58 -5.14
C ALA C 204 38.87 15.81 -6.64
N ILE C 205 37.67 15.65 -7.21
CA ILE C 205 37.41 15.95 -8.61
C ILE C 205 37.08 17.43 -8.59
N VAL C 206 37.81 18.19 -9.37
CA VAL C 206 37.68 19.64 -9.37
C VAL C 206 37.43 20.15 -10.81
N LYS C 207 36.31 20.85 -10.99
CA LYS C 207 35.95 21.51 -12.26
C LYS C 207 35.84 22.99 -11.95
N THR C 208 36.60 23.79 -12.68
CA THR C 208 36.66 25.22 -12.44
C THR C 208 36.14 26.00 -13.63
N LEU C 209 35.75 27.23 -13.37
CA LEU C 209 35.23 28.15 -14.36
C LEU C 209 35.95 29.46 -14.10
N ASN C 210 36.73 29.89 -15.08
CA ASN C 210 37.51 31.10 -14.99
C ASN C 210 36.81 32.15 -15.81
N ARG C 211 36.36 33.19 -15.12
CA ARG C 211 35.55 34.25 -15.67
C ARG C 211 36.30 35.20 -16.56
N ASN C 212 37.65 35.25 -16.42
CA ASN C 212 38.45 36.14 -17.26
C ASN C 212 38.61 35.66 -18.73
N GLU C 213 38.10 34.43 -19.07
CA GLU C 213 38.14 33.83 -20.43
C GLU C 213 36.86 34.14 -21.24
N GLU D 1 -11.75 -5.86 -5.85
CA GLU D 1 -12.84 -6.16 -4.91
C GLU D 1 -13.04 -4.99 -3.94
N VAL D 2 -12.32 -4.96 -2.79
CA VAL D 2 -12.39 -3.85 -1.85
C VAL D 2 -11.67 -2.64 -2.47
N GLN D 3 -12.40 -1.52 -2.62
CA GLN D 3 -11.87 -0.27 -3.20
C GLN D 3 -12.15 0.92 -2.32
N LEU D 4 -11.16 1.82 -2.21
CA LEU D 4 -11.26 3.07 -1.45
C LEU D 4 -10.77 4.19 -2.36
N VAL D 5 -11.63 5.19 -2.65
CA VAL D 5 -11.29 6.31 -3.54
C VAL D 5 -11.44 7.66 -2.88
N GLU D 6 -10.29 8.28 -2.49
CA GLU D 6 -10.24 9.61 -1.89
C GLU D 6 -10.41 10.70 -2.95
N SER D 7 -10.91 11.86 -2.52
CA SER D 7 -11.09 13.05 -3.34
C SER D 7 -11.13 14.26 -2.42
N GLY D 8 -10.93 15.46 -2.98
CA GLY D 8 -11.01 16.71 -2.24
C GLY D 8 -9.70 17.43 -1.98
N GLY D 9 -8.60 16.73 -2.24
CA GLY D 9 -7.27 17.30 -2.07
C GLY D 9 -6.98 18.51 -2.94
N GLY D 10 -5.83 19.14 -2.71
CA GLY D 10 -5.39 20.29 -3.49
C GLY D 10 -4.53 21.28 -2.75
N LEU D 11 -4.25 22.41 -3.42
CA LEU D 11 -3.43 23.49 -2.87
C LEU D 11 -4.33 24.49 -2.18
N VAL D 12 -3.97 24.85 -0.93
CA VAL D 12 -4.74 25.72 -0.06
C VAL D 12 -3.81 26.70 0.74
N GLN D 13 -4.26 27.92 0.93
CA GLN D 13 -3.54 28.94 1.69
C GLN D 13 -3.63 28.61 3.20
N PRO D 14 -2.63 29.01 4.03
CA PRO D 14 -2.71 28.73 5.46
C PRO D 14 -3.92 29.38 6.12
N GLY D 15 -4.57 28.65 7.02
CA GLY D 15 -5.73 29.15 7.77
C GLY D 15 -7.06 28.82 7.15
N LYS D 16 -7.08 28.46 5.86
CA LYS D 16 -8.27 28.11 5.10
C LYS D 16 -8.66 26.63 5.30
N SER D 17 -9.82 26.20 4.74
CA SER D 17 -10.39 24.86 4.90
C SER D 17 -10.51 24.00 3.63
N LEU D 18 -10.51 22.67 3.84
CA LEU D 18 -10.70 21.63 2.81
C LEU D 18 -11.57 20.50 3.37
N LYS D 19 -12.30 19.79 2.50
CA LYS D 19 -13.08 18.63 2.93
C LYS D 19 -12.70 17.43 2.09
N LEU D 20 -12.13 16.41 2.74
CA LEU D 20 -11.72 15.18 2.08
C LEU D 20 -12.83 14.19 2.16
N SER D 21 -13.15 13.54 1.03
CA SER D 21 -14.15 12.47 0.94
C SER D 21 -13.50 11.20 0.51
N CYS D 22 -13.98 10.07 1.02
CA CYS D 22 -13.48 8.76 0.64
C CYS D 22 -14.66 7.88 0.35
N GLU D 23 -14.75 7.35 -0.88
CA GLU D 23 -15.86 6.47 -1.26
C GLU D 23 -15.42 5.00 -1.25
N ALA D 24 -16.15 4.18 -0.48
CA ALA D 24 -15.91 2.75 -0.30
C ALA D 24 -16.78 1.85 -1.19
N SER D 25 -16.23 0.71 -1.61
CA SER D 25 -16.89 -0.31 -2.43
C SER D 25 -16.27 -1.71 -2.24
N GLY D 26 -17.08 -2.73 -2.49
CA GLY D 26 -16.68 -4.12 -2.42
C GLY D 26 -16.72 -4.75 -1.05
N PHE D 27 -17.39 -4.06 -0.07
CA PHE D 27 -17.55 -4.50 1.32
C PHE D 27 -18.67 -3.72 2.02
N THR D 28 -19.19 -4.29 3.11
CA THR D 28 -20.26 -3.68 3.92
C THR D 28 -19.62 -2.62 4.84
N PHE D 29 -19.48 -1.42 4.28
CA PHE D 29 -18.88 -0.24 4.90
C PHE D 29 -19.40 0.04 6.31
N SER D 30 -20.72 -0.07 6.51
CA SER D 30 -21.39 0.16 7.80
C SER D 30 -20.95 -0.78 8.95
N GLY D 31 -20.25 -1.87 8.62
CA GLY D 31 -19.78 -2.84 9.61
C GLY D 31 -18.31 -2.74 9.96
N TYR D 32 -17.66 -1.63 9.56
CA TYR D 32 -16.22 -1.42 9.78
C TYR D 32 -15.83 -0.05 10.31
N GLY D 33 -14.89 -0.05 11.23
CA GLY D 33 -14.27 1.19 11.73
C GLY D 33 -13.28 1.68 10.69
N MET D 34 -13.30 3.01 10.38
CA MET D 34 -12.38 3.59 9.37
C MET D 34 -11.27 4.51 9.89
N HIS D 35 -10.16 4.67 9.10
CA HIS D 35 -8.98 5.47 9.43
C HIS D 35 -8.61 6.48 8.36
N TRP D 36 -7.99 7.59 8.80
CA TRP D 36 -7.36 8.58 7.96
C TRP D 36 -5.92 8.55 8.42
N VAL D 37 -5.00 8.38 7.46
CA VAL D 37 -3.56 8.31 7.67
C VAL D 37 -2.97 9.27 6.70
N ARG D 38 -1.91 9.97 7.09
CA ARG D 38 -1.22 10.89 6.18
C ARG D 38 0.25 10.59 6.07
N GLN D 39 0.84 10.90 4.91
CA GLN D 39 2.26 10.79 4.64
C GLN D 39 2.78 12.13 4.17
N ALA D 40 3.35 12.86 5.12
CA ALA D 40 3.96 14.19 5.00
C ALA D 40 5.38 14.05 4.38
N PRO D 41 5.81 14.95 3.49
CA PRO D 41 7.19 14.83 2.99
C PRO D 41 8.16 15.18 4.11
N GLY D 42 9.15 14.31 4.35
CA GLY D 42 10.17 14.57 5.37
C GLY D 42 9.79 14.41 6.83
N ARG D 43 8.61 13.82 7.11
CA ARG D 43 8.10 13.51 8.44
C ARG D 43 7.48 12.08 8.47
N GLY D 44 7.18 11.55 7.28
CA GLY D 44 6.66 10.21 7.08
C GLY D 44 5.21 9.91 7.40
N LEU D 45 4.91 8.60 7.69
CA LEU D 45 3.55 8.16 7.96
C LEU D 45 3.05 8.43 9.39
N GLU D 46 1.83 8.98 9.50
CA GLU D 46 1.18 9.40 10.72
C GLU D 46 -0.31 9.08 10.65
N SER D 47 -0.87 8.56 11.73
CA SER D 47 -2.31 8.30 11.83
C SER D 47 -2.98 9.63 12.20
N VAL D 48 -4.00 10.01 11.43
CA VAL D 48 -4.72 11.28 11.61
C VAL D 48 -5.95 11.09 12.54
N ALA D 49 -6.89 10.24 12.13
CA ALA D 49 -8.14 10.00 12.84
C ALA D 49 -8.71 8.59 12.66
N TYR D 50 -9.50 8.15 13.67
CA TYR D 50 -10.23 6.88 13.68
C TYR D 50 -11.70 7.12 14.07
N ILE D 51 -12.62 6.47 13.34
CA ILE D 51 -14.06 6.48 13.58
C ILE D 51 -14.57 5.06 13.54
N THR D 52 -15.44 4.71 14.49
CA THR D 52 -16.07 3.39 14.56
C THR D 52 -17.18 3.32 13.50
N SER D 53 -17.71 2.10 13.27
CA SER D 53 -18.79 1.78 12.33
C SER D 53 -20.07 2.60 12.56
N SER D 54 -20.45 2.74 13.82
CA SER D 54 -21.64 3.45 14.29
C SER D 54 -21.40 4.95 14.58
N SER D 55 -20.12 5.41 14.48
CA SER D 55 -19.66 6.78 14.77
C SER D 55 -19.62 7.07 16.28
N ILE D 56 -19.86 6.04 17.13
CA ILE D 56 -19.87 6.15 18.58
C ILE D 56 -18.54 6.66 19.14
N ASN D 57 -17.42 6.03 18.78
CA ASN D 57 -16.12 6.45 19.26
C ASN D 57 -15.27 7.01 18.13
N ILE D 58 -14.72 8.21 18.38
CA ILE D 58 -13.88 8.94 17.45
C ILE D 58 -12.56 9.27 18.15
N LYS D 59 -11.45 9.07 17.47
CA LYS D 59 -10.10 9.34 17.99
C LYS D 59 -9.30 10.21 17.02
N TYR D 60 -8.48 11.14 17.54
CA TYR D 60 -7.64 12.04 16.73
C TYR D 60 -6.20 12.03 17.20
N ALA D 61 -5.30 12.44 16.31
CA ALA D 61 -3.90 12.67 16.64
C ALA D 61 -3.89 14.03 17.36
N ASP D 62 -2.96 14.24 18.30
CA ASP D 62 -2.89 15.51 19.03
C ASP D 62 -2.58 16.71 18.13
N ALA D 63 -1.92 16.46 16.98
CA ALA D 63 -1.55 17.44 15.97
C ALA D 63 -2.78 18.03 15.27
N VAL D 64 -3.89 17.25 15.22
CA VAL D 64 -5.12 17.65 14.54
C VAL D 64 -6.31 17.95 15.45
N LYS D 65 -6.22 17.60 16.74
CA LYS D 65 -7.27 17.81 17.74
C LYS D 65 -7.80 19.25 17.76
N GLY D 66 -9.13 19.37 17.71
CA GLY D 66 -9.84 20.64 17.72
C GLY D 66 -9.77 21.46 16.44
N ARG D 67 -9.30 20.83 15.33
CA ARG D 67 -9.13 21.45 14.01
C ARG D 67 -9.76 20.57 12.93
N PHE D 68 -9.63 19.24 13.09
CA PHE D 68 -10.12 18.27 12.12
C PHE D 68 -11.35 17.55 12.68
N THR D 69 -12.25 17.12 11.77
CA THR D 69 -13.48 16.41 12.11
C THR D 69 -13.81 15.24 11.17
N VAL D 70 -13.76 13.99 11.71
CA VAL D 70 -14.11 12.77 10.98
C VAL D 70 -15.61 12.58 11.11
N SER D 71 -16.22 12.12 10.03
CA SER D 71 -17.64 11.84 9.89
C SER D 71 -17.80 10.78 8.81
N ARG D 72 -18.98 10.15 8.78
CA ARG D 72 -19.29 9.12 7.79
C ARG D 72 -20.76 9.07 7.43
N ASP D 73 -21.05 8.73 6.16
CA ASP D 73 -22.41 8.54 5.68
C ASP D 73 -22.46 7.09 5.24
N ASN D 74 -22.99 6.23 6.13
CA ASN D 74 -23.07 4.79 5.87
C ASN D 74 -24.05 4.42 4.78
N ALA D 75 -25.08 5.28 4.59
CA ALA D 75 -26.09 5.11 3.56
C ALA D 75 -25.49 5.36 2.18
N LYS D 76 -24.49 6.25 2.10
CA LYS D 76 -23.83 6.61 0.83
C LYS D 76 -22.41 6.05 0.69
N ASN D 77 -21.98 5.18 1.66
CA ASN D 77 -20.64 4.53 1.73
C ASN D 77 -19.48 5.55 1.65
N LEU D 78 -19.58 6.62 2.44
CA LEU D 78 -18.62 7.71 2.45
C LEU D 78 -18.00 8.01 3.81
N LEU D 79 -16.69 8.26 3.79
CA LEU D 79 -15.88 8.68 4.91
C LEU D 79 -15.49 10.14 4.62
N PHE D 80 -15.51 11.00 5.64
CA PHE D 80 -15.12 12.40 5.45
C PHE D 80 -14.10 12.85 6.45
N LEU D 81 -13.31 13.85 6.05
CA LEU D 81 -12.36 14.50 6.93
C LEU D 81 -12.45 16.03 6.69
N GLN D 82 -13.10 16.74 7.64
CA GLN D 82 -13.22 18.21 7.59
C GLN D 82 -11.95 18.79 8.17
N MET D 83 -11.13 19.42 7.33
CA MET D 83 -9.84 19.98 7.71
C MET D 83 -9.99 21.50 7.82
N ASN D 84 -9.92 22.04 9.06
CA ASN D 84 -10.06 23.50 9.31
C ASN D 84 -8.76 24.11 9.87
N ILE D 85 -8.55 25.46 9.68
CA ILE D 85 -7.38 26.25 10.14
C ILE D 85 -6.08 25.54 9.74
N LEU D 86 -5.86 25.42 8.43
CA LEU D 86 -4.73 24.68 7.90
C LEU D 86 -3.37 25.29 8.06
N LYS D 87 -2.40 24.46 8.49
CA LYS D 87 -0.99 24.82 8.71
C LYS D 87 -0.17 24.13 7.65
N SER D 88 1.05 24.62 7.37
CA SER D 88 1.95 24.00 6.40
C SER D 88 2.35 22.59 6.85
N GLU D 89 2.25 22.33 8.15
CA GLU D 89 2.55 21.04 8.79
C GLU D 89 1.53 19.98 8.37
N ASP D 90 0.39 20.40 7.79
CA ASP D 90 -0.66 19.49 7.30
C ASP D 90 -0.45 19.07 5.84
N THR D 91 0.63 19.58 5.20
CA THR D 91 0.98 19.21 3.83
C THR D 91 1.41 17.75 3.86
N ALA D 92 0.66 16.90 3.12
CA ALA D 92 0.85 15.47 3.09
C ALA D 92 -0.04 14.84 2.06
N MET D 93 0.22 13.53 1.82
CA MET D 93 -0.62 12.67 1.01
C MET D 93 -1.58 12.10 2.08
N TYR D 94 -2.89 12.18 1.86
CA TYR D 94 -3.89 11.70 2.82
C TYR D 94 -4.55 10.44 2.31
N TYR D 95 -4.62 9.42 3.16
CA TYR D 95 -5.22 8.12 2.83
C TYR D 95 -6.35 7.74 3.75
N CYS D 96 -7.42 7.16 3.20
CA CYS D 96 -8.44 6.55 4.03
C CYS D 96 -8.09 5.05 4.05
N ALA D 97 -8.22 4.41 5.20
CA ALA D 97 -7.85 3.02 5.33
C ALA D 97 -8.72 2.23 6.26
N ARG D 98 -8.90 0.93 5.96
CA ARG D 98 -9.59 -0.04 6.80
C ARG D 98 -8.51 -1.02 7.29
N PHE D 99 -8.40 -1.15 8.60
CA PHE D 99 -7.44 -2.04 9.24
C PHE D 99 -8.15 -3.20 9.91
N ASP D 100 -7.80 -4.43 9.50
CA ASP D 100 -8.28 -5.70 10.06
C ASP D 100 -7.12 -6.34 10.80
N TRP D 101 -7.33 -7.53 11.37
CA TRP D 101 -6.35 -8.29 12.16
C TRP D 101 -5.09 -8.62 11.37
N ASP D 102 -5.26 -9.13 10.14
CA ASP D 102 -4.22 -9.68 9.27
C ASP D 102 -4.15 -9.10 7.88
N LYS D 103 -4.83 -7.94 7.66
CA LYS D 103 -5.06 -7.27 6.37
C LYS D 103 -5.37 -5.78 6.56
N ASN D 104 -5.14 -5.00 5.51
CA ASN D 104 -5.43 -3.57 5.43
C ASN D 104 -5.59 -3.12 3.99
N TYR D 105 -6.46 -2.13 3.83
CA TYR D 105 -6.90 -1.61 2.54
C TYR D 105 -6.73 -0.12 2.58
N TRP D 106 -6.04 0.42 1.60
CA TRP D 106 -5.75 1.84 1.51
C TRP D 106 -6.31 2.37 0.24
N GLY D 107 -6.60 3.66 0.22
CA GLY D 107 -7.02 4.31 -1.02
C GLY D 107 -5.80 4.69 -1.83
N GLN D 108 -6.00 5.47 -2.91
CA GLN D 108 -4.93 5.95 -3.79
C GLN D 108 -4.17 7.11 -3.14
N GLY D 109 -4.88 7.88 -2.29
CA GLY D 109 -4.40 9.07 -1.60
C GLY D 109 -4.67 10.34 -2.39
N THR D 110 -4.85 11.49 -1.68
CA THR D 110 -4.98 12.83 -2.27
C THR D 110 -3.99 13.74 -1.64
N MET D 111 -3.19 14.45 -2.43
CA MET D 111 -2.24 15.41 -1.92
C MET D 111 -2.97 16.66 -1.47
N VAL D 112 -2.60 17.13 -0.27
CA VAL D 112 -3.05 18.37 0.33
C VAL D 112 -1.78 19.21 0.49
N THR D 113 -1.73 20.36 -0.19
CA THR D 113 -0.57 21.27 -0.17
C THR D 113 -0.97 22.58 0.52
N VAL D 114 -0.36 22.88 1.67
CA VAL D 114 -0.64 24.12 2.38
C VAL D 114 0.51 25.09 2.17
N SER D 115 0.24 26.29 1.62
CA SER D 115 1.29 27.28 1.30
C SER D 115 0.72 28.66 1.02
N SER D 116 1.49 29.69 1.39
CA SER D 116 1.17 31.09 1.20
C SER D 116 1.89 31.63 -0.03
N ALA D 117 2.61 30.75 -0.78
CA ALA D 117 3.34 31.15 -1.98
C ALA D 117 2.41 31.49 -3.11
N LYS D 118 2.89 32.30 -4.07
CA LYS D 118 2.11 32.81 -5.21
C LYS D 118 2.47 32.12 -6.51
N THR D 119 1.46 31.83 -7.40
CA THR D 119 1.72 31.23 -8.72
C THR D 119 2.78 32.03 -9.53
N THR D 120 3.90 31.38 -9.83
CA THR D 120 5.01 32.02 -10.53
C THR D 120 5.47 31.17 -11.69
N ALA D 121 5.64 31.80 -12.86
CA ALA D 121 6.13 31.13 -14.08
C ALA D 121 7.63 30.96 -13.97
N PRO D 122 8.18 29.79 -14.37
CA PRO D 122 9.63 29.60 -14.28
C PRO D 122 10.38 30.37 -15.35
N SER D 123 11.67 30.59 -15.09
CA SER D 123 12.60 31.14 -16.02
C SER D 123 13.44 29.94 -16.46
N VAL D 124 13.53 29.73 -17.78
CA VAL D 124 14.26 28.63 -18.37
C VAL D 124 15.58 29.15 -18.97
N TYR D 125 16.69 28.62 -18.44
CA TYR D 125 18.03 29.03 -18.85
C TYR D 125 18.84 27.87 -19.43
N PRO D 126 19.62 28.13 -20.49
CA PRO D 126 20.43 27.05 -21.08
C PRO D 126 21.71 26.79 -20.32
N LEU D 127 22.15 25.54 -20.33
CA LEU D 127 23.41 25.16 -19.71
C LEU D 127 24.31 24.56 -20.82
N ALA D 128 25.26 25.37 -21.27
CA ALA D 128 26.22 24.96 -22.28
C ALA D 128 27.60 25.27 -21.69
N PRO D 129 28.65 24.44 -21.99
CA PRO D 129 29.99 24.72 -21.43
C PRO D 129 30.60 26.01 -21.93
N ALA D 130 31.45 26.63 -21.11
CA ALA D 130 32.14 27.87 -21.47
C ALA D 130 33.57 27.58 -21.97
N CYS D 131 34.33 28.68 -22.27
CA CYS D 131 35.73 28.84 -22.68
C CYS D 131 35.93 29.74 -23.89
N THR D 137 39.88 13.44 -22.04
CA THR D 137 38.45 13.60 -22.32
C THR D 137 37.61 12.32 -22.05
N THR D 138 36.34 12.30 -22.54
CA THR D 138 35.39 11.18 -22.43
C THR D 138 34.62 10.93 -23.74
N ASN D 139 34.82 11.82 -24.75
CA ASN D 139 34.17 11.82 -26.07
C ASN D 139 32.66 12.13 -25.96
N THR D 140 32.26 12.72 -24.80
CA THR D 140 30.91 13.18 -24.52
C THR D 140 30.88 14.64 -24.06
N VAL D 141 29.75 15.30 -24.25
CA VAL D 141 29.48 16.67 -23.80
C VAL D 141 28.15 16.70 -23.04
N THR D 142 28.11 17.39 -21.91
CA THR D 142 26.92 17.54 -21.09
C THR D 142 26.33 18.94 -21.21
N LEU D 143 25.04 19.01 -21.42
CA LEU D 143 24.31 20.26 -21.53
C LEU D 143 23.17 20.20 -20.52
N GLY D 144 22.30 21.20 -20.53
CA GLY D 144 21.15 21.17 -19.65
C GLY D 144 20.26 22.38 -19.67
N CYS D 145 19.32 22.39 -18.72
CA CYS D 145 18.35 23.44 -18.49
C CYS D 145 18.20 23.70 -17.04
N LEU D 146 18.08 24.97 -16.71
CA LEU D 146 17.83 25.42 -15.35
C LEU D 146 16.42 26.02 -15.38
N VAL D 147 15.53 25.46 -14.55
CA VAL D 147 14.13 25.88 -14.51
C VAL D 147 13.98 26.51 -13.14
N LYS D 148 14.14 27.83 -13.15
CA LYS D 148 14.23 28.65 -11.95
C LYS D 148 12.98 29.40 -11.50
N GLY D 149 12.78 29.39 -10.16
CA GLY D 149 11.76 30.08 -9.39
C GLY D 149 10.34 29.97 -9.87
N TYR D 150 9.76 28.76 -9.80
CA TYR D 150 8.36 28.51 -10.16
C TYR D 150 7.57 28.12 -8.93
N PHE D 151 6.24 28.22 -9.06
CA PHE D 151 5.30 27.81 -8.04
C PHE D 151 3.90 27.79 -8.67
N PRO D 152 3.07 26.77 -8.45
CA PRO D 152 3.30 25.54 -7.68
C PRO D 152 3.99 24.45 -8.46
N GLU D 153 4.18 23.27 -7.88
CA GLU D 153 4.66 22.08 -8.58
C GLU D 153 3.45 21.55 -9.38
N PRO D 154 3.59 20.85 -10.53
CA PRO D 154 4.84 20.41 -11.17
C PRO D 154 5.23 21.19 -12.41
N VAL D 155 6.42 20.85 -12.91
CA VAL D 155 6.94 21.24 -14.21
C VAL D 155 7.22 19.93 -14.93
N THR D 156 7.13 19.94 -16.25
CA THR D 156 7.49 18.79 -17.04
C THR D 156 8.66 19.21 -17.89
N VAL D 157 9.73 18.40 -17.88
CA VAL D 157 10.93 18.67 -18.69
C VAL D 157 11.13 17.50 -19.66
N ILE D 158 11.38 17.81 -20.93
CA ILE D 158 11.69 16.85 -21.98
C ILE D 158 12.86 17.38 -22.84
N TRP D 159 13.44 16.51 -23.67
CA TRP D 159 14.51 16.86 -24.61
C TRP D 159 14.07 16.38 -25.94
N ASN D 160 14.13 17.29 -26.91
CA ASN D 160 13.77 17.09 -28.30
C ASN D 160 12.38 16.46 -28.45
N SER D 161 11.42 17.06 -27.75
CA SER D 161 9.99 16.67 -27.74
C SER D 161 9.72 15.25 -27.18
N GLY D 162 10.65 14.73 -26.39
CA GLY D 162 10.55 13.42 -25.77
C GLY D 162 11.26 12.31 -26.49
N ALA D 163 11.88 12.62 -27.65
CA ALA D 163 12.58 11.63 -28.44
C ALA D 163 13.91 11.27 -27.80
N LEU D 164 14.53 12.26 -27.13
CA LEU D 164 15.79 12.08 -26.47
C LEU D 164 15.60 11.80 -24.98
N THR D 165 15.76 10.53 -24.58
CA THR D 165 15.65 10.14 -23.17
C THR D 165 16.97 9.53 -22.73
N SER D 166 17.73 8.98 -23.68
CA SER D 166 19.02 8.41 -23.35
C SER D 166 20.01 9.52 -22.91
N GLY D 167 20.70 9.29 -21.80
CA GLY D 167 21.66 10.25 -21.26
C GLY D 167 21.06 11.45 -20.52
N VAL D 168 19.73 11.40 -20.27
CA VAL D 168 18.98 12.47 -19.60
C VAL D 168 18.88 12.15 -18.13
N HIS D 169 18.97 13.19 -17.27
CA HIS D 169 18.79 13.15 -15.82
C HIS D 169 17.99 14.37 -15.46
N THR D 170 16.77 14.20 -14.96
CA THR D 170 15.93 15.30 -14.50
C THR D 170 15.95 15.18 -12.99
N PHE D 171 16.40 16.25 -12.32
CA PHE D 171 16.61 16.24 -10.89
C PHE D 171 15.37 16.61 -10.10
N PRO D 172 15.26 16.10 -8.85
CA PRO D 172 14.09 16.49 -8.02
C PRO D 172 14.15 17.97 -7.74
N SER D 173 13.00 18.64 -7.72
CA SER D 173 13.00 20.08 -7.45
C SER D 173 13.46 20.43 -5.99
N VAL D 174 13.89 21.67 -5.78
CA VAL D 174 14.31 22.12 -4.46
C VAL D 174 13.49 23.36 -4.14
N LEU D 175 12.91 23.40 -2.96
CA LEU D 175 12.13 24.53 -2.51
C LEU D 175 13.03 25.47 -1.70
N HIS D 176 13.00 26.76 -2.06
CA HIS D 176 13.74 27.81 -1.37
C HIS D 176 13.00 29.14 -1.48
N SER D 177 12.78 29.80 -0.34
CA SER D 177 12.08 31.10 -0.24
C SER D 177 10.67 31.05 -0.88
N GLY D 178 10.02 29.91 -0.70
CA GLY D 178 8.68 29.67 -1.20
C GLY D 178 8.59 29.24 -2.65
N LEU D 179 9.68 29.38 -3.43
CA LEU D 179 9.70 29.00 -4.86
C LEU D 179 10.52 27.76 -5.15
N TYR D 180 10.25 27.08 -6.27
CA TYR D 180 10.92 25.85 -6.68
C TYR D 180 11.86 26.07 -7.84
N SER D 181 12.93 25.29 -7.84
CA SER D 181 13.92 25.27 -8.89
C SER D 181 14.20 23.82 -9.20
N LEU D 182 14.49 23.55 -10.47
CA LEU D 182 14.79 22.23 -10.93
C LEU D 182 15.75 22.36 -12.12
N SER D 183 16.57 21.33 -12.32
CA SER D 183 17.49 21.32 -13.42
C SER D 183 17.43 19.96 -14.11
N SER D 184 17.92 19.90 -15.36
CA SER D 184 17.99 18.66 -16.10
C SER D 184 19.29 18.66 -16.90
N SER D 185 19.96 17.51 -16.94
CA SER D 185 21.20 17.33 -17.69
C SER D 185 21.00 16.30 -18.82
N VAL D 186 21.65 16.52 -19.95
CA VAL D 186 21.63 15.65 -21.13
C VAL D 186 23.07 15.41 -21.64
N THR D 187 23.51 14.14 -21.63
CA THR D 187 24.85 13.79 -22.10
C THR D 187 24.76 13.10 -23.47
N VAL D 188 25.51 13.65 -24.43
CA VAL D 188 25.50 13.16 -25.83
C VAL D 188 26.95 12.96 -26.31
N PRO D 189 27.24 12.10 -27.31
CA PRO D 189 28.62 12.04 -27.84
C PRO D 189 29.02 13.43 -28.34
N SER D 190 30.25 13.86 -28.05
CA SER D 190 30.70 15.21 -28.44
C SER D 190 30.70 15.53 -29.97
N SER D 191 30.84 14.51 -30.82
CA SER D 191 30.81 14.72 -32.29
C SER D 191 29.36 15.06 -32.78
N THR D 192 28.39 14.81 -31.92
CA THR D 192 26.96 14.95 -32.21
C THR D 192 26.39 16.33 -31.81
N TRP D 193 27.25 17.17 -31.19
CA TRP D 193 26.78 18.48 -30.77
C TRP D 193 27.85 19.49 -31.11
N PRO D 194 27.49 20.61 -31.76
CA PRO D 194 26.14 21.06 -32.12
C PRO D 194 25.58 20.57 -33.47
N SER D 195 26.24 19.61 -34.17
CA SER D 195 25.74 19.12 -35.48
C SER D 195 24.28 18.57 -35.43
N GLN D 196 23.87 18.10 -34.26
CA GLN D 196 22.52 17.58 -33.99
C GLN D 196 21.97 18.35 -32.77
N THR D 197 20.99 19.19 -33.05
CA THR D 197 20.25 20.05 -32.15
C THR D 197 19.80 19.34 -30.87
N VAL D 198 19.96 20.09 -29.75
CA VAL D 198 19.54 19.68 -28.43
C VAL D 198 18.60 20.81 -27.95
N THR D 199 17.32 20.49 -27.70
CA THR D 199 16.34 21.48 -27.25
C THR D 199 15.56 20.95 -26.05
N CYS D 200 15.56 21.69 -24.93
CA CYS D 200 14.78 21.26 -23.81
C CYS D 200 13.41 21.91 -23.90
N ASN D 201 12.38 21.13 -23.55
CA ASN D 201 11.00 21.57 -23.60
C ASN D 201 10.45 21.55 -22.21
N VAL D 202 10.06 22.73 -21.70
CA VAL D 202 9.59 22.91 -20.31
C VAL D 202 8.16 23.40 -20.31
N ALA D 203 7.36 22.81 -19.42
CA ALA D 203 5.95 23.17 -19.28
C ALA D 203 5.58 23.37 -17.84
N HIS D 204 5.02 24.55 -17.51
CA HIS D 204 4.48 24.82 -16.18
C HIS D 204 3.00 25.12 -16.42
N PRO D 205 2.16 24.08 -16.34
CA PRO D 205 0.73 24.26 -16.63
C PRO D 205 0.02 25.36 -15.84
N ALA D 206 0.34 25.45 -14.52
CA ALA D 206 -0.22 26.42 -13.58
C ALA D 206 -0.11 27.88 -14.06
N SER D 207 1.01 28.22 -14.71
CA SER D 207 1.25 29.57 -15.26
C SER D 207 1.06 29.59 -16.76
N SER D 208 0.61 28.47 -17.36
CA SER D 208 0.40 28.31 -18.80
C SER D 208 1.69 28.57 -19.60
N THR D 209 2.81 28.07 -19.07
CA THR D 209 4.14 28.21 -19.65
C THR D 209 4.51 26.96 -20.42
N THR D 210 4.88 27.14 -21.68
CA THR D 210 5.39 26.12 -22.60
C THR D 210 6.53 26.80 -23.28
N VAL D 211 7.75 26.43 -22.87
CA VAL D 211 8.97 27.03 -23.37
C VAL D 211 9.84 25.94 -24.00
N ASP D 212 10.46 26.28 -25.12
CA ASP D 212 11.44 25.46 -25.81
C ASP D 212 12.70 26.25 -25.84
N LEU D 213 13.82 25.63 -25.46
CA LEU D 213 15.09 26.34 -25.42
C LEU D 213 16.21 25.53 -26.04
N LYS D 214 16.68 25.99 -27.22
CA LYS D 214 17.78 25.35 -27.96
C LYS D 214 19.12 25.66 -27.31
N ILE D 215 19.92 24.58 -27.04
CA ILE D 215 21.22 24.66 -26.38
C ILE D 215 22.33 25.16 -27.33
N GLU D 216 22.92 26.33 -26.97
CA GLU D 216 23.94 27.13 -27.71
C GLU D 216 23.56 27.20 -29.18
N ASP E 1 -18.70 51.30 -6.30
CA ASP E 1 -19.34 50.54 -7.38
C ASP E 1 -20.67 51.20 -7.83
N ILE E 2 -20.66 51.87 -9.00
CA ILE E 2 -21.83 52.56 -9.57
C ILE E 2 -22.71 51.54 -10.29
N GLN E 3 -23.99 51.44 -9.93
CA GLN E 3 -24.88 50.46 -10.59
C GLN E 3 -25.57 51.06 -11.78
N MET E 4 -25.40 50.42 -12.95
CA MET E 4 -25.97 50.83 -14.23
C MET E 4 -27.26 50.08 -14.52
N THR E 5 -28.33 50.85 -14.78
CA THR E 5 -29.67 50.35 -15.07
C THR E 5 -29.98 50.56 -16.55
N GLN E 6 -30.65 49.60 -17.18
CA GLN E 6 -31.02 49.75 -18.59
C GLN E 6 -32.46 49.39 -18.85
N SER E 7 -33.17 50.30 -19.54
CA SER E 7 -34.56 50.09 -19.91
C SER E 7 -34.82 50.41 -21.41
N PRO E 8 -35.62 49.59 -22.13
CA PRO E 8 -36.25 48.33 -21.68
C PRO E 8 -35.27 47.15 -21.73
N SER E 9 -35.69 45.96 -21.28
CA SER E 9 -34.83 44.77 -21.35
C SER E 9 -34.80 44.26 -22.81
N SER E 10 -35.96 44.29 -23.49
CA SER E 10 -36.17 43.91 -24.90
C SER E 10 -36.99 45.00 -25.59
N LEU E 11 -36.70 45.23 -26.88
CA LEU E 11 -37.39 46.23 -27.67
C LEU E 11 -37.80 45.74 -29.06
N PRO E 12 -39.10 45.38 -29.27
CA PRO E 12 -39.54 45.01 -30.63
C PRO E 12 -39.69 46.25 -31.51
N ALA E 13 -39.04 46.24 -32.67
CA ALA E 13 -39.06 47.33 -33.63
C ALA E 13 -39.26 46.79 -35.04
N SER E 14 -39.48 47.70 -36.00
CA SER E 14 -39.62 47.38 -37.41
C SER E 14 -38.47 48.06 -38.15
N LEU E 15 -38.10 47.57 -39.35
CA LEU E 15 -37.01 48.18 -40.11
C LEU E 15 -37.42 49.57 -40.54
N GLY E 16 -36.49 50.52 -40.41
CA GLY E 16 -36.71 51.91 -40.74
C GLY E 16 -37.22 52.74 -39.59
N ASP E 17 -37.57 52.10 -38.46
CA ASP E 17 -38.06 52.77 -37.26
C ASP E 17 -36.95 53.52 -36.48
N ARG E 18 -37.34 54.64 -35.83
CA ARG E 18 -36.48 55.38 -34.90
C ARG E 18 -36.59 54.64 -33.56
N VAL E 19 -35.45 54.23 -32.99
CA VAL E 19 -35.36 53.43 -31.77
C VAL E 19 -34.52 54.12 -30.71
N THR E 20 -35.04 54.18 -29.44
CA THR E 20 -34.35 54.77 -28.28
C THR E 20 -34.27 53.83 -27.05
N ILE E 21 -33.05 53.53 -26.60
CA ILE E 21 -32.75 52.73 -25.41
C ILE E 21 -32.34 53.73 -24.31
N ASN E 22 -32.71 53.44 -23.04
CA ASN E 22 -32.36 54.28 -21.90
C ASN E 22 -31.41 53.61 -20.93
N CYS E 23 -30.50 54.41 -20.40
CA CYS E 23 -29.51 54.00 -19.41
C CYS E 23 -29.60 54.93 -18.17
N GLN E 24 -29.57 54.35 -16.94
CA GLN E 24 -29.55 55.13 -15.70
C GLN E 24 -28.44 54.68 -14.76
N ALA E 25 -27.63 55.66 -14.31
CA ALA E 25 -26.50 55.48 -13.38
C ALA E 25 -26.97 55.69 -11.95
N SER E 26 -26.37 54.96 -10.98
CA SER E 26 -26.76 55.09 -9.56
C SER E 26 -26.37 56.43 -8.94
N GLN E 27 -25.39 57.11 -9.54
CA GLN E 27 -24.86 58.43 -9.14
C GLN E 27 -24.24 59.12 -10.36
N ASP E 28 -23.91 60.43 -10.24
CA ASP E 28 -23.33 61.22 -11.32
C ASP E 28 -22.04 60.64 -11.90
N ILE E 29 -22.00 60.49 -13.23
CA ILE E 29 -20.86 59.94 -13.95
C ILE E 29 -20.17 60.96 -14.85
N SER E 30 -20.66 62.23 -14.77
CA SER E 30 -20.23 63.45 -15.46
C SER E 30 -19.86 63.20 -16.92
N ASN E 31 -20.85 62.63 -17.65
CA ASN E 31 -20.86 62.29 -19.07
C ASN E 31 -19.98 61.14 -19.52
N TYR E 32 -19.22 60.52 -18.61
CA TYR E 32 -18.38 59.38 -18.93
C TYR E 32 -19.19 58.10 -19.06
N LEU E 33 -19.91 58.01 -20.20
CA LEU E 33 -20.80 56.93 -20.62
C LEU E 33 -20.58 56.55 -22.07
N ASN E 34 -20.42 55.22 -22.29
CA ASN E 34 -20.21 54.55 -23.57
C ASN E 34 -21.39 53.66 -23.94
N TRP E 35 -21.67 53.56 -25.23
CA TRP E 35 -22.68 52.64 -25.76
C TRP E 35 -21.99 51.62 -26.71
N TYR E 36 -22.22 50.32 -26.43
CA TYR E 36 -21.69 49.20 -27.22
C TYR E 36 -22.78 48.40 -27.83
N GLN E 37 -22.47 47.81 -28.98
CA GLN E 37 -23.33 46.88 -29.66
C GLN E 37 -22.63 45.52 -29.54
N GLN E 38 -23.42 44.48 -29.31
CA GLN E 38 -22.86 43.14 -29.30
C GLN E 38 -23.72 42.13 -30.08
N LYS E 39 -23.07 41.44 -31.01
CA LYS E 39 -23.68 40.40 -31.82
C LYS E 39 -23.11 39.04 -31.39
N PRO E 40 -23.92 37.94 -31.46
CA PRO E 40 -23.43 36.62 -31.02
C PRO E 40 -22.08 36.17 -31.59
N GLY E 41 -21.23 35.66 -30.71
CA GLY E 41 -19.91 35.16 -31.08
C GLY E 41 -18.84 36.22 -31.25
N LYS E 42 -19.23 37.50 -31.17
CA LYS E 42 -18.31 38.62 -31.34
C LYS E 42 -18.13 39.50 -30.11
N ALA E 43 -16.97 40.19 -30.03
CA ALA E 43 -16.62 41.11 -28.95
C ALA E 43 -17.52 42.35 -28.98
N PRO E 44 -17.71 43.10 -27.89
CA PRO E 44 -18.53 44.31 -27.98
C PRO E 44 -17.89 45.35 -28.91
N LYS E 45 -18.72 46.16 -29.56
CA LYS E 45 -18.24 47.19 -30.48
C LYS E 45 -18.72 48.52 -29.99
N LEU E 46 -17.80 49.46 -29.80
CA LEU E 46 -18.12 50.80 -29.33
C LEU E 46 -18.78 51.62 -30.42
N LEU E 47 -19.94 52.20 -30.10
CA LEU E 47 -20.69 53.04 -31.03
C LEU E 47 -20.67 54.49 -30.58
N ILE E 48 -20.95 54.73 -29.30
CA ILE E 48 -20.98 56.06 -28.67
C ILE E 48 -20.02 56.12 -27.50
N TYR E 49 -19.31 57.25 -27.34
CA TYR E 49 -18.42 57.53 -26.21
C TYR E 49 -18.71 58.93 -25.69
N TYR E 50 -18.42 59.16 -24.40
CA TYR E 50 -18.64 60.45 -23.73
C TYR E 50 -20.06 60.97 -23.92
N THR E 51 -21.03 60.08 -23.65
CA THR E 51 -22.48 60.29 -23.74
C THR E 51 -23.04 60.47 -25.15
N ASN E 52 -22.43 61.37 -25.98
CA ASN E 52 -22.95 61.71 -27.30
C ASN E 52 -21.97 61.78 -28.49
N LYS E 53 -20.79 61.21 -28.35
CA LYS E 53 -19.84 61.27 -29.47
C LYS E 53 -19.73 59.96 -30.23
N LEU E 54 -19.87 60.01 -31.57
CA LEU E 54 -19.76 58.83 -32.44
C LEU E 54 -18.33 58.39 -32.60
N ALA E 55 -18.07 57.10 -32.37
CA ALA E 55 -16.77 56.50 -32.55
C ALA E 55 -16.40 56.52 -34.07
N ASP E 56 -15.09 56.41 -34.39
CA ASP E 56 -14.57 56.46 -35.77
C ASP E 56 -15.15 55.34 -36.64
N GLY E 57 -15.69 55.74 -37.80
CA GLY E 57 -16.29 54.85 -38.79
C GLY E 57 -17.68 54.31 -38.50
N VAL E 58 -18.30 54.75 -37.41
CA VAL E 58 -19.65 54.31 -37.01
C VAL E 58 -20.71 55.00 -37.90
N PRO E 59 -21.70 54.23 -38.44
CA PRO E 59 -22.73 54.86 -39.30
C PRO E 59 -23.51 56.01 -38.66
N SER E 60 -23.85 56.99 -39.50
CA SER E 60 -24.56 58.23 -39.15
C SER E 60 -25.88 58.08 -38.41
N ARG E 61 -26.55 56.90 -38.54
CA ARG E 61 -27.85 56.61 -37.91
C ARG E 61 -27.80 56.47 -36.38
N PHE E 62 -26.59 56.43 -35.83
CA PHE E 62 -26.39 56.28 -34.40
C PHE E 62 -26.16 57.63 -33.70
N SER E 63 -26.72 57.77 -32.48
CA SER E 63 -26.58 58.96 -31.64
C SER E 63 -26.85 58.60 -30.18
N GLY E 64 -26.47 59.52 -29.28
CA GLY E 64 -26.65 59.42 -27.84
C GLY E 64 -26.93 60.75 -27.21
N SER E 65 -27.57 60.70 -26.06
CA SER E 65 -27.91 61.86 -25.27
C SER E 65 -27.87 61.47 -23.82
N GLY E 66 -27.94 62.45 -22.94
CA GLY E 66 -27.91 62.25 -21.50
C GLY E 66 -27.85 63.55 -20.74
N SER E 67 -28.11 63.45 -19.42
CA SER E 67 -28.13 64.55 -18.46
C SER E 67 -27.88 64.03 -17.03
N GLY E 68 -26.60 63.94 -16.65
CA GLY E 68 -26.15 63.48 -15.35
C GLY E 68 -26.30 61.99 -15.16
N ARG E 69 -27.37 61.59 -14.44
CA ARG E 69 -27.69 60.18 -14.14
C ARG E 69 -28.43 59.47 -15.30
N ASP E 70 -29.26 60.21 -16.07
CA ASP E 70 -30.05 59.68 -17.20
C ASP E 70 -29.34 59.74 -18.54
N SER E 71 -29.55 58.72 -19.38
CA SER E 71 -28.98 58.64 -20.73
C SER E 71 -29.80 57.83 -21.71
N SER E 72 -29.57 58.09 -23.00
CA SER E 72 -30.27 57.44 -24.10
C SER E 72 -29.34 57.16 -25.24
N PHE E 73 -29.73 56.18 -26.05
CA PHE E 73 -29.06 55.75 -27.28
C PHE E 73 -30.12 55.63 -28.40
N THR E 74 -29.84 56.23 -29.57
CA THR E 74 -30.78 56.26 -30.67
C THR E 74 -30.25 55.73 -32.00
N ILE E 75 -31.10 54.98 -32.71
CA ILE E 75 -30.90 54.49 -34.08
C ILE E 75 -32.03 55.16 -34.84
N SER E 76 -31.69 56.12 -35.73
CA SER E 76 -32.68 56.95 -36.44
C SER E 76 -33.56 56.20 -37.45
N SER E 77 -33.04 55.08 -37.99
CA SER E 77 -33.72 54.24 -38.98
C SER E 77 -33.08 52.86 -38.91
N LEU E 78 -33.74 51.95 -38.20
CA LEU E 78 -33.28 50.59 -37.93
C LEU E 78 -32.99 49.74 -39.16
N GLU E 79 -31.79 49.14 -39.17
CA GLU E 79 -31.31 48.20 -40.19
C GLU E 79 -31.31 46.81 -39.55
N SER E 80 -31.49 45.73 -40.34
CA SER E 80 -31.47 44.35 -39.84
C SER E 80 -30.18 43.98 -39.12
N GLU E 81 -29.04 44.54 -39.57
CA GLU E 81 -27.73 44.35 -38.95
C GLU E 81 -27.64 45.00 -37.55
N ASP E 82 -28.63 45.81 -37.15
CA ASP E 82 -28.66 46.46 -35.84
C ASP E 82 -29.32 45.57 -34.77
N ILE E 83 -29.91 44.45 -35.18
CA ILE E 83 -30.55 43.49 -34.28
C ILE E 83 -29.44 42.74 -33.52
N GLY E 84 -29.44 42.97 -32.21
CA GLY E 84 -28.47 42.44 -31.28
C GLY E 84 -28.66 43.10 -29.93
N SER E 85 -27.60 43.08 -29.10
CA SER E 85 -27.64 43.63 -27.75
C SER E 85 -26.86 44.92 -27.65
N TYR E 86 -27.34 45.79 -26.78
CA TYR E 86 -26.75 47.09 -26.52
C TYR E 86 -26.51 47.28 -25.05
N TYR E 87 -25.28 47.70 -24.75
CA TYR E 87 -24.80 47.92 -23.40
C TYR E 87 -24.33 49.31 -23.20
N CYS E 88 -24.70 49.88 -22.04
CA CYS E 88 -24.17 51.15 -21.62
C CYS E 88 -23.09 50.84 -20.60
N GLN E 89 -22.12 51.74 -20.47
CA GLN E 89 -21.01 51.54 -19.53
C GLN E 89 -20.46 52.88 -19.07
N GLN E 90 -20.26 53.02 -17.73
CA GLN E 90 -19.65 54.20 -17.13
C GLN E 90 -18.16 53.99 -16.97
N TYR E 91 -17.37 55.02 -17.31
CA TYR E 91 -15.92 54.99 -17.18
C TYR E 91 -15.43 56.17 -16.36
N TYR E 92 -16.27 56.58 -15.41
CA TYR E 92 -16.03 57.66 -14.48
C TYR E 92 -15.25 57.15 -13.26
N ASN E 93 -15.59 55.93 -12.79
CA ASN E 93 -14.98 55.30 -11.61
C ASN E 93 -14.72 53.82 -11.84
N TYR E 94 -13.52 53.34 -11.46
CA TYR E 94 -13.16 51.92 -11.56
C TYR E 94 -13.56 51.18 -10.28
N PRO E 95 -14.20 49.99 -10.36
CA PRO E 95 -14.57 49.21 -11.56
C PRO E 95 -15.61 49.82 -12.49
N TRP E 96 -15.30 49.82 -13.80
CA TRP E 96 -16.18 50.31 -14.85
C TRP E 96 -17.30 49.32 -14.98
N THR E 97 -18.52 49.81 -14.83
CA THR E 97 -19.68 48.96 -14.79
C THR E 97 -20.52 49.11 -16.02
N PHE E 98 -21.11 47.99 -16.43
CA PHE E 98 -21.97 47.94 -17.59
C PHE E 98 -23.42 47.71 -17.14
N GLY E 99 -24.36 48.15 -17.96
CA GLY E 99 -25.78 47.88 -17.76
C GLY E 99 -26.11 46.45 -18.17
N PRO E 100 -27.29 45.90 -17.76
CA PRO E 100 -27.64 44.51 -18.13
C PRO E 100 -27.74 44.22 -19.64
N GLY E 101 -28.06 45.24 -20.41
CA GLY E 101 -28.24 45.13 -21.85
C GLY E 101 -29.69 45.28 -22.26
N THR E 102 -29.87 45.71 -23.51
CA THR E 102 -31.17 45.82 -24.15
C THR E 102 -31.08 45.04 -25.43
N LYS E 103 -32.01 44.09 -25.59
CA LYS E 103 -32.10 43.29 -26.82
C LYS E 103 -33.07 43.98 -27.70
N LEU E 104 -32.66 44.15 -28.94
CA LEU E 104 -33.51 44.70 -29.97
C LEU E 104 -34.04 43.50 -30.70
N GLU E 105 -35.28 43.58 -31.17
CA GLU E 105 -35.89 42.50 -31.96
C GLU E 105 -36.90 43.06 -32.95
N ILE E 106 -37.29 42.22 -33.91
CA ILE E 106 -38.22 42.60 -34.93
C ILE E 106 -39.63 42.40 -34.46
N LYS E 107 -40.45 43.47 -34.50
CA LYS E 107 -41.89 43.48 -34.20
C LYS E 107 -42.56 42.61 -35.24
N ARG E 108 -43.55 41.87 -34.83
CA ARG E 108 -44.20 40.88 -35.67
C ARG E 108 -45.61 40.63 -35.12
N ALA E 109 -46.46 39.94 -35.89
CA ALA E 109 -47.80 39.59 -35.47
C ALA E 109 -47.70 38.46 -34.45
N ASP E 110 -48.72 38.30 -33.58
CA ASP E 110 -48.69 37.21 -32.59
C ASP E 110 -48.78 35.87 -33.29
N ALA E 111 -48.08 34.86 -32.76
CA ALA E 111 -48.08 33.53 -33.39
C ALA E 111 -48.13 32.47 -32.36
N LYS E 112 -49.09 31.55 -32.51
CA LYS E 112 -49.33 30.43 -31.62
C LYS E 112 -48.22 29.41 -31.76
N PRO E 113 -47.68 28.88 -30.64
CA PRO E 113 -46.65 27.85 -30.76
C PRO E 113 -47.21 26.53 -31.29
N THR E 114 -46.35 25.74 -31.90
CA THR E 114 -46.69 24.40 -32.34
C THR E 114 -45.95 23.52 -31.33
N VAL E 115 -46.72 22.83 -30.48
CA VAL E 115 -46.17 21.99 -29.44
C VAL E 115 -46.14 20.52 -29.87
N SER E 116 -44.96 19.86 -29.76
CA SER E 116 -44.82 18.43 -30.08
C SER E 116 -44.03 17.78 -28.97
N ILE E 117 -44.58 16.68 -28.41
CA ILE E 117 -43.99 15.91 -27.32
C ILE E 117 -43.41 14.61 -27.86
N PHE E 118 -42.26 14.19 -27.33
CA PHE E 118 -41.59 12.97 -27.82
C PHE E 118 -41.22 12.02 -26.72
N PRO E 119 -41.47 10.72 -26.87
CA PRO E 119 -41.03 9.78 -25.84
C PRO E 119 -39.51 9.51 -25.90
N PRO E 120 -38.89 8.90 -24.88
CA PRO E 120 -37.49 8.49 -25.04
C PRO E 120 -37.43 7.45 -26.17
N SER E 121 -36.34 7.49 -26.97
CA SER E 121 -36.17 6.53 -28.04
C SER E 121 -35.85 5.13 -27.43
N SER E 122 -36.14 4.05 -28.17
CA SER E 122 -35.87 2.68 -27.69
C SER E 122 -34.35 2.44 -27.58
N GLU E 123 -33.59 3.19 -28.39
CA GLU E 123 -32.14 3.16 -28.42
C GLU E 123 -31.59 3.73 -27.10
N GLN E 124 -32.20 4.82 -26.60
CA GLN E 124 -31.78 5.43 -25.34
C GLN E 124 -32.17 4.56 -24.17
N LEU E 125 -33.38 3.98 -24.22
CA LEU E 125 -33.91 3.11 -23.16
C LEU E 125 -33.04 1.87 -22.98
N GLY E 126 -32.39 1.44 -24.05
CA GLY E 126 -31.47 0.30 -24.05
C GLY E 126 -30.22 0.58 -23.24
N THR E 127 -29.90 1.89 -23.06
CA THR E 127 -28.75 2.37 -22.30
C THR E 127 -29.09 2.59 -20.81
N GLY E 128 -30.37 2.40 -20.44
CA GLY E 128 -30.86 2.58 -19.07
C GLY E 128 -31.30 3.98 -18.67
N SER E 129 -31.32 4.92 -19.65
CA SER E 129 -31.71 6.32 -19.46
C SER E 129 -32.96 6.63 -20.27
N ALA E 130 -33.64 7.73 -19.93
CA ALA E 130 -34.84 8.15 -20.66
C ALA E 130 -34.95 9.68 -20.66
N THR E 131 -35.00 10.25 -21.84
CA THR E 131 -35.16 11.68 -21.98
C THR E 131 -36.38 11.97 -22.81
N LEU E 132 -37.29 12.76 -22.25
CA LEU E 132 -38.47 13.19 -22.99
C LEU E 132 -38.17 14.60 -23.51
N VAL E 133 -38.55 14.85 -24.78
CA VAL E 133 -38.33 16.14 -25.39
C VAL E 133 -39.67 16.76 -25.77
N CYS E 134 -39.77 18.07 -25.69
CA CYS E 134 -40.92 18.85 -26.12
C CYS E 134 -40.42 20.05 -26.92
N PHE E 135 -40.85 20.14 -28.19
CA PHE E 135 -40.57 21.28 -29.06
C PHE E 135 -41.80 22.21 -29.09
N VAL E 136 -41.55 23.48 -28.80
CA VAL E 136 -42.56 24.54 -28.77
C VAL E 136 -42.06 25.57 -29.79
N ASN E 137 -42.47 25.40 -31.05
CA ASN E 137 -41.95 26.13 -32.20
C ASN E 137 -42.78 27.26 -32.86
N ASN E 138 -42.06 28.23 -33.39
CA ASN E 138 -42.56 29.37 -34.16
C ASN E 138 -43.64 30.18 -33.47
N PHE E 139 -43.24 30.71 -32.33
CA PHE E 139 -44.13 31.52 -31.53
C PHE E 139 -43.60 32.93 -31.43
N TYR E 140 -44.57 33.83 -31.18
CA TYR E 140 -44.35 35.25 -30.98
C TYR E 140 -45.52 35.82 -30.16
N PRO E 141 -45.24 36.62 -29.10
CA PRO E 141 -43.91 37.06 -28.57
C PRO E 141 -43.03 36.01 -27.86
N LYS E 142 -41.77 36.39 -27.55
CA LYS E 142 -40.74 35.61 -26.84
C LYS E 142 -41.23 35.07 -25.45
N ASP E 143 -42.10 35.82 -24.75
CA ASP E 143 -42.61 35.41 -23.43
C ASP E 143 -43.53 34.18 -23.50
N ILE E 144 -43.08 33.07 -22.92
CA ILE E 144 -43.75 31.79 -22.89
C ILE E 144 -43.43 31.02 -21.60
N ASN E 145 -44.33 30.15 -21.15
CA ASN E 145 -44.05 29.31 -19.98
C ASN E 145 -44.23 27.86 -20.37
N VAL E 146 -43.18 27.05 -20.21
CA VAL E 146 -43.20 25.66 -20.64
C VAL E 146 -42.87 24.76 -19.48
N LYS E 147 -43.81 23.91 -19.06
CA LYS E 147 -43.57 22.99 -17.95
C LYS E 147 -43.90 21.52 -18.19
N TRP E 148 -43.25 20.64 -17.39
CA TRP E 148 -43.43 19.19 -17.39
C TRP E 148 -44.23 18.79 -16.18
N LYS E 149 -45.28 17.99 -16.42
CA LYS E 149 -46.10 17.39 -15.37
C LYS E 149 -45.96 15.89 -15.52
N VAL E 150 -45.77 15.20 -14.41
CA VAL E 150 -45.66 13.74 -14.39
C VAL E 150 -46.74 13.27 -13.43
N ASP E 151 -47.75 12.53 -13.95
CA ASP E 151 -48.93 12.08 -13.20
C ASP E 151 -49.65 13.25 -12.47
N GLY E 152 -49.62 14.41 -13.14
CA GLY E 152 -50.23 15.64 -12.64
C GLY E 152 -49.36 16.52 -11.76
N SER E 153 -48.19 16.01 -11.35
CA SER E 153 -47.28 16.77 -10.52
C SER E 153 -46.20 17.46 -11.33
N GLU E 154 -46.04 18.77 -11.12
CA GLU E 154 -45.04 19.62 -11.77
C GLU E 154 -43.64 19.07 -11.48
N LYS E 155 -42.89 18.76 -12.54
CA LYS E 155 -41.55 18.20 -12.45
C LYS E 155 -40.53 19.22 -12.91
N ARG E 156 -39.59 19.57 -12.02
CA ARG E 156 -38.51 20.52 -12.26
C ARG E 156 -37.12 19.90 -12.32
N ASP E 157 -36.88 18.82 -11.52
CA ASP E 157 -35.63 18.06 -11.49
C ASP E 157 -35.40 17.40 -12.82
N GLY E 158 -34.24 17.65 -13.39
CA GLY E 158 -33.85 17.07 -14.69
C GLY E 158 -34.42 17.75 -15.90
N VAL E 159 -35.00 18.96 -15.72
CA VAL E 159 -35.59 19.77 -16.80
C VAL E 159 -34.60 20.83 -17.25
N LEU E 160 -34.36 20.89 -18.58
CA LEU E 160 -33.49 21.85 -19.25
C LEU E 160 -34.25 22.46 -20.39
N GLN E 161 -34.06 23.75 -20.63
CA GLN E 161 -34.73 24.52 -21.69
C GLN E 161 -33.74 25.44 -22.36
N SER E 162 -34.01 25.76 -23.62
CA SER E 162 -33.25 26.73 -24.41
C SER E 162 -34.13 27.28 -25.52
N VAL E 163 -33.98 28.57 -25.79
CA VAL E 163 -34.76 29.29 -26.80
C VAL E 163 -33.80 29.73 -27.91
N THR E 164 -34.20 29.58 -29.19
CA THR E 164 -33.40 30.03 -30.32
C THR E 164 -33.49 31.55 -30.40
N ASP E 165 -32.61 32.15 -31.22
CA ASP E 165 -32.63 33.59 -31.45
C ASP E 165 -33.81 33.84 -32.40
N GLN E 166 -34.27 35.09 -32.54
CA GLN E 166 -35.36 35.43 -33.45
C GLN E 166 -35.04 35.00 -34.89
N ASP E 167 -35.93 34.17 -35.49
CA ASP E 167 -35.78 33.63 -36.85
C ASP E 167 -35.61 34.70 -37.91
N SER E 168 -34.67 34.49 -38.84
CA SER E 168 -34.34 35.41 -39.94
C SER E 168 -35.51 35.58 -40.93
N LYS E 169 -36.14 34.44 -41.30
CA LYS E 169 -37.25 34.33 -42.24
C LYS E 169 -38.58 34.83 -41.66
N ASP E 170 -39.04 34.26 -40.54
CA ASP E 170 -40.36 34.61 -40.00
C ASP E 170 -40.43 35.49 -38.77
N SER E 171 -39.28 35.76 -38.10
CA SER E 171 -39.18 36.60 -36.88
C SER E 171 -39.85 36.02 -35.63
N THR E 172 -40.03 34.69 -35.61
CA THR E 172 -40.59 34.00 -34.45
C THR E 172 -39.44 33.42 -33.63
N TYR E 173 -39.81 32.82 -32.47
CA TYR E 173 -38.98 32.13 -31.50
C TYR E 173 -39.37 30.68 -31.41
N SER E 174 -38.40 29.83 -30.98
CA SER E 174 -38.62 28.40 -30.81
C SER E 174 -37.97 27.94 -29.56
N LEU E 175 -38.64 27.07 -28.84
CA LEU E 175 -38.12 26.52 -27.60
C LEU E 175 -38.12 24.98 -27.58
N SER E 176 -37.02 24.41 -27.02
CA SER E 176 -36.86 22.99 -26.74
C SER E 176 -36.75 22.84 -25.23
N SER E 177 -37.56 21.94 -24.65
CA SER E 177 -37.54 21.60 -23.22
C SER E 177 -37.30 20.13 -23.11
N THR E 178 -36.44 19.76 -22.21
CA THR E 178 -36.22 18.33 -22.06
C THR E 178 -36.38 17.87 -20.60
N LEU E 179 -36.87 16.67 -20.42
CA LEU E 179 -37.04 16.03 -19.12
C LEU E 179 -36.23 14.71 -19.09
N SER E 180 -35.10 14.71 -18.35
CA SER E 180 -34.25 13.53 -18.23
C SER E 180 -34.53 12.75 -16.96
N LEU E 181 -34.78 11.45 -17.11
CA LEU E 181 -35.06 10.49 -16.04
C LEU E 181 -34.21 9.23 -16.23
N THR E 182 -34.28 8.31 -15.27
CA THR E 182 -33.65 6.99 -15.43
C THR E 182 -34.75 6.14 -16.09
N LYS E 183 -34.41 4.97 -16.67
CA LYS E 183 -35.42 4.12 -17.27
C LYS E 183 -36.38 3.64 -16.16
N ALA E 184 -35.82 3.33 -14.99
CA ALA E 184 -36.58 2.89 -13.83
C ALA E 184 -37.59 3.96 -13.38
N ASP E 185 -37.18 5.24 -13.31
CA ASP E 185 -38.05 6.36 -12.93
C ASP E 185 -39.15 6.60 -13.97
N TYR E 186 -38.83 6.45 -15.26
CA TYR E 186 -39.74 6.61 -16.38
C TYR E 186 -40.84 5.55 -16.36
N GLU E 187 -40.46 4.29 -16.08
CA GLU E 187 -41.36 3.16 -16.02
C GLU E 187 -42.30 3.19 -14.79
N ARG E 188 -41.95 3.94 -13.74
CA ARG E 188 -42.76 4.07 -12.53
C ARG E 188 -44.00 4.95 -12.75
N HIS E 189 -44.01 5.76 -13.82
CA HIS E 189 -45.11 6.67 -14.13
C HIS E 189 -45.69 6.44 -15.53
N ASN E 190 -46.86 7.06 -15.82
CA ASN E 190 -47.58 6.88 -17.08
C ASN E 190 -47.83 8.12 -17.93
N LEU E 191 -48.45 9.16 -17.33
CA LEU E 191 -48.78 10.39 -18.01
C LEU E 191 -47.64 11.39 -17.88
N TYR E 192 -47.14 11.86 -19.01
CA TYR E 192 -46.09 12.86 -19.13
C TYR E 192 -46.65 13.97 -20.00
N THR E 193 -46.74 15.16 -19.41
CA THR E 193 -47.34 16.31 -20.06
C THR E 193 -46.37 17.45 -20.24
N CYS E 194 -46.43 18.06 -21.42
CA CYS E 194 -45.73 19.30 -21.73
C CYS E 194 -46.85 20.37 -21.75
N GLU E 195 -46.85 21.23 -20.73
CA GLU E 195 -47.87 22.26 -20.55
C GLU E 195 -47.30 23.64 -20.91
N VAL E 196 -47.88 24.26 -21.94
CA VAL E 196 -47.44 25.53 -22.49
C VAL E 196 -48.44 26.66 -22.30
N THR E 197 -47.97 27.76 -21.74
CA THR E 197 -48.80 28.95 -21.53
C THR E 197 -48.19 30.11 -22.32
N HIS E 198 -49.01 30.72 -23.18
CA HIS E 198 -48.64 31.82 -24.06
C HIS E 198 -49.80 32.80 -24.19
N LYS E 199 -49.48 34.05 -24.50
CA LYS E 199 -50.45 35.14 -24.63
C LYS E 199 -51.55 34.89 -25.67
N THR E 200 -51.23 34.08 -26.70
CA THR E 200 -52.10 33.72 -27.82
C THR E 200 -53.26 32.77 -27.46
N SER E 201 -53.29 32.27 -26.23
CA SER E 201 -54.35 31.37 -25.77
C SER E 201 -54.58 31.56 -24.28
N THR E 202 -55.87 31.67 -23.89
CA THR E 202 -56.26 31.83 -22.48
C THR E 202 -56.08 30.51 -21.76
N ALA E 203 -56.28 29.40 -22.48
CA ALA E 203 -56.07 28.07 -21.95
C ALA E 203 -54.67 27.58 -22.34
N ALA E 204 -54.09 26.70 -21.51
CA ALA E 204 -52.76 26.15 -21.76
C ALA E 204 -52.78 25.17 -22.94
N ILE E 205 -51.68 25.13 -23.70
CA ILE E 205 -51.52 24.16 -24.76
C ILE E 205 -50.93 22.96 -24.03
N VAL E 206 -51.60 21.83 -24.14
CA VAL E 206 -51.20 20.64 -23.41
C VAL E 206 -51.03 19.48 -24.39
N LYS E 207 -49.81 18.93 -24.43
CA LYS E 207 -49.47 17.74 -25.22
C LYS E 207 -49.07 16.67 -24.22
N THR E 208 -49.75 15.55 -24.25
CA THR E 208 -49.51 14.46 -23.32
C THR E 208 -48.97 13.23 -24.01
N LEU E 209 -48.33 12.39 -23.22
CA LEU E 209 -47.75 11.15 -23.68
C LEU E 209 -48.13 10.10 -22.65
N ASN E 210 -48.82 9.06 -23.07
CA ASN E 210 -49.16 7.96 -22.19
C ASN E 210 -48.18 6.83 -22.51
N ARG E 211 -47.20 6.64 -21.59
CA ARG E 211 -46.11 5.65 -21.67
C ARG E 211 -46.62 4.20 -21.91
N ASN E 212 -47.79 3.84 -21.32
CA ASN E 212 -48.44 2.54 -21.48
C ASN E 212 -48.63 2.14 -22.95
N GLU E 213 -49.04 3.09 -23.81
CA GLU E 213 -49.26 2.91 -25.26
C GLU E 213 -47.95 2.90 -26.09
N GLU F 1 -1.65 48.75 -37.86
CA GLU F 1 -2.98 48.27 -37.48
C GLU F 1 -2.94 47.78 -36.05
N VAL F 2 -3.74 48.42 -35.14
CA VAL F 2 -3.78 48.04 -33.72
C VAL F 2 -4.35 46.63 -33.63
N GLN F 3 -3.58 45.71 -33.03
CA GLN F 3 -3.98 44.31 -32.85
C GLN F 3 -3.75 43.86 -31.43
N LEU F 4 -4.70 43.09 -30.89
CA LEU F 4 -4.63 42.49 -29.56
C LEU F 4 -4.97 41.01 -29.71
N VAL F 5 -4.01 40.10 -29.37
CA VAL F 5 -4.19 38.66 -29.51
C VAL F 5 -4.05 37.92 -28.20
N GLU F 6 -5.18 37.50 -27.62
CA GLU F 6 -5.23 36.70 -26.39
C GLU F 6 -4.88 35.24 -26.68
N SER F 7 -4.32 34.57 -25.67
CA SER F 7 -3.95 33.15 -25.69
C SER F 7 -3.86 32.65 -24.25
N GLY F 8 -3.65 31.35 -24.06
CA GLY F 8 -3.49 30.76 -22.73
C GLY F 8 -4.74 30.26 -22.06
N GLY F 9 -5.90 30.35 -22.73
CA GLY F 9 -7.18 29.90 -22.19
C GLY F 9 -7.37 28.39 -22.25
N GLY F 10 -8.63 27.97 -22.33
CA GLY F 10 -8.96 26.56 -22.43
C GLY F 10 -9.65 25.98 -21.21
N LEU F 11 -9.60 24.64 -21.13
CA LEU F 11 -10.22 23.89 -20.05
C LEU F 11 -9.29 23.85 -18.86
N VAL F 12 -9.86 24.05 -17.68
CA VAL F 12 -9.14 24.02 -16.42
C VAL F 12 -10.01 23.46 -15.32
N GLN F 13 -9.43 22.56 -14.47
CA GLN F 13 -10.06 21.91 -13.33
C GLN F 13 -10.43 22.93 -12.25
N PRO F 14 -11.59 22.80 -11.58
CA PRO F 14 -11.91 23.75 -10.47
C PRO F 14 -10.82 23.75 -9.38
N GLY F 15 -10.40 24.95 -8.95
CA GLY F 15 -9.37 25.11 -7.91
C GLY F 15 -7.95 25.27 -8.45
N LYS F 16 -7.74 24.88 -9.72
CA LYS F 16 -6.44 24.98 -10.40
C LYS F 16 -6.25 26.37 -11.01
N SER F 17 -5.01 26.64 -11.47
CA SER F 17 -4.68 27.93 -12.06
C SER F 17 -4.40 27.90 -13.58
N LEU F 18 -4.39 29.08 -14.21
CA LEU F 18 -4.20 29.32 -15.64
C LEU F 18 -3.69 30.75 -15.82
N LYS F 19 -2.85 30.98 -16.82
CA LYS F 19 -2.41 32.35 -17.13
C LYS F 19 -2.76 32.67 -18.55
N LEU F 20 -3.46 33.78 -18.72
CA LEU F 20 -3.86 34.36 -19.99
C LEU F 20 -2.80 35.37 -20.41
N SER F 21 -2.42 35.33 -21.68
CA SER F 21 -1.45 36.29 -22.24
C SER F 21 -2.14 37.06 -23.34
N CYS F 22 -1.81 38.32 -23.47
CA CYS F 22 -2.35 39.16 -24.53
C CYS F 22 -1.17 39.85 -25.19
N GLU F 23 -0.98 39.63 -26.50
CA GLU F 23 0.11 40.24 -27.24
C GLU F 23 -0.41 41.42 -28.05
N ALA F 24 0.20 42.59 -27.83
CA ALA F 24 -0.16 43.85 -28.47
C ALA F 24 0.77 44.20 -29.65
N SER F 25 0.20 44.87 -30.67
CA SER F 25 0.91 45.32 -31.87
C SER F 25 0.21 46.52 -32.53
N GLY F 26 1.00 47.30 -33.24
CA GLY F 26 0.51 48.46 -33.99
C GLY F 26 0.33 49.74 -33.20
N PHE F 27 0.92 49.81 -31.97
CA PHE F 27 0.86 50.95 -31.05
C PHE F 27 1.91 50.86 -29.95
N THR F 28 2.19 52.00 -29.30
CA THR F 28 3.16 52.09 -28.21
C THR F 28 2.52 51.56 -26.93
N PHE F 29 2.57 50.24 -26.75
CA PHE F 29 1.98 49.51 -25.61
C PHE F 29 2.34 50.11 -24.24
N SER F 30 3.63 50.46 -24.05
CA SER F 30 4.17 51.03 -22.82
C SER F 30 3.53 52.37 -22.39
N GLY F 31 2.79 53.02 -23.28
CA GLY F 31 2.14 54.31 -23.02
C GLY F 31 0.66 54.23 -22.77
N TYR F 32 0.13 53.00 -22.51
CA TYR F 32 -1.30 52.76 -22.29
C TYR F 32 -1.65 51.89 -21.10
N GLY F 33 -2.77 52.25 -20.46
CA GLY F 33 -3.45 51.53 -19.39
C GLY F 33 -4.33 50.46 -20.02
N MET F 34 -4.06 49.22 -19.66
CA MET F 34 -4.67 48.05 -20.21
C MET F 34 -5.71 47.43 -19.30
N HIS F 35 -6.73 46.79 -19.92
CA HIS F 35 -7.88 46.18 -19.27
C HIS F 35 -8.10 44.72 -19.64
N TRP F 36 -8.69 43.97 -18.70
CA TRP F 36 -9.19 42.62 -18.89
C TRP F 36 -10.65 42.74 -18.59
N VAL F 37 -11.48 42.26 -19.51
CA VAL F 37 -12.93 42.26 -19.41
C VAL F 37 -13.38 40.81 -19.72
N ARG F 38 -14.44 40.34 -19.08
CA ARG F 38 -14.96 39.00 -19.37
C ARG F 38 -16.47 39.01 -19.60
N GLN F 39 -16.96 37.91 -20.13
CA GLN F 39 -18.38 37.73 -20.35
C GLN F 39 -18.71 36.26 -20.22
N ALA F 40 -19.55 35.95 -19.25
CA ALA F 40 -19.98 34.58 -19.01
C ALA F 40 -21.08 34.15 -20.01
N PRO F 41 -21.24 32.82 -20.28
CA PRO F 41 -22.25 32.37 -21.25
C PRO F 41 -23.66 32.80 -20.88
N GLY F 42 -24.31 33.48 -21.82
CA GLY F 42 -25.67 34.01 -21.70
C GLY F 42 -25.82 35.19 -20.75
N ARG F 43 -24.69 35.68 -20.21
CA ARG F 43 -24.56 36.77 -19.25
C ARG F 43 -23.94 38.01 -19.84
N GLY F 44 -24.04 39.13 -19.11
CA GLY F 44 -23.47 40.40 -19.52
C GLY F 44 -21.96 40.45 -19.42
N LEU F 45 -21.41 41.65 -19.60
CA LEU F 45 -19.99 41.95 -19.56
C LEU F 45 -19.59 42.48 -18.20
N GLU F 46 -18.39 42.10 -17.75
CA GLU F 46 -17.82 42.50 -16.46
C GLU F 46 -16.37 42.89 -16.65
N SER F 47 -15.94 44.00 -16.03
CA SER F 47 -14.55 44.43 -16.04
C SER F 47 -13.82 43.62 -14.98
N VAL F 48 -12.73 42.97 -15.35
CA VAL F 48 -11.98 42.06 -14.48
C VAL F 48 -10.86 42.82 -13.75
N ALA F 49 -9.94 43.43 -14.52
CA ALA F 49 -8.79 44.14 -13.98
C ALA F 49 -8.29 45.29 -14.85
N TYR F 50 -7.65 46.27 -14.20
CA TYR F 50 -7.00 47.41 -14.82
C TYR F 50 -5.56 47.55 -14.28
N ILE F 51 -4.61 47.79 -15.21
CA ILE F 51 -3.22 48.06 -14.88
C ILE F 51 -2.78 49.29 -15.64
N THR F 52 -2.04 50.17 -14.99
CA THR F 52 -1.50 51.38 -15.61
C THR F 52 -0.30 51.00 -16.49
N SER F 53 0.14 51.94 -17.34
CA SER F 53 1.28 51.81 -18.25
C SER F 53 2.59 51.38 -17.54
N SER F 54 2.87 51.98 -16.39
CA SER F 54 4.06 51.77 -15.57
C SER F 54 3.89 50.65 -14.51
N SER F 55 2.67 50.06 -14.39
CA SER F 55 2.28 49.02 -13.42
C SER F 55 2.14 49.56 -11.98
N ILE F 56 2.22 50.91 -11.83
CA ILE F 56 2.09 51.59 -10.55
C ILE F 56 0.74 51.30 -9.85
N ASN F 57 -0.37 51.52 -10.56
CA ASN F 57 -1.68 51.27 -9.99
C ASN F 57 -2.35 50.11 -10.68
N ILE F 58 -2.84 49.18 -9.88
CA ILE F 58 -3.55 47.98 -10.34
C ILE F 58 -4.91 47.96 -9.63
N LYS F 59 -5.97 47.68 -10.37
CA LYS F 59 -7.31 47.62 -9.83
C LYS F 59 -8.00 46.29 -10.26
N TYR F 60 -8.84 45.74 -9.37
CA TYR F 60 -9.55 44.49 -9.64
C TYR F 60 -11.02 44.61 -9.36
N ALA F 61 -11.81 43.69 -9.92
CA ALA F 61 -13.23 43.55 -9.63
C ALA F 61 -13.26 42.80 -8.29
N ASP F 62 -14.27 43.04 -7.45
CA ASP F 62 -14.38 42.39 -6.15
C ASP F 62 -14.55 40.86 -6.26
N ALA F 63 -15.09 40.38 -7.41
CA ALA F 63 -15.30 38.97 -7.72
C ALA F 63 -13.98 38.21 -7.88
N VAL F 64 -12.91 38.94 -8.26
CA VAL F 64 -11.60 38.34 -8.55
C VAL F 64 -10.49 38.72 -7.55
N LYS F 65 -10.74 39.71 -6.67
CA LYS F 65 -9.79 40.19 -5.65
C LYS F 65 -9.21 39.05 -4.80
N GLY F 66 -7.87 39.04 -4.70
CA GLY F 66 -7.08 38.05 -3.97
C GLY F 66 -7.00 36.67 -4.61
N ARG F 67 -7.39 36.55 -5.89
CA ARG F 67 -7.39 35.30 -6.65
C ARG F 67 -6.69 35.51 -8.01
N PHE F 68 -6.89 36.68 -8.62
CA PHE F 68 -6.35 37.02 -9.93
C PHE F 68 -5.21 38.02 -9.82
N THR F 69 -4.27 37.97 -10.77
CA THR F 69 -3.12 38.87 -10.82
C THR F 69 -2.80 39.37 -12.23
N VAL F 70 -2.96 40.71 -12.46
CA VAL F 70 -2.61 41.39 -13.70
C VAL F 70 -1.14 41.75 -13.60
N SER F 71 -0.45 41.65 -14.73
CA SER F 71 0.95 41.95 -14.88
C SER F 71 1.18 42.31 -16.35
N ARG F 72 2.32 42.95 -16.65
CA ARG F 72 2.66 43.31 -18.02
C ARG F 72 4.18 43.30 -18.24
N ASP F 73 4.58 42.95 -19.47
CA ASP F 73 5.98 42.99 -19.89
C ASP F 73 5.99 43.96 -21.05
N ASN F 74 6.37 45.22 -20.75
CA ASN F 74 6.36 46.29 -21.74
C ASN F 74 7.43 46.12 -22.80
N ALA F 75 8.53 45.43 -22.44
CA ALA F 75 9.63 45.11 -23.34
C ALA F 75 9.20 44.07 -24.38
N LYS F 76 8.27 43.18 -23.99
CA LYS F 76 7.77 42.12 -24.87
C LYS F 76 6.34 42.37 -25.40
N ASN F 77 5.77 43.57 -25.11
CA ASN F 77 4.42 44.00 -25.50
C ASN F 77 3.33 42.98 -25.08
N LEU F 78 3.41 42.52 -23.82
CA LEU F 78 2.51 41.52 -23.28
C LEU F 78 1.77 41.94 -22.02
N LEU F 79 0.51 41.61 -21.99
CA LEU F 79 -0.41 41.77 -20.88
C LEU F 79 -0.70 40.36 -20.34
N PHE F 80 -0.74 40.19 -19.03
CA PHE F 80 -1.02 38.86 -18.46
C PHE F 80 -2.12 38.92 -17.45
N LEU F 81 -2.82 37.79 -17.31
CA LEU F 81 -3.84 37.62 -16.28
C LEU F 81 -3.63 36.24 -15.67
N GLN F 82 -2.97 36.20 -14.52
CA GLN F 82 -2.75 34.95 -13.81
C GLN F 82 -4.03 34.70 -13.02
N MET F 83 -4.76 33.63 -13.32
CA MET F 83 -6.02 33.34 -12.63
C MET F 83 -5.79 32.11 -11.74
N ASN F 84 -6.16 32.19 -10.45
CA ASN F 84 -5.94 31.12 -9.46
C ASN F 84 -7.25 30.71 -8.81
N ILE F 85 -7.20 29.61 -8.03
CA ILE F 85 -8.33 29.03 -7.30
C ILE F 85 -9.60 29.24 -8.13
N LEU F 86 -9.61 28.62 -9.31
CA LEU F 86 -10.68 28.79 -10.27
C LEU F 86 -12.01 28.14 -9.94
N LYS F 87 -13.08 28.92 -10.06
CA LYS F 87 -14.47 28.53 -9.81
C LYS F 87 -15.15 28.41 -11.15
N SER F 88 -16.26 27.65 -11.22
CA SER F 88 -17.05 27.52 -12.45
C SER F 88 -17.64 28.88 -12.85
N GLU F 89 -17.77 29.82 -11.90
CA GLU F 89 -18.27 31.18 -12.07
C GLU F 89 -17.31 32.03 -12.89
N ASP F 90 -16.06 31.55 -13.07
CA ASP F 90 -15.05 32.22 -13.88
C ASP F 90 -15.06 31.76 -15.35
N THR F 91 -15.98 30.81 -15.70
CA THR F 91 -16.17 30.33 -17.07
C THR F 91 -16.74 31.50 -17.83
N ALA F 92 -15.97 31.97 -18.83
CA ALA F 92 -16.31 33.14 -19.61
C ALA F 92 -15.37 33.26 -20.77
N MET F 93 -15.73 34.20 -21.65
CA MET F 93 -14.90 34.64 -22.74
C MET F 93 -14.14 35.82 -22.14
N TYR F 94 -12.81 35.82 -22.23
CA TYR F 94 -11.93 36.84 -21.65
C TYR F 94 -11.32 37.70 -22.73
N TYR F 95 -11.43 39.02 -22.60
CA TYR F 95 -10.84 39.94 -23.59
C TYR F 95 -9.85 40.91 -22.92
N CYS F 96 -8.74 41.24 -23.62
CA CYS F 96 -7.83 42.31 -23.22
C CYS F 96 -8.26 43.53 -24.04
N ALA F 97 -8.25 44.69 -23.44
CA ALA F 97 -8.70 45.89 -24.13
C ALA F 97 -7.95 47.15 -23.74
N ARG F 98 -7.85 48.06 -24.71
CA ARG F 98 -7.29 49.39 -24.53
C ARG F 98 -8.46 50.37 -24.73
N PHE F 99 -8.67 51.20 -23.73
CA PHE F 99 -9.74 52.19 -23.74
C PHE F 99 -9.15 53.60 -23.85
N ASP F 100 -9.46 54.30 -24.96
CA ASP F 100 -9.04 55.67 -25.22
C ASP F 100 -10.21 56.57 -24.86
N TRP F 101 -10.00 57.90 -24.96
CA TRP F 101 -11.05 58.89 -24.69
C TRP F 101 -12.14 58.77 -25.76
N ASP F 102 -11.76 58.35 -27.00
CA ASP F 102 -12.64 58.26 -28.15
C ASP F 102 -12.66 56.94 -28.92
N LYS F 103 -11.77 55.99 -28.54
CA LYS F 103 -11.60 54.70 -29.22
C LYS F 103 -11.51 53.53 -28.24
N ASN F 104 -11.80 52.31 -28.74
CA ASN F 104 -11.66 51.07 -27.97
C ASN F 104 -11.09 50.02 -28.87
N TYR F 105 -10.21 49.20 -28.34
CA TYR F 105 -9.60 48.09 -29.08
C TYR F 105 -9.72 46.86 -28.22
N TRP F 106 -10.28 45.82 -28.75
CA TRP F 106 -10.48 44.58 -28.02
C TRP F 106 -9.78 43.49 -28.77
N GLY F 107 -9.40 42.46 -28.04
CA GLY F 107 -8.84 41.27 -28.68
C GLY F 107 -9.96 40.39 -29.22
N GLN F 108 -9.61 39.19 -29.68
CA GLN F 108 -10.56 38.20 -30.21
C GLN F 108 -11.32 37.53 -29.06
N GLY F 109 -10.65 37.41 -27.93
CA GLY F 109 -11.14 36.72 -26.74
C GLY F 109 -10.70 35.27 -26.68
N THR F 110 -10.50 34.74 -25.47
CA THR F 110 -10.20 33.31 -25.26
C THR F 110 -11.17 32.79 -24.26
N MET F 111 -11.79 31.66 -24.59
CA MET F 111 -12.68 30.99 -23.69
C MET F 111 -11.88 30.29 -22.60
N VAL F 112 -12.29 30.50 -21.36
CA VAL F 112 -11.77 29.83 -20.18
C VAL F 112 -12.96 29.02 -19.67
N THR F 113 -12.81 27.69 -19.67
CA THR F 113 -13.85 26.76 -19.24
C THR F 113 -13.39 26.10 -17.95
N VAL F 114 -14.11 26.37 -16.85
CA VAL F 114 -13.81 25.76 -15.57
C VAL F 114 -14.78 24.58 -15.40
N SER F 115 -14.20 23.35 -15.37
CA SER F 115 -14.90 22.05 -15.30
C SER F 115 -13.93 20.91 -15.00
N SER F 116 -14.45 19.86 -14.37
CA SER F 116 -13.67 18.66 -14.08
C SER F 116 -13.99 17.58 -15.16
N ALA F 117 -14.80 17.94 -16.19
CA ALA F 117 -15.23 17.04 -17.28
C ALA F 117 -14.07 16.69 -18.20
N LYS F 118 -14.19 15.53 -18.84
CA LYS F 118 -13.29 14.93 -19.80
C LYS F 118 -14.01 14.84 -21.17
N THR F 119 -13.23 14.81 -22.25
CA THR F 119 -13.74 14.69 -23.63
C THR F 119 -14.66 13.49 -23.82
N THR F 120 -15.94 13.77 -24.08
CA THR F 120 -16.98 12.75 -24.23
C THR F 120 -17.71 12.87 -25.57
N ALA F 121 -17.85 11.77 -26.28
CA ALA F 121 -18.56 11.72 -27.55
C ALA F 121 -20.08 11.69 -27.28
N PRO F 122 -20.89 12.47 -28.02
CA PRO F 122 -22.34 12.45 -27.75
C PRO F 122 -23.07 11.19 -28.20
N SER F 123 -24.22 10.97 -27.61
CA SER F 123 -25.14 9.91 -27.98
C SER F 123 -26.23 10.61 -28.79
N VAL F 124 -26.50 10.10 -29.99
CA VAL F 124 -27.47 10.69 -30.90
C VAL F 124 -28.71 9.84 -30.92
N TYR F 125 -29.86 10.41 -30.53
CA TYR F 125 -31.13 9.69 -30.45
C TYR F 125 -32.18 10.30 -31.36
N PRO F 126 -33.00 9.44 -32.01
CA PRO F 126 -34.06 9.95 -32.91
C PRO F 126 -35.28 10.46 -32.17
N LEU F 127 -35.91 11.48 -32.75
CA LEU F 127 -37.15 12.00 -32.17
C LEU F 127 -38.25 11.82 -33.22
N ALA F 128 -39.09 10.81 -33.00
CA ALA F 128 -40.22 10.51 -33.87
C ALA F 128 -41.47 10.41 -33.00
N PRO F 129 -42.65 10.89 -33.47
CA PRO F 129 -43.88 10.80 -32.63
C PRO F 129 -44.29 9.38 -32.27
N ALA F 130 -44.92 9.24 -31.09
CA ALA F 130 -45.42 8.00 -30.52
C ALA F 130 -46.87 7.69 -30.92
N CYS F 131 -47.64 7.03 -30.00
CA CYS F 131 -49.05 6.59 -30.01
C CYS F 131 -49.29 5.16 -30.44
N THR F 137 -54.59 17.99 -38.96
CA THR F 137 -54.33 18.87 -37.81
C THR F 137 -53.58 20.16 -38.26
N THR F 138 -52.45 19.99 -38.99
CA THR F 138 -51.60 21.07 -39.52
C THR F 138 -51.01 20.70 -40.90
N ASN F 139 -51.11 19.39 -41.27
CA ASN F 139 -50.58 18.77 -42.49
C ASN F 139 -49.04 18.72 -42.47
N THR F 140 -48.46 18.89 -41.26
CA THR F 140 -47.01 18.80 -41.02
C THR F 140 -46.71 17.82 -39.90
N VAL F 141 -45.48 17.29 -39.89
CA VAL F 141 -44.95 16.41 -38.84
C VAL F 141 -43.58 16.94 -38.40
N THR F 142 -43.32 16.95 -37.11
CA THR F 142 -42.05 17.40 -36.54
C THR F 142 -41.26 16.22 -36.01
N LEU F 143 -39.99 16.18 -36.38
CA LEU F 143 -39.07 15.13 -35.97
C LEU F 143 -37.87 15.83 -35.33
N GLY F 144 -36.83 15.07 -35.00
CA GLY F 144 -35.65 15.67 -34.45
C GLY F 144 -34.57 14.71 -34.00
N CYS F 145 -33.56 15.27 -33.34
CA CYS F 145 -32.40 14.58 -32.80
C CYS F 145 -32.06 15.15 -31.49
N LEU F 146 -31.69 14.25 -30.58
CA LEU F 146 -31.26 14.57 -29.25
C LEU F 146 -29.78 14.19 -29.24
N VAL F 147 -28.91 15.18 -28.98
CA VAL F 147 -27.45 15.01 -28.95
C VAL F 147 -27.09 15.15 -27.50
N LYS F 148 -26.99 14.02 -26.84
CA LYS F 148 -26.83 13.89 -25.41
C LYS F 148 -25.42 13.61 -24.86
N GLY F 149 -25.09 14.32 -23.78
CA GLY F 149 -23.89 14.16 -22.97
C GLY F 149 -22.55 14.15 -23.67
N TYR F 150 -22.20 15.27 -24.30
CA TYR F 150 -20.91 15.48 -24.96
C TYR F 150 -20.09 16.54 -24.23
N PHE F 151 -18.79 16.54 -24.42
CA PHE F 151 -17.86 17.52 -23.86
C PHE F 151 -16.55 17.44 -24.65
N PRO F 152 -15.92 18.57 -25.03
CA PRO F 152 -16.33 19.97 -24.84
C PRO F 152 -17.27 20.44 -25.94
N GLU F 153 -17.59 21.75 -25.98
CA GLU F 153 -18.36 22.37 -27.07
C GLU F 153 -17.38 22.59 -28.22
N PRO F 154 -17.79 22.60 -29.50
CA PRO F 154 -19.15 22.50 -30.05
C PRO F 154 -19.50 21.16 -30.71
N VAL F 155 -20.74 21.06 -31.16
CA VAL F 155 -21.26 20.02 -32.05
C VAL F 155 -21.87 20.76 -33.24
N THR F 156 -21.87 20.11 -34.40
CA THR F 156 -22.53 20.65 -35.57
C THR F 156 -23.67 19.69 -35.92
N VAL F 157 -24.85 20.23 -36.17
CA VAL F 157 -26.01 19.43 -36.56
C VAL F 157 -26.51 19.88 -37.93
N ILE F 158 -26.87 18.91 -38.77
CA ILE F 158 -27.49 19.17 -40.08
C ILE F 158 -28.52 18.10 -40.42
N TRP F 159 -29.30 18.35 -41.48
CA TRP F 159 -30.34 17.42 -41.93
C TRP F 159 -30.10 17.14 -43.37
N ASN F 160 -30.04 15.85 -43.72
CA ASN F 160 -29.83 15.30 -45.07
C ASN F 160 -28.62 15.92 -45.74
N SER F 161 -27.50 15.94 -44.99
CA SER F 161 -26.18 16.46 -45.40
C SER F 161 -26.15 17.96 -45.70
N GLY F 162 -27.12 18.69 -45.16
CA GLY F 162 -27.23 20.13 -45.31
C GLY F 162 -28.19 20.58 -46.39
N ALA F 163 -28.82 19.61 -47.11
CA ALA F 163 -29.74 19.92 -48.19
C ALA F 163 -31.06 20.39 -47.62
N LEU F 164 -31.45 19.87 -46.46
CA LEU F 164 -32.68 20.22 -45.77
C LEU F 164 -32.42 21.27 -44.70
N THR F 165 -32.77 22.54 -45.00
CA THR F 165 -32.60 23.65 -44.06
C THR F 165 -33.95 24.26 -43.71
N SER F 166 -34.91 24.11 -44.62
CA SER F 166 -36.26 24.61 -44.44
C SER F 166 -36.93 23.84 -43.31
N GLY F 167 -37.51 24.57 -42.37
CA GLY F 167 -38.23 23.98 -41.22
C GLY F 167 -37.34 23.41 -40.14
N VAL F 168 -36.03 23.71 -40.19
CA VAL F 168 -35.05 23.24 -39.22
C VAL F 168 -34.88 24.31 -38.12
N HIS F 169 -34.72 23.87 -36.87
CA HIS F 169 -34.42 24.68 -35.69
C HIS F 169 -33.41 23.90 -34.90
N THR F 170 -32.21 24.45 -34.71
CA THR F 170 -31.16 23.84 -33.89
C THR F 170 -31.07 24.71 -32.67
N PHE F 171 -31.26 24.08 -31.51
CA PHE F 171 -31.33 24.77 -30.24
C PHE F 171 -30.00 25.00 -29.56
N PRO F 172 -29.90 26.09 -28.75
CA PRO F 172 -28.63 26.33 -28.01
C PRO F 172 -28.41 25.18 -27.01
N SER F 173 -27.16 24.79 -26.78
CA SER F 173 -26.90 23.68 -25.88
C SER F 173 -27.16 24.03 -24.43
N VAL F 174 -27.28 23.02 -23.57
CA VAL F 174 -27.55 23.20 -22.13
C VAL F 174 -26.53 22.38 -21.41
N LEU F 175 -25.94 22.94 -20.37
CA LEU F 175 -24.94 22.23 -19.59
C LEU F 175 -25.58 21.64 -18.35
N HIS F 176 -25.36 20.34 -18.15
CA HIS F 176 -25.85 19.63 -16.98
C HIS F 176 -24.91 18.51 -16.56
N SER F 177 -24.49 18.52 -15.29
CA SER F 177 -23.57 17.56 -14.69
C SER F 177 -22.23 17.52 -15.44
N GLY F 178 -21.79 18.69 -15.89
CA GLY F 178 -20.53 18.85 -16.60
C GLY F 178 -20.57 18.55 -18.08
N LEU F 179 -21.64 17.89 -18.55
CA LEU F 179 -21.78 17.51 -19.96
C LEU F 179 -22.82 18.35 -20.70
N TYR F 180 -22.63 18.49 -22.00
CA TYR F 180 -23.52 19.25 -22.88
C TYR F 180 -24.58 18.38 -23.58
N SER F 181 -25.75 18.99 -23.82
CA SER F 181 -26.87 18.37 -24.52
C SER F 181 -27.50 19.41 -25.42
N LEU F 182 -27.95 18.97 -26.58
CA LEU F 182 -28.55 19.84 -27.55
C LEU F 182 -29.55 19.05 -28.35
N SER F 183 -30.55 19.73 -28.90
CA SER F 183 -31.54 19.09 -29.76
C SER F 183 -31.77 19.93 -31.03
N SER F 184 -32.29 19.31 -32.07
CA SER F 184 -32.63 19.96 -33.31
C SER F 184 -33.99 19.42 -33.78
N SER F 185 -34.88 20.31 -34.24
CA SER F 185 -36.18 19.92 -34.76
C SER F 185 -36.26 20.22 -36.27
N VAL F 186 -36.98 19.38 -36.99
CA VAL F 186 -37.21 19.49 -38.43
C VAL F 186 -38.71 19.26 -38.74
N THR F 187 -39.36 20.28 -39.31
CA THR F 187 -40.77 20.22 -39.68
C THR F 187 -40.91 20.05 -41.20
N VAL F 188 -41.62 19.00 -41.60
CA VAL F 188 -41.80 18.64 -43.00
C VAL F 188 -43.31 18.43 -43.27
N PRO F 189 -43.83 18.55 -44.53
CA PRO F 189 -45.24 18.20 -44.76
C PRO F 189 -45.44 16.71 -44.39
N SER F 190 -46.54 16.38 -43.73
CA SER F 190 -46.79 15.00 -43.26
C SER F 190 -46.85 13.91 -44.34
N SER F 191 -47.23 14.27 -45.58
CA SER F 191 -47.29 13.29 -46.69
C SER F 191 -45.89 12.88 -47.15
N THR F 192 -44.90 13.69 -46.78
CA THR F 192 -43.50 13.55 -47.17
C THR F 192 -42.68 12.65 -46.22
N TRP F 193 -43.29 12.21 -45.11
CA TRP F 193 -42.58 11.38 -44.16
C TRP F 193 -43.48 10.25 -43.73
N PRO F 194 -43.00 8.98 -43.76
CA PRO F 194 -41.63 8.54 -44.05
C PRO F 194 -41.30 8.27 -45.52
N SER F 195 -42.18 8.63 -46.50
CA SER F 195 -41.90 8.39 -47.94
C SER F 195 -40.55 9.00 -48.42
N GLN F 196 -40.11 10.09 -47.75
CA GLN F 196 -38.86 10.79 -48.05
C GLN F 196 -38.06 10.86 -46.76
N THR F 197 -36.96 10.11 -46.75
CA THR F 197 -36.03 10.00 -45.63
C THR F 197 -35.54 11.32 -45.04
N VAL F 198 -35.48 11.33 -43.70
CA VAL F 198 -35.01 12.42 -42.86
C VAL F 198 -33.87 11.85 -42.03
N THR F 199 -32.66 12.40 -42.18
CA THR F 199 -31.46 11.92 -41.49
C THR F 199 -30.71 13.09 -40.89
N CYS F 200 -30.48 13.05 -39.57
CA CYS F 200 -29.71 14.10 -38.96
C CYS F 200 -28.26 13.68 -38.92
N ASN F 201 -27.39 14.63 -39.19
CA ASN F 201 -25.94 14.41 -39.25
C ASN F 201 -25.29 15.23 -38.16
N VAL F 202 -24.64 14.53 -37.21
CA VAL F 202 -24.02 15.16 -36.04
C VAL F 202 -22.52 14.95 -36.05
N ALA F 203 -21.77 16.00 -35.75
CA ALA F 203 -20.32 15.98 -35.71
C ALA F 203 -19.79 16.59 -34.43
N HIS F 204 -18.95 15.84 -33.70
CA HIS F 204 -18.28 16.33 -32.49
C HIS F 204 -16.79 16.20 -32.78
N PRO F 205 -16.19 17.27 -33.34
CA PRO F 205 -14.79 17.18 -33.76
C PRO F 205 -13.81 16.76 -32.67
N ALA F 206 -14.01 17.29 -31.43
CA ALA F 206 -13.17 16.99 -30.26
C ALA F 206 -12.98 15.46 -30.01
N SER F 207 -14.05 14.67 -30.21
CA SER F 207 -14.02 13.21 -30.04
C SER F 207 -13.91 12.50 -31.37
N SER F 208 -13.80 13.26 -32.48
CA SER F 208 -13.73 12.76 -33.88
C SER F 208 -14.98 11.90 -34.21
N THR F 209 -16.15 12.41 -33.81
CA THR F 209 -17.45 11.79 -33.97
C THR F 209 -18.19 12.39 -35.15
N THR F 210 -18.67 11.52 -36.02
CA THR F 210 -19.52 11.79 -37.16
C THR F 210 -20.56 10.71 -37.11
N VAL F 211 -21.77 11.09 -36.73
CA VAL F 211 -22.89 10.18 -36.64
C VAL F 211 -24.02 10.64 -37.54
N ASP F 212 -24.64 9.69 -38.24
CA ASP F 212 -25.81 9.91 -39.08
C ASP F 212 -26.91 9.08 -38.48
N LEU F 213 -28.08 9.68 -38.31
CA LEU F 213 -29.18 8.92 -37.74
C LEU F 213 -30.49 9.14 -38.47
N LYS F 214 -30.98 8.09 -39.14
CA LYS F 214 -32.21 8.12 -39.93
C LYS F 214 -33.40 8.02 -38.99
N ILE F 215 -34.23 9.06 -39.03
CA ILE F 215 -35.42 9.11 -38.17
C ILE F 215 -36.53 8.14 -38.63
N GLU F 216 -36.70 7.12 -37.76
CA GLU F 216 -37.64 6.00 -37.80
C GLU F 216 -37.11 4.86 -38.63
N GLU G 1 68.92 5.22 1.17
CA GLU G 1 69.55 5.98 0.10
C GLU G 1 68.69 5.94 -1.17
N VAL G 2 68.89 4.93 -2.07
CA VAL G 2 68.04 4.75 -3.26
C VAL G 2 66.66 4.27 -2.79
N GLN G 3 65.61 5.04 -3.11
CA GLN G 3 64.22 4.73 -2.75
C GLN G 3 63.30 4.78 -3.97
N LEU G 4 62.36 3.83 -4.04
CA LEU G 4 61.34 3.74 -5.08
C LEU G 4 60.00 3.54 -4.39
N VAL G 5 59.04 4.48 -4.57
CA VAL G 5 57.73 4.42 -3.91
C VAL G 5 56.57 4.43 -4.90
N GLU G 6 55.98 3.25 -5.12
CA GLU G 6 54.81 3.06 -6.00
C GLU G 6 53.53 3.54 -5.31
N SER G 7 52.55 3.96 -6.13
CA SER G 7 51.24 4.39 -5.69
C SER G 7 50.27 4.23 -6.86
N GLY G 8 48.97 4.19 -6.55
CA GLY G 8 47.91 4.10 -7.56
C GLY G 8 47.17 2.77 -7.65
N GLY G 9 47.70 1.73 -7.01
CA GLY G 9 47.07 0.41 -7.01
C GLY G 9 45.76 0.36 -6.24
N GLY G 10 45.01 -0.71 -6.45
CA GLY G 10 43.73 -0.94 -5.80
C GLY G 10 42.81 -1.82 -6.61
N LEU G 11 41.53 -1.78 -6.29
CA LEU G 11 40.51 -2.56 -6.97
C LEU G 11 40.08 -1.80 -8.21
N VAL G 12 39.91 -2.56 -9.29
CA VAL G 12 39.44 -2.03 -10.54
C VAL G 12 38.55 -3.09 -11.22
N GLN G 13 37.43 -2.62 -11.74
CA GLN G 13 36.48 -3.47 -12.44
C GLN G 13 37.06 -3.91 -13.80
N PRO G 14 36.73 -5.12 -14.34
CA PRO G 14 37.31 -5.52 -15.63
C PRO G 14 36.93 -4.56 -16.75
N GLY G 15 37.90 -4.24 -17.60
CA GLY G 15 37.69 -3.35 -18.74
C GLY G 15 37.98 -1.90 -18.49
N LYS G 16 38.05 -1.51 -17.21
CA LYS G 16 38.37 -0.15 -16.79
C LYS G 16 39.88 0.10 -16.73
N SER G 17 40.29 1.35 -16.55
CA SER G 17 41.70 1.71 -16.52
C SER G 17 42.23 2.15 -15.13
N LEU G 18 43.57 2.15 -14.98
CA LEU G 18 44.27 2.52 -13.77
C LEU G 18 45.65 3.04 -14.14
N LYS G 19 46.10 4.09 -13.45
CA LYS G 19 47.43 4.69 -13.64
C LYS G 19 48.25 4.51 -12.34
N LEU G 20 49.43 3.90 -12.51
CA LEU G 20 50.41 3.63 -11.45
C LEU G 20 51.52 4.68 -11.56
N SER G 21 51.95 5.24 -10.41
CA SER G 21 53.04 6.21 -10.32
C SER G 21 54.11 5.65 -9.44
N CYS G 22 55.36 5.95 -9.77
CA CYS G 22 56.50 5.52 -8.97
C CYS G 22 57.40 6.72 -8.77
N GLU G 23 57.62 7.12 -7.49
CA GLU G 23 58.50 8.25 -7.18
C GLU G 23 59.90 7.78 -6.75
N ALA G 24 60.92 8.28 -7.45
CA ALA G 24 62.33 7.95 -7.21
C ALA G 24 63.08 9.00 -6.36
N SER G 25 64.05 8.53 -5.57
CA SER G 25 64.90 9.36 -4.71
C SER G 25 66.23 8.66 -4.39
N GLY G 26 67.23 9.48 -4.08
CA GLY G 26 68.58 9.04 -3.72
C GLY G 26 69.50 8.69 -4.86
N PHE G 27 69.12 9.09 -6.10
CA PHE G 27 69.88 8.85 -7.34
C PHE G 27 69.41 9.77 -8.46
N THR G 28 70.26 9.95 -9.47
CA THR G 28 69.96 10.77 -10.65
C THR G 28 69.08 9.96 -11.60
N PHE G 29 67.76 10.01 -11.34
CA PHE G 29 66.70 9.31 -12.05
C PHE G 29 66.81 9.45 -13.57
N SER G 30 67.08 10.67 -14.07
CA SER G 30 67.21 10.97 -15.49
C SER G 30 68.33 10.21 -16.23
N GLY G 31 69.25 9.59 -15.50
CA GLY G 31 70.37 8.84 -16.07
C GLY G 31 70.20 7.34 -16.04
N TYR G 32 68.96 6.86 -15.76
CA TYR G 32 68.66 5.43 -15.66
C TYR G 32 67.44 4.94 -16.39
N GLY G 33 67.58 3.73 -16.94
CA GLY G 33 66.50 2.99 -17.57
C GLY G 33 65.71 2.38 -16.42
N MET G 34 64.36 2.44 -16.50
CA MET G 34 63.45 1.93 -15.47
C MET G 34 62.57 0.80 -15.95
N HIS G 35 62.12 -0.03 -15.00
CA HIS G 35 61.30 -1.22 -15.24
C HIS G 35 60.05 -1.26 -14.40
N TRP G 36 59.02 -1.94 -14.91
CA TRP G 36 57.80 -2.31 -14.21
C TRP G 36 57.83 -3.82 -14.28
N VAL G 37 57.69 -4.47 -13.13
CA VAL G 37 57.66 -5.92 -12.98
C VAL G 37 56.45 -6.22 -12.14
N ARG G 38 55.76 -7.33 -12.42
CA ARG G 38 54.60 -7.71 -11.62
C ARG G 38 54.72 -9.13 -11.08
N GLN G 39 54.09 -9.38 -9.92
CA GLN G 39 54.00 -10.70 -9.28
C GLN G 39 52.55 -11.06 -9.04
N ALA G 40 52.05 -12.00 -9.84
CA ALA G 40 50.68 -12.46 -9.86
C ALA G 40 50.51 -13.60 -8.89
N PRO G 41 49.34 -13.71 -8.23
CA PRO G 41 49.14 -14.88 -7.34
C PRO G 41 49.00 -16.16 -8.19
N GLY G 42 49.82 -17.17 -7.89
CA GLY G 42 49.81 -18.44 -8.61
C GLY G 42 50.37 -18.44 -10.03
N ARG G 43 50.97 -17.31 -10.47
CA ARG G 43 51.58 -17.21 -11.80
C ARG G 43 53.06 -16.75 -11.72
N GLY G 44 53.42 -16.02 -10.65
CA GLY G 44 54.79 -15.60 -10.36
C GLY G 44 55.27 -14.27 -10.91
N LEU G 45 56.62 -14.10 -10.97
CA LEU G 45 57.22 -12.85 -11.45
C LEU G 45 57.31 -12.75 -12.96
N GLU G 46 56.88 -11.59 -13.51
CA GLU G 46 56.85 -11.26 -14.94
C GLU G 46 57.28 -9.83 -15.16
N SER G 47 58.10 -9.59 -16.18
CA SER G 47 58.51 -8.24 -16.58
C SER G 47 57.38 -7.63 -17.40
N VAL G 48 56.94 -6.43 -17.01
CA VAL G 48 55.82 -5.73 -17.66
C VAL G 48 56.31 -4.80 -18.78
N ALA G 49 57.14 -3.81 -18.43
CA ALA G 49 57.64 -2.80 -19.35
C ALA G 49 59.01 -2.23 -18.99
N TYR G 50 59.73 -1.74 -20.02
CA TYR G 50 61.02 -1.07 -19.90
C TYR G 50 60.99 0.26 -20.69
N ILE G 51 61.56 1.31 -20.08
CA ILE G 51 61.71 2.64 -20.67
C ILE G 51 63.13 3.11 -20.41
N THR G 52 63.78 3.66 -21.45
CA THR G 52 65.14 4.22 -21.34
C THR G 52 65.07 5.56 -20.58
N SER G 53 66.24 6.08 -20.19
CA SER G 53 66.42 7.36 -19.49
C SER G 53 65.79 8.57 -20.22
N SER G 54 65.96 8.62 -21.55
CA SER G 54 65.47 9.68 -22.42
C SER G 54 64.08 9.40 -23.00
N SER G 55 63.49 8.21 -22.72
CA SER G 55 62.20 7.73 -23.22
C SER G 55 62.23 7.33 -24.71
N ILE G 56 63.44 7.30 -25.29
CA ILE G 56 63.66 6.94 -26.69
C ILE G 56 63.17 5.53 -27.02
N ASN G 57 63.63 4.53 -26.26
CA ASN G 57 63.21 3.16 -26.48
C ASN G 57 62.32 2.66 -25.36
N ILE G 58 61.17 2.11 -25.73
CA ILE G 58 60.18 1.55 -24.83
C ILE G 58 59.91 0.11 -25.26
N LYS G 59 59.87 -0.81 -24.28
CA LYS G 59 59.61 -2.22 -24.53
C LYS G 59 58.48 -2.73 -23.62
N TYR G 60 57.65 -3.66 -24.14
CA TYR G 60 56.54 -4.24 -23.37
C TYR G 60 56.55 -5.74 -23.44
N ALA G 61 55.86 -6.37 -22.49
CA ALA G 61 55.61 -7.81 -22.50
C ALA G 61 54.45 -7.98 -23.51
N ASP G 62 54.39 -9.12 -24.20
CA ASP G 62 53.34 -9.37 -25.19
C ASP G 62 51.93 -9.42 -24.57
N ALA G 63 51.85 -9.75 -23.27
CA ALA G 63 50.61 -9.82 -22.50
C ALA G 63 49.99 -8.44 -22.31
N VAL G 64 50.82 -7.38 -22.33
CA VAL G 64 50.39 -6.00 -22.10
C VAL G 64 50.40 -5.08 -23.32
N LYS G 65 51.05 -5.53 -24.42
CA LYS G 65 51.17 -4.79 -25.68
C LYS G 65 49.84 -4.24 -26.18
N GLY G 66 49.84 -2.94 -26.49
CA GLY G 66 48.68 -2.21 -26.99
C GLY G 66 47.56 -1.95 -26.00
N ARG G 67 47.85 -2.12 -24.68
CA ARG G 67 46.92 -1.92 -23.58
C ARG G 67 47.56 -1.04 -22.49
N PHE G 68 48.87 -1.25 -22.26
CA PHE G 68 49.62 -0.52 -21.24
C PHE G 68 50.56 0.50 -21.88
N THR G 69 50.85 1.60 -21.15
CA THR G 69 51.71 2.70 -21.59
C THR G 69 52.64 3.24 -20.48
N VAL G 70 53.98 3.01 -20.65
CA VAL G 70 55.03 3.52 -19.76
C VAL G 70 55.35 4.93 -20.20
N SER G 71 55.60 5.79 -19.21
CA SER G 71 55.97 7.18 -19.38
C SER G 71 56.80 7.60 -18.16
N ARG G 72 57.52 8.72 -18.27
CA ARG G 72 58.33 9.24 -17.17
C ARG G 72 58.42 10.78 -17.19
N ASP G 73 58.49 11.38 -15.98
CA ASP G 73 58.71 12.81 -15.81
C ASP G 73 60.02 12.94 -15.07
N ASN G 74 61.10 13.18 -15.83
CA ASN G 74 62.45 13.26 -15.28
C ASN G 74 62.66 14.49 -14.40
N ALA G 75 61.91 15.56 -14.69
CA ALA G 75 61.94 16.81 -13.94
C ALA G 75 61.32 16.61 -12.55
N LYS G 76 60.33 15.71 -12.44
CA LYS G 76 59.62 15.42 -11.19
C LYS G 76 59.99 14.05 -10.57
N ASN G 77 61.01 13.36 -11.14
CA ASN G 77 61.52 12.04 -10.71
C ASN G 77 60.41 10.98 -10.60
N LEU G 78 59.55 10.89 -11.62
CA LEU G 78 58.40 9.98 -11.66
C LEU G 78 58.37 9.03 -12.85
N LEU G 79 58.01 7.80 -12.57
CA LEU G 79 57.77 6.72 -13.53
C LEU G 79 56.26 6.45 -13.52
N PHE G 80 55.66 6.23 -14.68
CA PHE G 80 54.22 5.95 -14.73
C PHE G 80 53.92 4.71 -15.54
N LEU G 81 52.77 4.07 -15.22
CA LEU G 81 52.25 2.93 -15.96
C LEU G 81 50.75 3.13 -16.13
N GLN G 82 50.33 3.54 -17.31
CA GLN G 82 48.92 3.75 -17.63
C GLN G 82 48.39 2.41 -18.17
N MET G 83 47.49 1.76 -17.41
CA MET G 83 46.97 0.43 -17.74
C MET G 83 45.52 0.49 -18.16
N ASN G 84 45.23 0.13 -19.43
CA ASN G 84 43.86 0.13 -19.99
C ASN G 84 43.29 -1.26 -20.23
N ILE G 85 41.95 -1.34 -20.47
CA ILE G 85 41.15 -2.55 -20.76
C ILE G 85 41.63 -3.71 -19.88
N LEU G 86 41.43 -3.56 -18.57
CA LEU G 86 41.94 -4.50 -17.58
C LEU G 86 41.25 -5.83 -17.50
N LYS G 87 42.07 -6.89 -17.46
CA LYS G 87 41.63 -8.29 -17.37
C LYS G 87 42.00 -8.79 -15.98
N SER G 88 41.33 -9.86 -15.51
CA SER G 88 41.63 -10.47 -14.21
C SER G 88 43.07 -11.03 -14.19
N GLU G 89 43.63 -11.30 -15.39
CA GLU G 89 44.98 -11.79 -15.60
C GLU G 89 46.03 -10.72 -15.23
N ASP G 90 45.61 -9.46 -15.06
CA ASP G 90 46.47 -8.34 -14.66
C ASP G 90 46.53 -8.15 -13.14
N THR G 91 45.79 -9.01 -12.38
CA THR G 91 45.80 -8.98 -10.93
C THR G 91 47.20 -9.42 -10.48
N ALA G 92 47.89 -8.55 -9.77
CA ALA G 92 49.26 -8.76 -9.34
C ALA G 92 49.72 -7.65 -8.43
N MET G 93 50.87 -7.89 -7.82
CA MET G 93 51.63 -6.90 -7.07
C MET G 93 52.53 -6.28 -8.16
N TYR G 94 52.50 -4.95 -8.30
CA TYR G 94 53.30 -4.24 -9.32
C TYR G 94 54.46 -3.53 -8.69
N TYR G 95 55.64 -3.71 -9.26
CA TYR G 95 56.89 -3.09 -8.77
C TYR G 95 57.58 -2.24 -9.82
N CYS G 96 58.09 -1.06 -9.43
CA CYS G 96 58.95 -0.31 -10.32
C CYS G 96 60.40 -0.70 -9.87
N ALA G 97 61.29 -0.89 -10.83
CA ALA G 97 62.63 -1.33 -10.51
C ALA G 97 63.71 -0.75 -11.41
N ARG G 98 64.92 -0.55 -10.85
CA ARG G 98 66.10 -0.13 -11.56
C ARG G 98 67.06 -1.33 -11.52
N PHE G 99 67.48 -1.76 -12.70
CA PHE G 99 68.39 -2.90 -12.84
C PHE G 99 69.73 -2.42 -13.34
N ASP G 100 70.76 -2.61 -12.50
CA ASP G 100 72.16 -2.30 -12.82
C ASP G 100 72.78 -3.63 -13.27
N TRP G 101 74.04 -3.62 -13.74
CA TRP G 101 74.67 -4.87 -14.16
C TRP G 101 74.95 -5.79 -12.93
N ASP G 102 75.05 -5.19 -11.74
CA ASP G 102 75.38 -5.91 -10.50
C ASP G 102 74.44 -5.63 -9.32
N LYS G 103 73.51 -4.65 -9.44
CA LYS G 103 72.59 -4.23 -8.37
C LYS G 103 71.15 -4.15 -8.88
N ASN G 104 70.18 -4.25 -7.97
CA ASN G 104 68.76 -4.11 -8.25
C ASN G 104 68.12 -3.33 -7.13
N TYR G 105 67.16 -2.46 -7.48
CA TYR G 105 66.42 -1.65 -6.53
C TYR G 105 64.98 -1.77 -6.89
N TRP G 106 64.16 -2.18 -5.92
CA TRP G 106 62.74 -2.40 -6.14
C TRP G 106 61.97 -1.51 -5.22
N GLY G 107 60.74 -1.19 -5.59
CA GLY G 107 59.86 -0.45 -4.70
C GLY G 107 59.19 -1.40 -3.72
N GLN G 108 58.21 -0.89 -2.97
CA GLN G 108 57.44 -1.66 -1.98
C GLN G 108 56.41 -2.55 -2.69
N GLY G 109 55.92 -2.08 -3.84
CA GLY G 109 54.88 -2.69 -4.65
C GLY G 109 53.48 -2.18 -4.28
N THR G 110 52.56 -2.15 -5.26
CA THR G 110 51.14 -1.80 -5.07
C THR G 110 50.32 -2.91 -5.69
N MET G 111 49.36 -3.43 -4.92
CA MET G 111 48.45 -4.45 -5.42
C MET G 111 47.44 -3.84 -6.36
N VAL G 112 47.22 -4.50 -7.48
CA VAL G 112 46.19 -4.18 -8.47
C VAL G 112 45.29 -5.40 -8.49
N THR G 113 44.03 -5.23 -8.11
CA THR G 113 43.05 -6.31 -8.07
C THR G 113 42.00 -6.07 -9.13
N VAL G 114 41.91 -6.95 -10.12
CA VAL G 114 40.89 -6.82 -11.17
C VAL G 114 39.77 -7.79 -10.85
N SER G 115 38.55 -7.23 -10.62
CA SER G 115 37.35 -8.00 -10.22
C SER G 115 36.06 -7.22 -10.43
N SER G 116 34.99 -7.98 -10.75
CA SER G 116 33.63 -7.46 -10.96
C SER G 116 32.79 -7.62 -9.69
N ALA G 117 33.43 -8.09 -8.61
CA ALA G 117 32.80 -8.23 -7.29
C ALA G 117 32.51 -6.87 -6.67
N LYS G 118 31.54 -6.84 -5.77
CA LYS G 118 31.08 -5.65 -5.03
C LYS G 118 31.49 -5.79 -3.58
N THR G 119 31.74 -4.67 -2.89
CA THR G 119 32.11 -4.68 -1.47
C THR G 119 31.05 -5.36 -0.61
N THR G 120 31.42 -6.49 0.01
CA THR G 120 30.51 -7.31 0.79
C THR G 120 31.02 -7.55 2.19
N ALA G 121 30.17 -7.32 3.21
CA ALA G 121 30.51 -7.57 4.61
C ALA G 121 30.44 -9.09 4.87
N PRO G 122 31.39 -9.68 5.62
CA PRO G 122 31.33 -11.14 5.85
C PRO G 122 30.26 -11.54 6.86
N SER G 123 29.86 -12.80 6.78
CA SER G 123 29.00 -13.46 7.75
C SER G 123 29.95 -14.26 8.65
N VAL G 124 29.85 -14.04 9.97
CA VAL G 124 30.70 -14.70 10.94
C VAL G 124 29.89 -15.77 11.67
N TYR G 125 30.33 -17.02 11.55
CA TYR G 125 29.66 -18.18 12.14
C TYR G 125 30.51 -18.91 13.15
N PRO G 126 29.90 -19.37 14.27
CA PRO G 126 30.68 -20.11 15.28
C PRO G 126 30.92 -21.56 14.90
N LEU G 127 32.06 -22.10 15.33
CA LEU G 127 32.40 -23.49 15.11
C LEU G 127 32.58 -24.15 16.47
N ALA G 128 31.58 -24.92 16.88
CA ALA G 128 31.59 -25.62 18.17
C ALA G 128 31.20 -27.07 17.90
N PRO G 129 31.81 -28.05 18.59
CA PRO G 129 31.42 -29.46 18.33
C PRO G 129 30.00 -29.77 18.83
N ALA G 130 29.32 -30.68 18.18
CA ALA G 130 28.02 -31.13 18.68
C ALA G 130 28.07 -32.62 18.52
N CYS G 131 28.04 -33.37 19.66
CA CYS G 131 28.10 -34.83 19.75
C CYS G 131 29.36 -35.44 19.08
N THR G 137 40.39 -38.36 25.42
CA THR G 137 40.41 -37.62 24.15
C THR G 137 41.86 -37.31 23.68
N THR G 138 42.35 -36.16 24.15
CA THR G 138 43.62 -35.44 23.96
C THR G 138 43.74 -34.36 25.07
N ASN G 139 42.64 -34.19 25.86
CA ASN G 139 42.43 -33.21 26.93
C ASN G 139 42.32 -31.78 26.38
N THR G 140 42.08 -31.67 25.05
CA THR G 140 41.88 -30.40 24.36
C THR G 140 40.57 -30.42 23.54
N VAL G 141 40.04 -29.22 23.26
CA VAL G 141 38.86 -29.00 22.43
C VAL G 141 39.18 -27.92 21.39
N THR G 142 38.78 -28.15 20.12
CA THR G 142 38.98 -27.18 19.04
C THR G 142 37.68 -26.49 18.68
N LEU G 143 37.73 -25.17 18.57
CA LEU G 143 36.59 -24.35 18.18
C LEU G 143 37.03 -23.50 17.00
N GLY G 144 36.20 -22.57 16.58
CA GLY G 144 36.58 -21.68 15.50
C GLY G 144 35.54 -20.71 15.02
N CYS G 145 35.86 -20.04 13.91
CA CYS G 145 35.03 -19.08 13.22
C CYS G 145 35.13 -19.27 11.76
N LEU G 146 33.99 -19.14 11.10
CA LEU G 146 33.88 -19.22 9.66
C LEU G 146 33.50 -17.80 9.23
N VAL G 147 34.34 -17.18 8.38
CA VAL G 147 34.16 -15.81 7.90
C VAL G 147 33.85 -15.97 6.45
N LYS G 148 32.55 -15.97 6.16
CA LYS G 148 31.99 -16.28 4.86
C LYS G 148 31.55 -15.10 3.98
N GLY G 149 31.93 -15.21 2.70
CA GLY G 149 31.57 -14.33 1.61
C GLY G 149 31.77 -12.84 1.78
N TYR G 150 33.03 -12.42 1.78
CA TYR G 150 33.36 -10.99 1.90
C TYR G 150 34.13 -10.57 0.68
N PHE G 151 34.23 -9.25 0.49
CA PHE G 151 34.98 -8.65 -0.59
C PHE G 151 35.09 -7.16 -0.31
N PRO G 152 36.27 -6.53 -0.48
CA PRO G 152 37.56 -7.09 -0.89
C PRO G 152 38.35 -7.65 0.29
N GLU G 153 39.60 -8.07 0.04
CA GLU G 153 40.51 -8.51 1.09
C GLU G 153 41.08 -7.23 1.71
N PRO G 154 41.50 -7.18 3.00
CA PRO G 154 41.57 -8.26 3.99
C PRO G 154 40.49 -8.24 5.06
N VAL G 155 40.53 -9.27 5.90
CA VAL G 155 39.78 -9.37 7.14
C VAL G 155 40.84 -9.60 8.20
N THR G 156 40.56 -9.20 9.43
CA THR G 156 41.45 -9.48 10.53
C THR G 156 40.64 -10.34 11.49
N VAL G 157 41.24 -11.44 11.94
CA VAL G 157 40.62 -12.34 12.90
C VAL G 157 41.49 -12.40 14.15
N ILE G 158 40.86 -12.30 15.31
CA ILE G 158 41.52 -12.44 16.60
C ILE G 158 40.64 -13.22 17.58
N TRP G 159 41.22 -13.61 18.71
CA TRP G 159 40.53 -14.36 19.74
C TRP G 159 40.75 -13.63 21.02
N ASN G 160 39.64 -13.37 21.72
CA ASN G 160 39.58 -12.65 22.99
C ASN G 160 40.35 -11.35 22.96
N SER G 161 40.06 -10.55 21.91
CA SER G 161 40.61 -9.21 21.67
C SER G 161 42.12 -9.19 21.43
N GLY G 162 42.66 -10.33 21.03
CA GLY G 162 44.07 -10.47 20.71
C GLY G 162 44.92 -11.08 21.80
N ALA G 163 44.32 -11.32 22.98
CA ALA G 163 45.03 -11.86 24.13
C ALA G 163 45.33 -13.34 23.91
N LEU G 164 44.41 -14.06 23.22
CA LEU G 164 44.55 -15.46 22.95
C LEU G 164 45.19 -15.70 21.57
N THR G 165 46.48 -16.06 21.56
CA THR G 165 47.21 -16.36 20.32
C THR G 165 47.71 -17.80 20.36
N SER G 166 47.86 -18.36 21.57
CA SER G 166 48.30 -19.73 21.70
C SER G 166 47.20 -20.69 21.23
N GLY G 167 47.58 -21.63 20.37
CA GLY G 167 46.69 -22.63 19.80
C GLY G 167 45.77 -22.13 18.71
N VAL G 168 46.05 -20.90 18.20
CA VAL G 168 45.27 -20.28 17.15
C VAL G 168 45.94 -20.58 15.80
N HIS G 169 45.12 -20.83 14.77
CA HIS G 169 45.52 -21.01 13.38
C HIS G 169 44.52 -20.23 12.55
N THR G 170 44.97 -19.21 11.82
CA THR G 170 44.11 -18.45 10.91
C THR G 170 44.56 -18.84 9.52
N PHE G 171 43.62 -19.37 8.74
CA PHE G 171 43.89 -19.93 7.43
C PHE G 171 43.89 -18.91 6.31
N PRO G 172 44.71 -19.15 5.24
CA PRO G 172 44.66 -18.27 4.05
C PRO G 172 43.27 -18.30 3.45
N SER G 173 42.78 -17.16 2.96
CA SER G 173 41.43 -17.10 2.40
C SER G 173 41.33 -17.85 1.06
N VAL G 174 40.10 -18.17 0.64
CA VAL G 174 39.88 -18.87 -0.61
C VAL G 174 38.86 -18.05 -1.40
N LEU G 175 39.10 -17.90 -2.70
CA LEU G 175 38.20 -17.16 -3.56
C LEU G 175 37.27 -18.11 -4.27
N HIS G 176 35.98 -17.81 -4.24
CA HIS G 176 34.93 -18.63 -4.84
C HIS G 176 33.76 -17.72 -5.24
N SER G 177 33.38 -17.68 -6.56
CA SER G 177 32.27 -16.85 -7.07
C SER G 177 32.43 -15.35 -6.73
N GLY G 178 33.67 -14.88 -6.89
CA GLY G 178 34.08 -13.50 -6.66
C GLY G 178 34.30 -13.09 -5.21
N LEU G 179 33.73 -13.84 -4.24
CA LEU G 179 33.88 -13.53 -2.82
C LEU G 179 34.89 -14.45 -2.14
N TYR G 180 35.47 -13.96 -1.02
CA TYR G 180 36.46 -14.64 -0.21
C TYR G 180 35.82 -15.20 1.06
N SER G 181 36.34 -16.33 1.52
CA SER G 181 35.97 -17.06 2.73
C SER G 181 37.26 -17.43 3.43
N LEU G 182 37.22 -17.43 4.76
CA LEU G 182 38.35 -17.76 5.59
C LEU G 182 37.82 -18.34 6.91
N SER G 183 38.64 -19.18 7.54
CA SER G 183 38.31 -19.76 8.84
C SER G 183 39.51 -19.63 9.78
N SER G 184 39.25 -19.74 11.08
CA SER G 184 40.26 -19.68 12.13
C SER G 184 39.92 -20.72 13.18
N SER G 185 40.93 -21.51 13.60
CA SER G 185 40.73 -22.53 14.64
C SER G 185 41.49 -22.12 15.91
N VAL G 186 40.90 -22.42 17.07
CA VAL G 186 41.51 -22.19 18.38
C VAL G 186 41.40 -23.48 19.23
N THR G 187 42.57 -24.00 19.66
CA THR G 187 42.63 -25.19 20.50
C THR G 187 42.99 -24.79 21.91
N VAL G 188 42.15 -25.20 22.86
CA VAL G 188 42.29 -24.87 24.29
C VAL G 188 42.20 -26.14 25.13
N PRO G 189 42.78 -26.22 26.37
CA PRO G 189 42.53 -27.41 27.21
C PRO G 189 41.03 -27.56 27.44
N SER G 190 40.49 -28.79 27.32
CA SER G 190 39.05 -29.04 27.44
C SER G 190 38.40 -28.62 28.76
N SER G 191 39.15 -28.61 29.88
CA SER G 191 38.61 -28.18 31.17
C SER G 191 38.33 -26.67 31.22
N THR G 192 38.94 -25.95 30.28
CA THR G 192 38.90 -24.50 30.18
C THR G 192 37.75 -23.96 29.32
N TRP G 193 37.00 -24.86 28.68
CA TRP G 193 35.88 -24.46 27.86
C TRP G 193 34.68 -25.33 28.17
N PRO G 194 33.49 -24.74 28.44
CA PRO G 194 33.14 -23.31 28.34
C PRO G 194 33.38 -22.48 29.60
N SER G 195 34.06 -23.01 30.65
CA SER G 195 34.29 -22.23 31.90
C SER G 195 35.00 -20.88 31.70
N GLN G 196 35.81 -20.80 30.62
CA GLN G 196 36.54 -19.61 30.22
C GLN G 196 36.18 -19.30 28.77
N THR G 197 35.46 -18.19 28.60
CA THR G 197 34.97 -17.57 27.38
C THR G 197 35.97 -17.56 26.25
N VAL G 198 35.50 -17.93 25.04
CA VAL G 198 36.26 -17.91 23.79
C VAL G 198 35.40 -17.09 22.84
N THR G 199 35.92 -15.96 22.34
CA THR G 199 35.19 -15.05 21.45
C THR G 199 36.10 -14.65 20.31
N CYS G 200 35.64 -14.90 19.06
CA CYS G 200 36.43 -14.47 17.92
C CYS G 200 35.98 -13.07 17.50
N ASN G 201 36.94 -12.24 17.15
CA ASN G 201 36.71 -10.85 16.79
C ASN G 201 37.14 -10.67 15.36
N VAL G 202 36.17 -10.34 14.49
CA VAL G 202 36.39 -10.21 13.05
C VAL G 202 36.18 -8.77 12.62
N ALA G 203 37.08 -8.27 11.77
CA ALA G 203 37.02 -6.91 11.26
C ALA G 203 37.23 -6.88 9.76
N HIS G 204 36.26 -6.27 9.05
CA HIS G 204 36.36 -6.07 7.61
C HIS G 204 36.30 -4.55 7.42
N PRO G 205 37.48 -3.90 7.38
CA PRO G 205 37.49 -2.43 7.28
C PRO G 205 36.75 -1.84 6.09
N ALA G 206 36.87 -2.48 4.91
CA ALA G 206 36.22 -2.06 3.67
C ALA G 206 34.69 -1.87 3.79
N SER G 207 34.01 -2.73 4.58
CA SER G 207 32.58 -2.63 4.82
C SER G 207 32.30 -2.02 6.18
N SER G 208 33.35 -1.61 6.93
CA SER G 208 33.26 -1.02 8.28
C SER G 208 32.60 -2.01 9.27
N THR G 209 32.98 -3.29 9.16
CA THR G 209 32.47 -4.39 9.96
C THR G 209 33.43 -4.73 11.10
N THR G 210 32.86 -4.82 12.29
CA THR G 210 33.51 -5.24 13.52
C THR G 210 32.49 -6.14 14.18
N VAL G 211 32.75 -7.44 14.16
CA VAL G 211 31.86 -8.43 14.72
C VAL G 211 32.59 -9.26 15.77
N ASP G 212 31.89 -9.51 16.89
CA ASP G 212 32.38 -10.37 17.98
C ASP G 212 31.42 -11.52 18.07
N LEU G 213 31.95 -12.75 18.17
CA LEU G 213 31.10 -13.91 18.24
C LEU G 213 31.58 -14.92 19.24
N LYS G 214 30.80 -15.09 20.32
CA LYS G 214 31.11 -15.98 21.44
C LYS G 214 30.79 -17.44 21.07
N ILE G 215 31.75 -18.38 21.29
CA ILE G 215 31.62 -19.82 21.04
C ILE G 215 30.95 -20.55 22.26
N GLU G 216 29.80 -21.17 21.97
CA GLU G 216 28.80 -21.91 22.77
C GLU G 216 27.85 -20.84 23.26
N ASP H 1 59.47 -15.66 -26.33
CA ASP H 1 60.06 -15.51 -25.00
C ASP H 1 60.80 -16.78 -24.56
N ILE H 2 61.78 -16.63 -23.65
CA ILE H 2 62.54 -17.79 -23.13
C ILE H 2 61.83 -18.32 -21.87
N GLN H 3 61.43 -19.60 -21.86
CA GLN H 3 60.75 -20.17 -20.69
C GLN H 3 61.73 -20.77 -19.69
N MET H 4 61.66 -20.28 -18.44
CA MET H 4 62.52 -20.72 -17.36
C MET H 4 61.80 -21.76 -16.50
N THR H 5 62.48 -22.88 -16.18
CA THR H 5 61.91 -23.92 -15.30
C THR H 5 62.80 -24.07 -14.06
N GLN H 6 62.19 -24.43 -12.91
CA GLN H 6 62.93 -24.64 -11.65
C GLN H 6 62.51 -25.99 -11.07
N SER H 7 63.47 -26.65 -10.42
CA SER H 7 63.29 -27.92 -9.72
C SER H 7 64.20 -28.01 -8.50
N PRO H 8 63.71 -28.46 -7.31
CA PRO H 8 62.33 -28.90 -7.02
C PRO H 8 61.38 -27.72 -6.75
N SER H 9 60.07 -27.98 -6.61
CA SER H 9 59.13 -26.90 -6.32
C SER H 9 59.29 -26.47 -4.83
N SER H 10 59.48 -27.46 -3.94
CA SER H 10 59.67 -27.30 -2.50
C SER H 10 60.85 -28.16 -2.09
N LEU H 11 61.62 -27.68 -1.11
CA LEU H 11 62.79 -28.41 -0.61
C LEU H 11 62.91 -28.37 0.92
N PRO H 12 62.56 -29.49 1.63
CA PRO H 12 62.73 -29.50 3.10
C PRO H 12 64.19 -29.72 3.46
N ALA H 13 64.68 -29.02 4.51
CA ALA H 13 66.07 -29.10 4.93
C ALA H 13 66.31 -28.82 6.41
N SER H 14 67.47 -29.28 6.93
CA SER H 14 67.91 -29.06 8.31
C SER H 14 69.02 -28.01 8.28
N LEU H 15 69.23 -27.31 9.39
CA LEU H 15 70.26 -26.29 9.48
C LEU H 15 71.61 -26.95 9.36
N GLY H 16 72.48 -26.32 8.60
CA GLY H 16 73.81 -26.84 8.34
C GLY H 16 73.90 -27.70 7.09
N ASP H 17 72.76 -28.04 6.48
CA ASP H 17 72.70 -28.87 5.28
C ASP H 17 73.16 -28.11 4.01
N ARG H 18 73.75 -28.86 3.07
CA ARG H 18 74.11 -28.36 1.75
C ARG H 18 72.85 -28.50 0.90
N VAL H 19 72.41 -27.40 0.29
CA VAL H 19 71.18 -27.31 -0.48
C VAL H 19 71.44 -26.82 -1.90
N THR H 20 70.89 -27.53 -2.91
CA THR H 20 71.05 -27.22 -4.34
C THR H 20 69.71 -27.17 -5.08
N ILE H 21 69.41 -26.00 -5.68
CA ILE H 21 68.23 -25.75 -6.50
C ILE H 21 68.71 -25.78 -7.96
N ASN H 22 67.87 -26.32 -8.88
CA ASN H 22 68.19 -26.39 -10.30
C ASN H 22 67.27 -25.51 -11.13
N CYS H 23 67.84 -24.91 -12.18
CA CYS H 23 67.12 -24.01 -13.08
C CYS H 23 67.42 -24.37 -14.57
N GLN H 24 66.42 -24.24 -15.43
CA GLN H 24 66.63 -24.57 -16.84
C GLN H 24 65.98 -23.58 -17.78
N ALA H 25 66.74 -23.18 -18.81
CA ALA H 25 66.30 -22.22 -19.82
C ALA H 25 65.82 -22.95 -21.06
N SER H 26 64.82 -22.41 -21.78
CA SER H 26 64.27 -23.05 -22.99
C SER H 26 65.26 -23.03 -24.17
N GLN H 27 66.25 -22.13 -24.13
CA GLN H 27 67.31 -21.94 -25.13
C GLN H 27 68.51 -21.26 -24.46
N ASP H 28 69.67 -21.20 -25.15
CA ASP H 28 70.89 -20.59 -24.64
C ASP H 28 70.69 -19.13 -24.19
N ILE H 29 71.18 -18.81 -22.96
CA ILE H 29 71.09 -17.49 -22.34
C ILE H 29 72.45 -16.80 -22.09
N SER H 30 73.54 -17.39 -22.61
CA SER H 30 74.92 -16.89 -22.53
C SER H 30 75.42 -16.44 -21.14
N ASN H 31 74.99 -17.17 -20.09
CA ASN H 31 75.30 -16.94 -18.66
C ASN H 31 74.51 -15.80 -17.99
N TYR H 32 73.56 -15.14 -18.71
CA TYR H 32 72.79 -14.05 -18.11
C TYR H 32 71.65 -14.53 -17.25
N LEU H 33 72.05 -15.13 -16.12
CA LEU H 33 71.15 -15.68 -15.13
C LEU H 33 71.43 -15.16 -13.74
N ASN H 34 70.36 -14.64 -13.16
CA ASN H 34 70.30 -14.10 -11.81
C ASN H 34 69.55 -15.06 -10.88
N TRP H 35 69.90 -15.02 -9.59
CA TRP H 35 69.23 -15.76 -8.53
C TRP H 35 68.77 -14.80 -7.50
N TYR H 36 67.50 -14.90 -7.14
CA TYR H 36 66.89 -14.04 -6.11
C TYR H 36 66.35 -14.88 -4.99
N GLN H 37 66.30 -14.25 -3.81
CA GLN H 37 65.68 -14.80 -2.63
C GLN H 37 64.44 -13.93 -2.37
N GLN H 38 63.36 -14.54 -1.94
CA GLN H 38 62.17 -13.79 -1.57
C GLN H 38 61.53 -14.26 -0.27
N LYS H 39 61.33 -13.31 0.65
CA LYS H 39 60.72 -13.55 1.96
C LYS H 39 59.29 -12.97 1.93
N PRO H 40 58.32 -13.59 2.66
CA PRO H 40 56.92 -13.15 2.51
C PRO H 40 56.65 -11.67 2.76
N GLY H 41 55.86 -11.06 1.88
CA GLY H 41 55.48 -9.65 1.95
C GLY H 41 56.54 -8.68 1.48
N LYS H 42 57.73 -9.18 1.11
CA LYS H 42 58.86 -8.36 0.67
C LYS H 42 59.26 -8.55 -0.79
N ALA H 43 59.95 -7.55 -1.37
CA ALA H 43 60.44 -7.57 -2.75
C ALA H 43 61.56 -8.63 -2.92
N PRO H 44 61.80 -9.15 -4.15
CA PRO H 44 62.92 -10.11 -4.32
C PRO H 44 64.28 -9.46 -4.04
N LYS H 45 65.26 -10.25 -3.57
CA LYS H 45 66.61 -9.78 -3.26
C LYS H 45 67.60 -10.55 -4.08
N LEU H 46 68.46 -9.85 -4.83
CA LEU H 46 69.46 -10.48 -5.68
C LEU H 46 70.61 -11.06 -4.86
N LEU H 47 70.93 -12.34 -5.14
CA LEU H 47 72.02 -13.06 -4.48
C LEU H 47 73.13 -13.35 -5.46
N ILE H 48 72.77 -13.90 -6.63
CA ILE H 48 73.74 -14.26 -7.68
C ILE H 48 73.36 -13.54 -8.98
N TYR H 49 74.37 -13.06 -9.73
CA TYR H 49 74.23 -12.41 -11.04
C TYR H 49 75.28 -13.03 -11.98
N TYR H 50 75.03 -13.02 -13.32
CA TYR H 50 75.95 -13.56 -14.35
C TYR H 50 76.35 -15.02 -14.05
N THR H 51 75.35 -15.84 -13.65
CA THR H 51 75.47 -17.26 -13.34
C THR H 51 76.12 -17.61 -12.00
N ASN H 52 77.30 -17.02 -11.72
CA ASN H 52 78.10 -17.35 -10.54
C ASN H 52 78.74 -16.19 -9.78
N LYS H 53 78.28 -14.94 -9.99
CA LYS H 53 78.87 -13.80 -9.29
C LYS H 53 77.99 -13.36 -8.13
N LEU H 54 78.59 -13.32 -6.93
CA LEU H 54 77.91 -12.96 -5.71
C LEU H 54 77.70 -11.47 -5.64
N ALA H 55 76.45 -11.06 -5.40
CA ALA H 55 76.10 -9.63 -5.27
C ALA H 55 76.82 -9.05 -4.02
N ASP H 56 76.94 -7.71 -3.92
CA ASP H 56 77.64 -7.04 -2.82
C ASP H 56 77.05 -7.35 -1.47
N GLY H 57 77.91 -7.80 -0.54
CA GLY H 57 77.54 -8.12 0.84
C GLY H 57 76.84 -9.45 1.06
N VAL H 58 76.72 -10.28 0.00
CA VAL H 58 76.08 -11.60 0.07
C VAL H 58 77.04 -12.63 0.72
N PRO H 59 76.58 -13.38 1.75
CA PRO H 59 77.45 -14.33 2.46
C PRO H 59 78.07 -15.41 1.57
N SER H 60 79.30 -15.82 1.93
CA SER H 60 80.14 -16.84 1.26
C SER H 60 79.50 -18.23 1.07
N ARG H 61 78.46 -18.57 1.84
CA ARG H 61 77.75 -19.85 1.74
C ARG H 61 76.94 -20.00 0.45
N PHE H 62 76.78 -18.91 -0.31
CA PHE H 62 76.03 -18.90 -1.56
C PHE H 62 76.93 -19.03 -2.78
N SER H 63 76.47 -19.79 -3.76
CA SER H 63 77.17 -20.00 -5.01
C SER H 63 76.18 -20.40 -6.10
N GLY H 64 76.66 -20.31 -7.34
CA GLY H 64 75.95 -20.68 -8.56
C GLY H 64 76.92 -21.22 -9.60
N SER H 65 76.39 -22.00 -10.57
CA SER H 65 77.11 -22.58 -11.71
C SER H 65 76.11 -22.94 -12.83
N GLY H 66 76.54 -22.83 -14.08
CA GLY H 66 75.66 -23.10 -15.22
C GLY H 66 76.32 -23.19 -16.59
N SER H 67 75.82 -24.13 -17.39
CA SER H 67 76.28 -24.45 -18.74
C SER H 67 75.22 -24.17 -19.84
N GLY H 68 75.15 -22.91 -20.29
CA GLY H 68 74.26 -22.45 -21.35
C GLY H 68 72.79 -22.49 -21.02
N ARG H 69 72.18 -23.70 -21.10
CA ARG H 69 70.76 -23.94 -20.79
C ARG H 69 70.46 -24.34 -19.32
N ASP H 70 71.34 -25.16 -18.68
CA ASP H 70 71.12 -25.61 -17.30
C ASP H 70 72.00 -25.01 -16.19
N SER H 71 71.37 -24.43 -15.14
CA SER H 71 72.09 -23.83 -14.01
C SER H 71 71.68 -24.39 -12.67
N SER H 72 72.53 -24.14 -11.63
CA SER H 72 72.26 -24.53 -10.25
C SER H 72 72.62 -23.42 -9.23
N PHE H 73 71.96 -23.44 -8.07
CA PHE H 73 72.17 -22.50 -6.97
C PHE H 73 72.42 -23.30 -5.69
N THR H 74 73.50 -22.96 -4.95
CA THR H 74 73.88 -23.70 -3.75
C THR H 74 74.03 -22.86 -2.50
N ILE H 75 73.56 -23.41 -1.36
CA ILE H 75 73.75 -22.90 0.01
C ILE H 75 74.54 -24.02 0.69
N SER H 76 75.83 -23.78 0.98
CA SER H 76 76.74 -24.80 1.51
C SER H 76 76.44 -25.33 2.89
N SER H 77 75.80 -24.48 3.72
CA SER H 77 75.43 -24.79 5.10
C SER H 77 74.27 -23.85 5.45
N LEU H 78 73.04 -24.38 5.38
CA LEU H 78 71.79 -23.66 5.60
C LEU H 78 71.65 -22.99 6.94
N GLU H 79 71.24 -21.69 6.92
CA GLU H 79 70.95 -20.84 8.09
C GLU H 79 69.45 -20.61 8.11
N SER H 80 68.84 -20.39 9.30
CA SER H 80 67.39 -20.16 9.42
C SER H 80 66.89 -18.95 8.60
N GLU H 81 67.74 -17.91 8.46
CA GLU H 81 67.43 -16.73 7.65
C GLU H 81 67.36 -17.04 6.13
N ASP H 82 67.80 -18.26 5.72
CA ASP H 82 67.78 -18.68 4.32
C ASP H 82 66.44 -19.30 3.92
N ILE H 83 65.55 -19.55 4.90
CA ILE H 83 64.23 -20.11 4.67
C ILE H 83 63.38 -19.06 3.98
N GLY H 84 62.98 -19.39 2.76
CA GLY H 84 62.19 -18.55 1.87
C GLY H 84 62.15 -19.14 0.48
N SER H 85 61.78 -18.32 -0.50
CA SER H 85 61.68 -18.73 -1.91
C SER H 85 62.85 -18.24 -2.75
N TYR H 86 63.19 -19.01 -3.79
CA TYR H 86 64.30 -18.71 -4.66
C TYR H 86 63.89 -18.79 -6.12
N TYR H 87 64.26 -17.75 -6.87
CA TYR H 87 63.91 -17.54 -8.27
C TYR H 87 65.11 -17.33 -9.12
N CYS H 88 65.12 -18.00 -10.30
CA CYS H 88 66.15 -17.77 -11.31
C CYS H 88 65.52 -16.83 -12.33
N GLN H 89 66.35 -16.06 -13.05
CA GLN H 89 65.87 -15.11 -14.06
C GLN H 89 66.92 -14.87 -15.12
N GLN H 90 66.52 -14.95 -16.41
CA GLN H 90 67.39 -14.65 -17.54
C GLN H 90 67.25 -13.18 -17.95
N TYR H 91 68.38 -12.53 -18.24
CA TYR H 91 68.42 -11.13 -18.69
C TYR H 91 69.20 -11.02 -20.00
N TYR H 92 69.12 -12.10 -20.79
CA TYR H 92 69.74 -12.25 -22.10
C TYR H 92 68.84 -11.61 -23.19
N ASN H 93 67.51 -11.78 -23.05
CA ASN H 93 66.50 -11.30 -23.98
C ASN H 93 65.29 -10.72 -23.24
N TYR H 94 64.82 -9.52 -23.68
CA TYR H 94 63.62 -8.90 -23.13
C TYR H 94 62.37 -9.38 -23.91
N PRO H 95 61.26 -9.77 -23.23
CA PRO H 95 61.01 -9.76 -21.77
C PRO H 95 61.85 -10.74 -20.94
N TRP H 96 62.40 -10.21 -19.84
CA TRP H 96 63.19 -10.98 -18.88
C TRP H 96 62.25 -11.89 -18.11
N THR H 97 62.54 -13.17 -18.13
CA THR H 97 61.67 -14.17 -17.57
C THR H 97 62.24 -14.80 -16.35
N PHE H 98 61.35 -15.15 -15.40
CA PHE H 98 61.72 -15.78 -14.15
C PHE H 98 61.20 -17.22 -14.12
N GLY H 99 61.85 -18.05 -13.31
CA GLY H 99 61.39 -19.41 -13.08
C GLY H 99 60.24 -19.43 -12.06
N PRO H 100 59.51 -20.57 -11.93
CA PRO H 100 58.37 -20.64 -10.99
C PRO H 100 58.72 -20.44 -9.49
N GLY H 101 59.95 -20.77 -9.13
CA GLY H 101 60.46 -20.65 -7.77
C GLY H 101 60.60 -21.97 -7.06
N THR H 102 61.45 -21.97 -6.03
CA THR H 102 61.70 -23.11 -5.15
C THR H 102 61.55 -22.63 -3.72
N LYS H 103 60.60 -23.21 -2.97
CA LYS H 103 60.34 -22.86 -1.58
C LYS H 103 61.26 -23.70 -0.67
N LEU H 104 62.16 -23.02 0.05
CA LEU H 104 63.07 -23.65 0.99
C LEU H 104 62.34 -23.71 2.35
N GLU H 105 62.24 -24.92 2.94
CA GLU H 105 61.46 -25.24 4.15
C GLU H 105 62.25 -26.08 5.16
N ILE H 106 61.72 -26.14 6.39
CA ILE H 106 62.34 -26.82 7.52
C ILE H 106 61.97 -28.29 7.78
N LYS H 107 62.99 -29.19 7.72
CA LYS H 107 62.88 -30.61 8.07
C LYS H 107 62.57 -30.67 9.55
N ARG H 108 61.67 -31.57 9.88
CA ARG H 108 61.07 -31.75 11.20
C ARG H 108 60.68 -33.23 11.35
N ALA H 109 60.33 -33.67 12.57
CA ALA H 109 59.88 -35.04 12.81
C ALA H 109 58.45 -35.19 12.24
N ASP H 110 58.03 -36.42 11.92
CA ASP H 110 56.68 -36.63 11.44
C ASP H 110 55.67 -36.32 12.53
N ALA H 111 54.52 -35.75 12.17
CA ALA H 111 53.50 -35.39 13.15
C ALA H 111 52.14 -35.70 12.60
N LYS H 112 51.35 -36.44 13.41
CA LYS H 112 50.00 -36.83 13.07
C LYS H 112 49.05 -35.64 13.11
N PRO H 113 48.13 -35.49 12.14
CA PRO H 113 47.16 -34.39 12.25
C PRO H 113 46.11 -34.60 13.34
N THR H 114 45.56 -33.50 13.84
CA THR H 114 44.45 -33.51 14.77
C THR H 114 43.25 -33.07 13.92
N VAL H 115 42.35 -34.03 13.65
CA VAL H 115 41.19 -33.79 12.81
C VAL H 115 39.94 -33.48 13.66
N SER H 116 39.23 -32.36 13.36
CA SER H 116 38.00 -31.94 14.05
C SER H 116 37.02 -31.51 13.02
N ILE H 117 35.82 -32.08 13.06
CA ILE H 117 34.68 -31.83 12.18
C ILE H 117 33.62 -30.96 12.90
N PHE H 118 33.00 -30.01 12.17
CA PHE H 118 32.02 -29.09 12.76
C PHE H 118 30.76 -29.01 11.97
N PRO H 119 29.58 -29.06 12.61
CA PRO H 119 28.34 -28.92 11.83
C PRO H 119 28.07 -27.45 11.43
N PRO H 120 27.12 -27.19 10.50
CA PRO H 120 26.72 -25.78 10.27
C PRO H 120 26.11 -25.22 11.56
N SER H 121 26.34 -23.95 11.84
CA SER H 121 25.78 -23.33 13.04
C SER H 121 24.27 -23.11 12.83
N SER H 122 23.49 -23.03 13.92
CA SER H 122 22.05 -22.81 13.85
C SER H 122 21.74 -21.41 13.26
N GLU H 123 22.65 -20.48 13.44
CA GLU H 123 22.60 -19.12 12.93
C GLU H 123 22.71 -19.14 11.40
N GLN H 124 23.58 -20.00 10.85
CA GLN H 124 23.72 -20.13 9.40
C GLN H 124 22.51 -20.85 8.80
N LEU H 125 22.01 -21.90 9.47
CA LEU H 125 20.86 -22.68 9.05
C LEU H 125 19.61 -21.81 8.96
N GLY H 126 19.54 -20.78 9.79
CA GLY H 126 18.44 -19.81 9.79
C GLY H 126 18.40 -18.98 8.52
N THR H 127 19.56 -18.87 7.83
CA THR H 127 19.72 -18.13 6.58
C THR H 127 19.45 -19.00 5.35
N GLY H 128 19.24 -20.30 5.56
CA GLY H 128 18.95 -21.27 4.50
C GLY H 128 20.15 -21.94 3.86
N SER H 129 21.36 -21.70 4.43
CA SER H 129 22.65 -22.26 3.96
C SER H 129 23.24 -23.16 5.02
N ALA H 130 24.19 -24.03 4.64
CA ALA H 130 24.85 -24.96 5.56
C ALA H 130 26.31 -25.18 5.20
N THR H 131 27.23 -24.74 6.06
CA THR H 131 28.65 -24.97 5.77
C THR H 131 29.23 -25.84 6.82
N LEU H 132 29.84 -26.95 6.42
CA LEU H 132 30.54 -27.85 7.34
C LEU H 132 32.01 -27.54 7.23
N VAL H 133 32.70 -27.47 8.38
CA VAL H 133 34.13 -27.17 8.44
C VAL H 133 34.87 -28.35 9.07
N CYS H 134 36.07 -28.60 8.58
CA CYS H 134 36.96 -29.62 9.09
C CYS H 134 38.37 -29.01 9.23
N PHE H 135 38.90 -29.02 10.45
CA PHE H 135 40.28 -28.58 10.74
C PHE H 135 41.18 -29.82 10.88
N VAL H 136 42.28 -29.81 10.14
CA VAL H 136 43.29 -30.87 10.11
C VAL H 136 44.58 -30.16 10.50
N ASN H 137 44.86 -30.10 11.82
CA ASN H 137 45.95 -29.31 12.39
C ASN H 137 47.22 -30.00 12.87
N ASN H 138 48.35 -29.26 12.71
CA ASN H 138 49.72 -29.57 13.16
C ASN H 138 50.23 -30.89 12.69
N PHE H 139 50.30 -31.03 11.37
CA PHE H 139 50.77 -32.24 10.78
C PHE H 139 52.09 -31.92 10.05
N TYR H 140 52.90 -32.96 9.83
CA TYR H 140 54.16 -32.95 9.09
C TYR H 140 54.45 -34.40 8.63
N PRO H 141 54.85 -34.62 7.34
CA PRO H 141 55.07 -33.64 6.24
C PRO H 141 53.82 -32.96 5.63
N LYS H 142 54.06 -31.95 4.77
CA LYS H 142 53.09 -31.11 4.06
C LYS H 142 52.08 -31.92 3.22
N ASP H 143 52.53 -33.07 2.67
CA ASP H 143 51.69 -33.92 1.83
C ASP H 143 50.60 -34.62 2.61
N ILE H 144 49.33 -34.26 2.32
CA ILE H 144 48.14 -34.77 2.97
C ILE H 144 46.95 -34.82 1.95
N ASN H 145 45.95 -35.66 2.20
CA ASN H 145 44.74 -35.69 1.39
C ASN H 145 43.56 -35.58 2.31
N VAL H 146 42.71 -34.56 2.09
CA VAL H 146 41.56 -34.30 2.95
C VAL H 146 40.29 -34.29 2.13
N LYS H 147 39.38 -35.24 2.39
CA LYS H 147 38.12 -35.29 1.62
C LYS H 147 36.84 -35.37 2.43
N TRP H 148 35.73 -34.94 1.80
CA TRP H 148 34.39 -34.96 2.33
C TRP H 148 33.62 -36.10 1.73
N LYS H 149 32.96 -36.89 2.59
CA LYS H 149 32.07 -37.95 2.16
C LYS H 149 30.70 -37.61 2.72
N VAL H 150 29.67 -37.79 1.92
CA VAL H 150 28.28 -37.55 2.33
C VAL H 150 27.55 -38.88 2.10
N ASP H 151 27.09 -39.52 3.18
CA ASP H 151 26.47 -40.85 3.18
C ASP H 151 27.37 -41.89 2.45
N GLY H 152 28.69 -41.74 2.63
CA GLY H 152 29.71 -42.60 2.05
C GLY H 152 30.25 -42.19 0.68
N SER H 153 29.53 -41.24 0.01
CA SER H 153 29.91 -40.78 -1.33
C SER H 153 30.78 -39.55 -1.29
N GLU H 154 31.91 -39.60 -1.99
CA GLU H 154 32.88 -38.50 -2.08
C GLU H 154 32.21 -37.25 -2.67
N LYS H 155 32.26 -36.15 -1.92
CA LYS H 155 31.67 -34.88 -2.32
C LYS H 155 32.78 -33.85 -2.62
N ARG H 156 32.79 -33.29 -3.82
CA ARG H 156 33.74 -32.31 -4.30
C ARG H 156 33.12 -30.93 -4.58
N ASP H 157 31.84 -30.90 -5.03
CA ASP H 157 31.11 -29.67 -5.31
C ASP H 157 30.91 -28.90 -4.01
N GLY H 158 31.31 -27.63 -4.02
CA GLY H 158 31.19 -26.76 -2.86
C GLY H 158 32.26 -26.93 -1.82
N VAL H 159 33.36 -27.63 -2.17
CA VAL H 159 34.49 -27.89 -1.26
C VAL H 159 35.59 -26.87 -1.54
N LEU H 160 36.14 -26.24 -0.46
CA LEU H 160 37.26 -25.30 -0.52
C LEU H 160 38.25 -25.72 0.51
N GLN H 161 39.54 -25.58 0.21
CA GLN H 161 40.63 -25.94 1.14
C GLN H 161 41.73 -24.88 1.08
N SER H 162 42.48 -24.74 2.17
CA SER H 162 43.65 -23.89 2.28
C SER H 162 44.57 -24.43 3.37
N VAL H 163 45.87 -24.30 3.13
CA VAL H 163 46.94 -24.78 4.01
C VAL H 163 47.74 -23.60 4.50
N THR H 164 48.08 -23.57 5.78
CA THR H 164 48.93 -22.53 6.36
C THR H 164 50.37 -22.74 5.89
N ASP H 165 51.20 -21.71 6.05
CA ASP H 165 52.64 -21.77 5.78
C ASP H 165 53.23 -22.53 6.97
N GLN H 166 54.47 -23.00 6.85
CA GLN H 166 55.11 -23.71 7.96
C GLN H 166 55.10 -22.88 9.24
N ASP H 167 54.60 -23.45 10.35
CA ASP H 167 54.52 -22.78 11.65
C ASP H 167 55.90 -22.36 12.16
N SER H 168 55.98 -21.13 12.70
CA SER H 168 57.25 -20.55 13.21
C SER H 168 57.78 -21.32 14.44
N LYS H 169 56.85 -21.65 15.38
CA LYS H 169 57.08 -22.33 16.65
C LYS H 169 57.37 -23.83 16.49
N ASP H 170 56.45 -24.60 15.87
CA ASP H 170 56.63 -26.05 15.76
C ASP H 170 57.01 -26.64 14.40
N SER H 171 57.01 -25.82 13.32
CA SER H 171 57.37 -26.23 11.95
C SER H 171 56.40 -27.23 11.31
N THR H 172 55.15 -27.27 11.78
CA THR H 172 54.11 -28.13 11.22
C THR H 172 53.23 -27.27 10.29
N TYR H 173 52.27 -27.95 9.62
CA TYR H 173 51.32 -27.35 8.73
C TYR H 173 49.93 -27.68 9.24
N SER H 174 48.98 -26.82 8.94
CA SER H 174 47.58 -26.99 9.28
C SER H 174 46.72 -26.73 8.06
N LEU H 175 45.59 -27.42 7.97
CA LEU H 175 44.65 -27.33 6.85
C LEU H 175 43.18 -27.20 7.34
N SER H 176 42.45 -26.31 6.64
CA SER H 176 41.02 -26.09 6.83
C SER H 176 40.33 -26.47 5.51
N SER H 177 39.28 -27.27 5.59
CA SER H 177 38.48 -27.70 4.45
C SER H 177 37.03 -27.34 4.76
N THR H 178 36.32 -26.67 3.82
CA THR H 178 34.91 -26.35 4.02
C THR H 178 34.04 -26.97 2.97
N LEU H 179 32.87 -27.54 3.39
CA LEU H 179 31.83 -28.09 2.52
C LEU H 179 30.55 -27.23 2.61
N SER H 180 30.26 -26.45 1.57
CA SER H 180 29.05 -25.60 1.54
C SER H 180 27.90 -26.26 0.77
N LEU H 181 26.73 -26.33 1.41
CA LEU H 181 25.49 -26.94 0.85
C LEU H 181 24.32 -25.99 1.11
N THR H 182 23.13 -26.32 0.59
CA THR H 182 21.92 -25.58 0.90
C THR H 182 21.38 -26.28 2.16
N LYS H 183 20.48 -25.62 2.91
CA LYS H 183 19.91 -26.26 4.11
C LYS H 183 19.09 -27.49 3.66
N ALA H 184 18.40 -27.37 2.53
CA ALA H 184 17.62 -28.46 1.94
C ALA H 184 18.50 -29.69 1.61
N ASP H 185 19.67 -29.47 0.97
CA ASP H 185 20.62 -30.52 0.61
C ASP H 185 21.22 -31.17 1.87
N TYR H 186 21.51 -30.36 2.90
CA TYR H 186 22.07 -30.81 4.17
C TYR H 186 21.10 -31.73 4.93
N GLU H 187 19.82 -31.34 4.95
CA GLU H 187 18.75 -32.08 5.62
C GLU H 187 18.41 -33.40 4.92
N ARG H 188 18.73 -33.55 3.62
CA ARG H 188 18.46 -34.77 2.86
C ARG H 188 19.41 -35.93 3.26
N HIS H 189 20.54 -35.60 3.90
CA HIS H 189 21.56 -36.56 4.28
C HIS H 189 21.85 -36.56 5.76
N ASN H 190 22.49 -37.64 6.24
CA ASN H 190 22.72 -37.90 7.64
C ASN H 190 24.16 -38.09 8.05
N LEU H 191 24.97 -38.71 7.21
CA LEU H 191 26.35 -38.94 7.58
C LEU H 191 27.33 -38.06 6.81
N TYR H 192 28.10 -37.23 7.52
CA TYR H 192 29.09 -36.31 6.91
C TYR H 192 30.40 -36.67 7.48
N THR H 193 31.33 -37.07 6.62
CA THR H 193 32.66 -37.49 7.03
C THR H 193 33.78 -36.60 6.45
N CYS H 194 34.77 -36.33 7.30
CA CYS H 194 36.00 -35.67 6.89
C CYS H 194 37.06 -36.82 6.95
N GLU H 195 37.52 -37.25 5.78
CA GLU H 195 38.47 -38.36 5.64
C GLU H 195 39.87 -37.85 5.30
N VAL H 196 40.83 -38.13 6.16
CA VAL H 196 42.21 -37.65 6.05
C VAL H 196 43.20 -38.80 5.84
N THR H 197 44.02 -38.71 4.75
CA THR H 197 45.09 -39.64 4.40
C THR H 197 46.43 -38.92 4.61
N HIS H 198 47.32 -39.51 5.42
CA HIS H 198 48.64 -38.95 5.74
C HIS H 198 49.63 -40.11 5.95
N LYS H 199 50.93 -39.87 5.68
CA LYS H 199 52.01 -40.85 5.80
C LYS H 199 52.17 -41.44 7.20
N THR H 200 51.75 -40.68 8.22
CA THR H 200 51.82 -41.07 9.64
C THR H 200 50.84 -42.17 10.07
N SER H 201 49.96 -42.61 9.16
CA SER H 201 48.98 -43.65 9.46
C SER H 201 48.66 -44.42 8.20
N THR H 202 48.62 -45.76 8.29
CA THR H 202 48.28 -46.64 7.17
C THR H 202 46.79 -46.51 6.89
N ALA H 203 46.01 -46.32 7.94
CA ALA H 203 44.57 -46.13 7.85
C ALA H 203 44.24 -44.63 7.78
N ALA H 204 43.10 -44.31 7.21
CA ALA H 204 42.65 -42.93 7.11
C ALA H 204 42.14 -42.45 8.48
N ILE H 205 42.34 -41.16 8.75
CA ILE H 205 41.80 -40.54 9.93
C ILE H 205 40.40 -40.10 9.51
N VAL H 206 39.41 -40.58 10.22
CA VAL H 206 38.03 -40.34 9.85
C VAL H 206 37.28 -39.74 11.04
N LYS H 207 36.73 -38.51 10.84
CA LYS H 207 35.86 -37.84 11.81
C LYS H 207 34.51 -37.70 11.12
N THR H 208 33.48 -38.20 11.78
CA THR H 208 32.13 -38.19 11.24
C THR H 208 31.19 -37.31 12.08
N LEU H 209 30.11 -36.90 11.44
CA LEU H 209 29.08 -36.07 12.04
C LEU H 209 27.75 -36.72 11.62
N ASN H 210 26.99 -37.15 12.59
CA ASN H 210 25.73 -37.83 12.35
C ASN H 210 24.65 -36.84 12.68
N ARG H 211 23.98 -36.32 11.65
CA ARG H 211 22.98 -35.26 11.74
C ARG H 211 21.78 -35.58 12.65
N ASN H 212 21.36 -36.87 12.69
CA ASN H 212 20.22 -37.34 13.50
C ASN H 212 20.36 -37.07 15.03
N GLU H 213 21.61 -37.04 15.57
CA GLU H 213 21.90 -36.79 17.00
C GLU H 213 21.65 -35.33 17.42
#